data_6O2Y
#
_entry.id   6O2Y
#
_cell.length_a   165.679
_cell.length_b   63.496
_cell.length_c   143.598
_cell.angle_alpha   90.00
_cell.angle_beta   99.52
_cell.angle_gamma   90.00
#
_symmetry.space_group_name_H-M   'C 1 2 1'
#
loop_
_entity.id
_entity.type
_entity.pdbx_description
1 polymer 'Isocitrate dehydrogenase [NADP] cytoplasmic'
2 non-polymer 4-{[(6-chloro-2-oxo-1,2-dihydroquinolin-3-yl)methyl]amino}-2-methoxybenzonitrile
3 non-polymer 'NADP NICOTINAMIDE-ADENINE-DINUCLEOTIDE PHOSPHATE'
4 non-polymer BETA-MERCAPTOETHANOL
5 water water
#
_entity_poly.entity_id   1
_entity_poly.type   'polypeptide(L)'
_entity_poly.pdbx_seq_one_letter_code
;MSKKISGGSVVEMQGDEMTRIIWELIKEKLIFPYVELDLHSYDLGIENRDATNDQVTKDAAEAIKKHNVGVKCATITPDE
KRVEEFKLKQMWKSPNGTIRNILGGTVFREAIICKNIPRLVSGWVKPIIIGHHAYGDQYRATDFVVPGPGKVEITYTPSD
GTQKVTYLVHNFEEGGGVAMGMYNQDKSIEDFAHSSFQMALSKGWPLYLSTKNTILKKYDGRFKDIFQEIYDKQYKSQFE
AQKIWYEHRLIDDMVAQAMKSEGGFIWACKNYDGDVQSDSVAQGYGSLGMMTSVLVCPDGKTVEAEAAHGTVTRHYRMYQ
KGQETSTNPIASIFAWTRGLAHRAKLDNNKELAFFANALEEVSIETIEAGFMTKDLAACIKGLPNVQRSDYLNTFEFMDK
LGENLKIKLAQAKLELEHHHHHHHH
;
_entity_poly.pdbx_strand_id   A,B,C
#
loop_
_chem_comp.id
_chem_comp.type
_chem_comp.name
_chem_comp.formula
BME non-polymer BETA-MERCAPTOETHANOL 'C2 H6 O S'
LJY non-polymer 4-{[(6-chloro-2-oxo-1,2-dihydroquinolin-3-yl)methyl]amino}-2-methoxybenzonitrile 'C18 H14 Cl N3 O2'
NAP non-polymer 'NADP NICOTINAMIDE-ADENINE-DINUCLEOTIDE PHOSPHATE' 'C21 H28 N7 O17 P3'
#
# COMPACT_ATOMS: atom_id res chain seq x y z
N LYS A 3 -41.99 8.02 26.22
CA LYS A 3 -40.92 8.72 26.98
C LYS A 3 -39.78 9.02 26.03
N LYS A 4 -39.96 10.10 25.28
CA LYS A 4 -38.88 10.67 24.48
C LYS A 4 -37.92 11.43 25.38
N ILE A 5 -36.69 11.64 24.92
CA ILE A 5 -35.65 12.31 25.70
C ILE A 5 -35.75 13.83 25.52
N SER A 6 -35.60 14.55 26.63
CA SER A 6 -35.58 16.02 26.61
C SER A 6 -34.22 16.48 26.10
N GLY A 7 -34.19 16.87 24.82
CA GLY A 7 -32.95 17.22 24.13
C GLY A 7 -32.35 18.58 24.48
N GLY A 8 -33.19 19.60 24.59
CA GLY A 8 -32.76 20.98 24.82
C GLY A 8 -32.66 21.81 23.53
N SER A 9 -31.91 22.91 23.63
CA SER A 9 -31.77 23.88 22.52
C SER A 9 -30.67 23.44 21.55
N VAL A 10 -31.06 23.26 20.29
CA VAL A 10 -30.17 22.87 19.19
C VAL A 10 -30.54 23.74 18.00
N VAL A 11 -29.54 24.34 17.34
CA VAL A 11 -29.77 25.15 16.13
C VAL A 11 -29.57 24.25 14.89
N GLU A 12 -30.66 23.91 14.23
CA GLU A 12 -30.60 23.08 13.01
C GLU A 12 -30.45 23.97 11.79
N MET A 13 -29.69 23.51 10.79
CA MET A 13 -29.57 24.26 9.55
C MET A 13 -29.76 23.43 8.33
N GLN A 14 -30.92 23.56 7.70
CA GLN A 14 -31.29 22.79 6.53
C GLN A 14 -30.53 23.22 5.28
N GLY A 15 -30.44 22.36 4.29
CA GLY A 15 -29.48 22.55 3.22
C GLY A 15 -30.04 22.17 1.89
N ASP A 16 -29.15 21.94 0.92
CA ASP A 16 -29.52 21.67 -0.47
C ASP A 16 -29.35 20.22 -0.96
N GLU A 17 -30.06 19.92 -2.03
CA GLU A 17 -29.85 18.76 -2.90
C GLU A 17 -29.95 17.42 -2.16
N MET A 18 -29.06 16.47 -2.41
CA MET A 18 -29.19 15.14 -1.80
C MET A 18 -29.07 15.14 -0.28
N THR A 19 -28.24 16.01 0.26
CA THR A 19 -28.06 16.08 1.68
C THR A 19 -29.34 16.55 2.39
N ARG A 20 -30.12 17.44 1.77
CA ARG A 20 -31.43 17.87 2.31
C ARG A 20 -32.38 16.69 2.42
N ILE A 21 -32.48 15.96 1.31
CA ILE A 21 -33.31 14.76 1.22
C ILE A 21 -32.99 13.72 2.29
N ILE A 22 -31.71 13.49 2.52
CA ILE A 22 -31.23 12.59 3.56
C ILE A 22 -31.50 13.22 4.91
N TRP A 23 -30.98 14.42 5.11
CA TRP A 23 -31.17 15.16 6.36
C TRP A 23 -32.55 14.97 6.97
N GLU A 24 -33.57 14.96 6.11
CA GLU A 24 -34.95 14.75 6.56
C GLU A 24 -35.13 13.33 7.04
N LEU A 25 -34.68 12.37 6.24
CA LEU A 25 -34.75 10.97 6.63
C LEU A 25 -34.16 10.78 8.04
N ILE A 26 -33.00 11.38 8.32
CA ILE A 26 -32.37 11.27 9.63
C ILE A 26 -33.29 11.73 10.76
N LYS A 27 -33.76 12.97 10.66
CA LYS A 27 -34.71 13.58 11.62
C LYS A 27 -35.95 12.70 11.90
N GLU A 28 -36.55 12.19 10.84
CA GLU A 28 -37.77 11.38 10.92
C GLU A 28 -37.48 9.94 11.40
N LYS A 29 -36.48 9.28 10.81
CA LYS A 29 -36.26 7.83 11.03
C LYS A 29 -35.39 7.52 12.24
N LEU A 30 -34.42 8.39 12.55
CA LEU A 30 -33.44 8.11 13.60
C LEU A 30 -33.50 9.02 14.79
N ILE A 31 -33.87 10.29 14.62
CA ILE A 31 -33.76 11.26 15.71
C ILE A 31 -35.09 11.53 16.43
N PHE A 32 -36.14 11.92 15.70
CA PHE A 32 -37.37 12.41 16.34
C PHE A 32 -38.23 11.36 17.05
N PRO A 33 -38.21 10.10 16.58
CA PRO A 33 -38.92 9.09 17.37
C PRO A 33 -38.41 8.90 18.82
N TYR A 34 -37.22 9.41 19.13
CA TYR A 34 -36.60 9.25 20.47
C TYR A 34 -36.28 10.53 21.24
N VAL A 35 -35.96 11.64 20.56
CA VAL A 35 -35.65 12.91 21.24
C VAL A 35 -36.62 14.01 20.83
N GLU A 36 -37.21 14.65 21.83
CA GLU A 36 -37.99 15.88 21.63
C GLU A 36 -37.00 17.02 21.87
N LEU A 37 -36.78 17.84 20.85
CA LEU A 37 -35.86 18.99 20.96
C LEU A 37 -36.61 20.31 20.97
N ASP A 38 -36.01 21.29 21.64
CA ASP A 38 -36.38 22.68 21.46
C ASP A 38 -35.59 23.22 20.27
N LEU A 39 -36.02 22.80 19.08
CA LEU A 39 -35.29 23.04 17.84
C LEU A 39 -35.46 24.50 17.39
N HIS A 40 -34.45 25.00 16.69
CA HIS A 40 -34.37 26.37 16.24
C HIS A 40 -33.93 26.31 14.80
N SER A 41 -34.79 25.80 13.92
CA SER A 41 -34.45 25.58 12.50
C SER A 41 -34.16 26.88 11.74
N TYR A 42 -33.36 26.75 10.69
CA TYR A 42 -32.95 27.84 9.80
C TYR A 42 -32.71 27.22 8.44
N ASP A 43 -33.67 27.34 7.55
CA ASP A 43 -33.47 26.87 6.19
C ASP A 43 -32.40 27.73 5.51
N LEU A 44 -31.29 27.07 5.16
CA LEU A 44 -30.19 27.68 4.38
C LEU A 44 -30.04 26.97 3.04
N GLY A 45 -31.14 26.43 2.50
CA GLY A 45 -31.17 26.05 1.10
C GLY A 45 -31.04 27.31 0.23
N ILE A 46 -30.44 27.16 -0.95
CA ILE A 46 -30.06 28.29 -1.82
C ILE A 46 -31.23 29.22 -2.22
N GLU A 47 -32.44 28.65 -2.36
CA GLU A 47 -33.61 29.43 -2.73
C GLU A 47 -33.84 30.40 -1.59
N ASN A 48 -33.86 29.87 -0.34
CA ASN A 48 -34.20 30.72 0.81
C ASN A 48 -33.08 31.68 1.18
N ARG A 49 -31.84 31.27 0.93
CA ARG A 49 -30.72 32.17 1.15
C ARG A 49 -30.85 33.36 0.22
N ASP A 50 -31.24 33.09 -1.02
CA ASP A 50 -31.51 34.13 -2.03
C ASP A 50 -32.77 34.94 -1.70
N ALA A 51 -33.80 34.23 -1.21
CA ALA A 51 -35.01 34.86 -0.71
C ALA A 51 -34.75 35.89 0.38
N THR A 52 -33.72 35.72 1.20
CA THR A 52 -33.45 36.63 2.33
C THR A 52 -32.16 37.45 2.17
N ASN A 53 -31.56 37.43 0.99
CA ASN A 53 -30.30 38.13 0.75
C ASN A 53 -29.16 37.63 1.64
N ASP A 54 -29.06 36.32 1.79
CA ASP A 54 -28.04 35.68 2.65
C ASP A 54 -28.03 36.18 4.09
N GLN A 55 -29.21 36.47 4.61
CA GLN A 55 -29.35 36.98 5.96
C GLN A 55 -29.62 35.81 6.88
N VAL A 56 -30.36 34.82 6.38
CA VAL A 56 -30.70 33.65 7.17
C VAL A 56 -29.42 32.94 7.64
N THR A 57 -28.40 33.00 6.79
CA THR A 57 -27.08 32.53 7.14
C THR A 57 -26.54 33.28 8.35
N LYS A 58 -26.60 34.60 8.33
CA LYS A 58 -26.09 35.42 9.44
C LYS A 58 -26.91 35.20 10.72
N ASP A 59 -28.21 34.95 10.56
CA ASP A 59 -29.09 34.73 11.69
C ASP A 59 -28.84 33.37 12.37
N ALA A 60 -28.47 32.36 11.58
CA ALA A 60 -28.14 31.04 12.11
C ALA A 60 -26.84 31.11 12.91
N ALA A 61 -25.83 31.78 12.36
CA ALA A 61 -24.61 32.05 13.09
C ALA A 61 -24.84 32.68 14.48
N GLU A 62 -25.83 33.55 14.58
CA GLU A 62 -26.14 34.19 15.87
C GLU A 62 -26.95 33.32 16.81
N ALA A 63 -27.77 32.42 16.26
CA ALA A 63 -28.49 31.46 17.06
C ALA A 63 -27.49 30.52 17.72
N ILE A 64 -26.55 30.04 16.90
CA ILE A 64 -25.45 29.18 17.36
C ILE A 64 -24.65 29.78 18.49
N LYS A 65 -24.33 31.07 18.42
CA LYS A 65 -23.65 31.75 19.53
C LYS A 65 -24.41 31.66 20.85
N LYS A 66 -25.72 31.77 20.74
CA LYS A 66 -26.60 31.91 21.87
C LYS A 66 -26.87 30.56 22.51
N HIS A 67 -27.22 29.57 21.68
CA HIS A 67 -27.58 28.24 22.13
C HIS A 67 -26.42 27.24 22.18
N ASN A 68 -25.27 27.64 21.65
CA ASN A 68 -24.00 26.90 21.74
C ASN A 68 -23.91 25.55 20.95
N VAL A 69 -24.90 25.23 20.12
CA VAL A 69 -24.97 23.93 19.45
C VAL A 69 -25.60 24.06 18.07
N GLY A 70 -24.84 23.70 17.03
CA GLY A 70 -25.36 23.74 15.68
C GLY A 70 -25.23 22.44 14.94
N VAL A 71 -26.25 22.06 14.18
CA VAL A 71 -26.19 20.90 13.28
C VAL A 71 -26.65 21.33 11.86
N LYS A 72 -25.68 21.45 10.94
CA LYS A 72 -25.88 21.98 9.60
C LYS A 72 -25.84 20.89 8.49
N CYS A 73 -26.86 20.93 7.65
CA CYS A 73 -26.91 20.17 6.41
C CYS A 73 -25.98 20.80 5.38
N ALA A 74 -25.64 20.05 4.33
CA ALA A 74 -24.69 20.56 3.34
C ALA A 74 -25.41 21.52 2.43
N THR A 75 -24.77 22.64 2.12
CA THR A 75 -25.32 23.70 1.30
C THR A 75 -24.59 23.86 -0.01
N ILE A 76 -25.30 24.31 -1.05
CA ILE A 76 -24.68 24.79 -2.28
C ILE A 76 -23.94 26.08 -1.99
N THR A 77 -22.65 26.11 -2.32
CA THR A 77 -21.88 27.35 -2.50
C THR A 77 -22.01 27.71 -3.98
N PRO A 78 -22.64 28.85 -4.32
CA PRO A 78 -22.82 29.19 -5.74
C PRO A 78 -21.56 29.57 -6.51
N ASP A 79 -21.32 28.86 -7.61
CA ASP A 79 -20.40 29.32 -8.63
C ASP A 79 -21.21 30.10 -9.70
N GLU A 80 -20.62 30.30 -10.89
CA GLU A 80 -21.29 31.04 -11.98
C GLU A 80 -22.51 30.25 -12.49
N LYS A 81 -22.29 28.99 -12.84
CA LYS A 81 -23.35 28.14 -13.42
C LYS A 81 -24.58 27.96 -12.49
N ARG A 82 -24.40 28.10 -11.17
CA ARG A 82 -25.52 28.04 -10.22
C ARG A 82 -26.34 29.31 -10.19
N VAL A 83 -25.65 30.46 -10.26
CA VAL A 83 -26.32 31.71 -10.46
C VAL A 83 -27.32 31.56 -11.61
N GLU A 84 -26.84 31.13 -12.78
CA GLU A 84 -27.74 30.97 -13.96
C GLU A 84 -28.81 29.88 -13.78
N GLU A 85 -28.56 28.91 -12.90
CA GLU A 85 -29.43 27.76 -12.71
C GLU A 85 -30.56 28.06 -11.73
N PHE A 86 -30.27 28.79 -10.66
CA PHE A 86 -31.31 29.27 -9.74
C PHE A 86 -31.81 30.71 -9.98
N LYS A 87 -31.23 31.42 -10.97
CA LYS A 87 -31.40 32.88 -11.17
C LYS A 87 -31.21 33.68 -9.89
N LEU A 88 -29.99 33.64 -9.38
CA LEU A 88 -29.70 34.30 -8.12
C LEU A 88 -29.52 35.81 -8.32
N LYS A 89 -29.79 36.54 -7.24
CA LYS A 89 -29.66 38.00 -7.22
C LYS A 89 -28.20 38.40 -7.31
N GLN A 90 -27.35 37.66 -6.59
CA GLN A 90 -25.90 37.71 -6.70
C GLN A 90 -25.25 36.36 -6.32
N MET A 91 -23.96 36.23 -6.60
CA MET A 91 -23.16 35.06 -6.20
C MET A 91 -22.84 35.18 -4.71
N TRP A 92 -23.76 34.68 -3.89
CA TRP A 92 -23.64 34.71 -2.43
C TRP A 92 -22.41 33.94 -1.92
N LYS A 93 -21.81 34.42 -0.84
CA LYS A 93 -20.64 33.77 -0.26
C LYS A 93 -21.06 32.46 0.37
N SER A 94 -20.14 31.49 0.28
CA SER A 94 -20.24 30.20 0.98
C SER A 94 -20.73 30.38 2.40
N PRO A 95 -21.83 29.70 2.75
CA PRO A 95 -22.36 29.79 4.11
C PRO A 95 -21.36 29.39 5.22
N ASN A 96 -20.50 28.42 4.94
CA ASN A 96 -19.64 27.84 5.97
C ASN A 96 -18.60 28.85 6.44
N GLY A 97 -18.01 29.57 5.47
CA GLY A 97 -17.11 30.69 5.77
C GLY A 97 -17.80 31.84 6.48
N THR A 98 -19.02 32.16 6.07
CA THR A 98 -19.78 33.24 6.69
C THR A 98 -19.96 32.90 8.16
N ILE A 99 -20.36 31.66 8.41
CA ILE A 99 -20.62 31.19 9.75
C ILE A 99 -19.34 31.15 10.59
N ARG A 100 -18.25 30.62 10.03
CA ARG A 100 -17.06 30.47 10.84
C ARG A 100 -16.41 31.84 11.14
N ASN A 101 -16.54 32.81 10.23
CA ASN A 101 -16.10 34.21 10.49
C ASN A 101 -16.79 34.85 11.70
N ILE A 102 -18.05 34.52 11.88
CA ILE A 102 -18.87 35.09 12.95
C ILE A 102 -18.56 34.41 14.27
N LEU A 103 -18.43 33.09 14.22
CA LEU A 103 -18.19 32.28 15.42
C LEU A 103 -16.72 32.23 15.89
N GLY A 104 -15.80 32.69 15.05
CA GLY A 104 -14.37 32.48 15.29
C GLY A 104 -14.04 31.02 15.13
N GLY A 105 -12.93 30.59 15.69
CA GLY A 105 -12.67 29.14 15.81
C GLY A 105 -12.44 28.31 14.56
N THR A 106 -12.26 27.01 14.79
CA THR A 106 -11.46 26.14 13.94
C THR A 106 -12.24 24.91 13.54
N VAL A 107 -11.98 24.41 12.34
CA VAL A 107 -12.71 23.28 11.76
C VAL A 107 -11.82 22.03 11.75
N PHE A 108 -12.35 20.95 12.33
CA PHE A 108 -11.65 19.69 12.46
C PHE A 108 -12.42 18.64 11.67
N ARG A 109 -11.76 17.94 10.76
CA ARG A 109 -12.36 16.79 10.10
C ARG A 109 -11.77 15.45 10.58
N GLU A 110 -12.56 14.39 10.42
CA GLU A 110 -12.20 13.08 10.91
C GLU A 110 -13.02 12.01 10.21
N ALA A 111 -12.35 10.97 9.73
CA ALA A 111 -13.00 9.88 9.06
C ALA A 111 -13.58 8.92 10.09
N ILE A 112 -14.67 8.29 9.72
CA ILE A 112 -15.35 7.31 10.53
C ILE A 112 -14.80 6.01 10.02
N ILE A 113 -14.24 5.22 10.94
CA ILE A 113 -13.48 4.03 10.55
C ILE A 113 -14.19 2.79 11.01
N CYS A 114 -14.45 1.89 10.06
CA CYS A 114 -15.08 0.60 10.32
C CYS A 114 -14.06 -0.54 10.13
N LYS A 115 -14.11 -1.57 11.00
CA LYS A 115 -13.19 -2.73 10.90
C LYS A 115 -13.14 -3.32 9.48
N ASN A 116 -14.30 -3.50 8.87
CA ASN A 116 -14.41 -4.05 7.50
C ASN A 116 -14.26 -3.03 6.35
N ILE A 117 -13.74 -1.83 6.61
CA ILE A 117 -13.48 -0.83 5.55
C ILE A 117 -11.98 -0.42 5.53
N PRO A 118 -11.25 -0.86 4.48
CA PRO A 118 -9.83 -0.56 4.36
C PRO A 118 -9.48 0.93 4.35
N ARG A 119 -8.37 1.24 5.01
CA ARG A 119 -7.88 2.60 5.18
C ARG A 119 -6.64 2.64 4.31
N LEU A 120 -6.16 3.83 3.95
CA LEU A 120 -4.90 3.93 3.20
C LEU A 120 -3.78 3.26 3.96
N VAL A 121 -3.76 3.51 5.27
CA VAL A 121 -2.77 2.98 6.16
C VAL A 121 -3.49 2.02 7.12
N SER A 122 -3.29 0.72 6.89
CA SER A 122 -3.65 -0.32 7.87
C SER A 122 -2.73 -0.14 9.06
N GLY A 123 -3.31 -0.06 10.25
CA GLY A 123 -2.51 0.27 11.42
C GLY A 123 -3.04 1.53 12.04
N TRP A 124 -3.52 2.44 11.20
CA TRP A 124 -4.41 3.51 11.66
C TRP A 124 -5.66 2.87 12.25
N VAL A 125 -5.76 2.88 13.58
CA VAL A 125 -6.83 2.20 14.31
C VAL A 125 -7.52 3.11 15.32
N LYS A 126 -6.78 4.06 15.89
CA LYS A 126 -7.36 5.09 16.73
C LYS A 126 -7.56 6.32 15.79
N PRO A 127 -8.49 7.23 16.12
CA PRO A 127 -8.93 8.26 15.16
C PRO A 127 -7.90 9.38 14.89
N ILE A 128 -7.77 9.80 13.63
CA ILE A 128 -6.96 10.99 13.31
C ILE A 128 -7.91 12.17 13.08
N ILE A 129 -7.71 13.24 13.87
CA ILE A 129 -8.56 14.42 13.87
C ILE A 129 -7.73 15.64 13.50
N ILE A 130 -7.90 16.17 12.29
CA ILE A 130 -7.04 17.29 11.83
C ILE A 130 -7.82 18.62 11.62
N GLY A 131 -7.22 19.72 12.10
CA GLY A 131 -7.77 21.06 11.94
C GLY A 131 -6.83 22.01 11.21
N HIS A 132 -7.43 22.92 10.44
CA HIS A 132 -6.68 23.93 9.69
C HIS A 132 -7.01 25.31 10.23
N HIS A 133 -6.10 26.25 10.04
CA HIS A 133 -6.32 27.62 10.47
C HIS A 133 -7.22 28.30 9.43
N ALA A 134 -8.41 28.72 9.87
CA ALA A 134 -9.49 29.31 9.02
C ALA A 134 -9.47 28.92 7.54
N TYR A 135 -9.62 27.62 7.30
CA TYR A 135 -9.63 27.05 5.95
C TYR A 135 -8.32 27.19 5.14
N GLY A 136 -7.31 27.90 5.65
CA GLY A 136 -6.01 27.96 5.01
C GLY A 136 -5.48 29.37 4.86
N ASP A 137 -4.17 29.48 4.66
CA ASP A 137 -3.47 30.76 4.42
C ASP A 137 -3.74 31.41 3.04
N GLN A 138 -4.19 30.61 2.08
CA GLN A 138 -4.51 31.08 0.73
C GLN A 138 -5.67 32.12 0.71
N TYR A 139 -6.66 31.95 1.59
CA TYR A 139 -7.81 32.87 1.73
C TYR A 139 -7.48 34.23 2.35
N ARG A 140 -6.22 34.45 2.68
CA ARG A 140 -5.76 35.69 3.19
C ARG A 140 -4.60 36.13 2.35
N ALA A 141 -4.66 35.84 1.05
CA ALA A 141 -3.62 36.22 0.09
C ALA A 141 -4.03 37.42 -0.81
N THR A 142 -3.13 38.40 -0.95
CA THR A 142 -3.26 39.53 -1.91
C THR A 142 -2.25 39.40 -3.07
N ASP A 143 -2.71 38.87 -4.22
CA ASP A 143 -1.84 38.50 -5.36
C ASP A 143 -2.05 39.35 -6.62
N PHE A 144 -0.97 39.65 -7.33
CA PHE A 144 -1.05 40.40 -8.59
C PHE A 144 0.10 40.07 -9.53
N VAL A 145 -0.08 40.34 -10.83
CA VAL A 145 1.00 40.18 -11.82
C VAL A 145 1.93 41.39 -11.79
N VAL A 146 3.22 41.13 -11.93
CA VAL A 146 4.21 42.17 -12.04
C VAL A 146 4.44 42.37 -13.52
N PRO A 147 3.98 43.52 -14.07
CA PRO A 147 3.96 43.72 -15.53
C PRO A 147 5.35 43.69 -16.18
N GLY A 148 6.33 44.32 -15.53
CA GLY A 148 7.69 44.39 -16.04
C GLY A 148 8.68 44.63 -14.91
N PRO A 149 9.97 44.83 -15.25
CA PRO A 149 11.09 45.12 -14.32
C PRO A 149 10.79 46.09 -13.18
N GLY A 150 11.48 45.94 -12.04
CA GLY A 150 11.26 46.78 -10.85
C GLY A 150 11.43 46.06 -9.52
N LYS A 151 10.99 46.69 -8.44
CA LYS A 151 11.17 46.16 -7.07
C LYS A 151 9.84 46.05 -6.31
N VAL A 152 9.51 44.82 -5.92
CA VAL A 152 8.35 44.56 -5.08
C VAL A 152 8.83 44.51 -3.64
N GLU A 153 8.07 45.14 -2.75
CA GLU A 153 8.37 45.26 -1.32
C GLU A 153 7.11 45.18 -0.46
N ILE A 154 7.29 44.85 0.82
CA ILE A 154 6.24 44.88 1.83
C ILE A 154 6.70 45.84 2.89
N THR A 155 5.76 46.60 3.45
CA THR A 155 6.09 47.60 4.46
C THR A 155 5.11 47.61 5.64
N TYR A 156 5.68 47.76 6.84
CA TYR A 156 4.90 47.97 8.05
C TYR A 156 4.87 49.48 8.30
N THR A 157 3.69 49.99 8.60
CA THR A 157 3.46 51.41 8.83
C THR A 157 2.88 51.52 10.23
N PRO A 158 3.75 51.63 11.25
CA PRO A 158 3.25 51.75 12.63
C PRO A 158 2.14 52.80 12.73
N SER A 159 0.96 52.40 13.22
CA SER A 159 -0.24 53.27 13.33
C SER A 159 0.00 54.55 14.16
N ASP A 160 0.82 54.42 15.20
CA ASP A 160 1.37 55.58 15.95
C ASP A 160 2.10 56.58 15.03
N GLY A 161 3.02 56.07 14.20
CA GLY A 161 3.82 56.88 13.28
C GLY A 161 5.32 56.88 13.55
N THR A 162 5.85 55.79 14.11
CA THR A 162 7.29 55.59 14.17
C THR A 162 7.76 54.98 12.87
N GLN A 163 9.09 54.94 12.74
CA GLN A 163 9.80 54.47 11.53
C GLN A 163 9.12 53.31 10.78
N LYS A 164 8.96 53.48 9.47
CA LYS A 164 8.54 52.39 8.58
C LYS A 164 9.69 51.41 8.44
N VAL A 165 9.35 50.17 8.08
CA VAL A 165 10.36 49.14 7.83
C VAL A 165 9.97 48.43 6.52
N THR A 166 10.97 48.27 5.63
CA THR A 166 10.76 47.78 4.28
C THR A 166 11.53 46.50 4.04
N TYR A 167 10.82 45.46 3.59
CA TYR A 167 11.43 44.19 3.27
C TYR A 167 11.34 43.96 1.78
N LEU A 168 12.48 43.94 1.11
CA LEU A 168 12.50 43.60 -0.30
C LEU A 168 12.03 42.17 -0.46
N VAL A 169 11.03 41.98 -1.33
CA VAL A 169 10.55 40.66 -1.69
C VAL A 169 11.40 40.15 -2.86
N HIS A 170 11.37 40.88 -3.96
CA HIS A 170 12.25 40.59 -5.09
C HIS A 170 12.49 41.83 -5.91
N ASN A 171 13.65 41.86 -6.56
CA ASN A 171 13.98 42.89 -7.56
C ASN A 171 13.98 42.23 -8.96
N PHE A 172 12.84 42.36 -9.64
CA PHE A 172 12.69 41.92 -11.03
C PHE A 172 13.61 42.79 -11.88
N GLU A 173 14.60 42.20 -12.52
CA GLU A 173 15.60 42.97 -13.26
C GLU A 173 15.48 42.92 -14.79
N GLU A 174 14.88 41.84 -15.32
CA GLU A 174 14.81 41.63 -16.77
C GLU A 174 13.54 40.90 -17.24
N GLY A 175 12.38 41.25 -16.67
CA GLY A 175 11.11 40.69 -17.11
C GLY A 175 10.05 40.77 -16.04
N GLY A 176 8.86 40.30 -16.37
CA GLY A 176 7.75 40.32 -15.43
C GLY A 176 7.78 39.18 -14.43
N GLY A 177 6.60 38.88 -13.89
CA GLY A 177 6.36 37.80 -12.97
C GLY A 177 5.04 37.96 -12.22
N VAL A 178 4.96 37.34 -11.05
CA VAL A 178 3.81 37.47 -10.14
C VAL A 178 4.34 37.59 -8.74
N ALA A 179 3.52 38.15 -7.86
CA ALA A 179 3.89 38.40 -6.47
C ALA A 179 2.64 38.38 -5.64
N MET A 180 2.78 38.16 -4.33
CA MET A 180 1.65 38.18 -3.41
C MET A 180 2.08 38.50 -1.99
N GLY A 181 1.14 38.97 -1.17
CA GLY A 181 1.33 39.15 0.28
C GLY A 181 0.39 38.22 1.03
N MET A 182 0.80 37.78 2.22
CA MET A 182 -0.05 36.96 3.11
C MET A 182 0.13 37.43 4.55
N TYR A 183 -0.88 37.18 5.37
CA TYR A 183 -0.88 37.69 6.74
C TYR A 183 -1.69 36.77 7.64
N ASN A 184 -1.45 36.92 8.93
CA ASN A 184 -2.30 36.35 9.94
C ASN A 184 -2.22 37.26 11.12
N GLN A 185 -3.37 37.42 11.77
CA GLN A 185 -3.45 38.23 12.99
C GLN A 185 -3.15 37.35 14.21
N ASP A 186 -2.52 37.94 15.25
CA ASP A 186 -2.26 37.26 16.54
C ASP A 186 -3.55 36.76 17.18
N LYS A 187 -4.51 37.68 17.25
CA LYS A 187 -5.89 37.39 17.66
C LYS A 187 -6.32 36.03 17.12
N SER A 188 -6.07 35.82 15.83
CA SER A 188 -6.55 34.66 15.10
C SER A 188 -5.74 33.40 15.39
N ILE A 189 -4.45 33.56 15.63
CA ILE A 189 -3.56 32.44 15.93
C ILE A 189 -3.90 31.93 17.34
N GLU A 190 -4.13 32.88 18.26
CA GLU A 190 -4.54 32.56 19.63
C GLU A 190 -5.81 31.73 19.64
N ASP A 191 -6.77 32.14 18.81
CA ASP A 191 -8.03 31.38 18.67
C ASP A 191 -7.78 29.93 18.25
N PHE A 192 -7.03 29.76 17.15
CA PHE A 192 -6.58 28.47 16.64
C PHE A 192 -5.95 27.63 17.76
N ALA A 193 -5.14 28.28 18.59
CA ALA A 193 -4.52 27.60 19.73
C ALA A 193 -5.57 27.10 20.73
N HIS A 194 -6.34 28.03 21.30
CA HIS A 194 -7.36 27.69 22.29
C HIS A 194 -8.34 26.63 21.79
N SER A 195 -8.74 26.68 20.53
CA SER A 195 -9.68 25.69 19.97
C SER A 195 -9.05 24.29 19.93
N SER A 196 -7.77 24.28 19.57
CA SER A 196 -7.05 23.05 19.42
C SER A 196 -6.85 22.39 20.78
N PHE A 197 -6.27 23.12 21.73
CA PHE A 197 -6.08 22.58 23.07
C PHE A 197 -7.37 22.05 23.67
N GLN A 198 -8.46 22.81 23.50
CA GLN A 198 -9.74 22.48 24.15
C GLN A 198 -10.48 21.37 23.42
N MET A 199 -10.27 21.26 22.12
CA MET A 199 -10.68 20.06 21.37
C MET A 199 -9.93 18.83 21.88
N ALA A 200 -8.63 18.98 22.18
CA ALA A 200 -7.82 17.86 22.70
C ALA A 200 -8.29 17.37 24.07
N LEU A 201 -8.55 18.29 25.00
CA LEU A 201 -9.05 17.88 26.31
C LEU A 201 -10.38 17.19 26.22
N SER A 202 -11.24 17.71 25.35
CA SER A 202 -12.57 17.18 25.13
C SER A 202 -12.57 15.77 24.57
N LYS A 203 -11.69 15.50 23.62
CA LYS A 203 -11.63 14.21 22.93
C LYS A 203 -10.71 13.20 23.68
N GLY A 204 -9.71 13.73 24.40
CA GLY A 204 -8.83 12.95 25.23
C GLY A 204 -7.54 12.48 24.56
N TRP A 205 -7.25 12.93 23.33
CA TRP A 205 -6.01 12.55 22.66
C TRP A 205 -4.96 13.67 22.81
N PRO A 206 -3.69 13.41 22.44
CA PRO A 206 -2.69 14.49 22.44
C PRO A 206 -2.74 15.33 21.18
N LEU A 207 -2.11 16.50 21.22
CA LEU A 207 -2.20 17.49 20.15
C LEU A 207 -0.85 17.82 19.55
N TYR A 208 -0.78 17.78 18.22
CA TYR A 208 0.42 18.20 17.53
C TYR A 208 0.12 19.44 16.66
N LEU A 209 0.92 20.49 16.81
CA LEU A 209 1.00 21.61 15.85
C LEU A 209 2.13 21.32 14.87
N SER A 210 1.84 21.23 13.57
CA SER A 210 2.91 21.17 12.56
C SER A 210 3.10 22.53 11.90
N THR A 211 4.35 22.89 11.63
CA THR A 211 4.66 24.04 10.77
C THR A 211 5.87 23.73 9.90
N LYS A 212 6.29 24.74 9.14
CA LYS A 212 7.50 24.73 8.34
C LYS A 212 8.43 25.82 8.85
N ASN A 213 8.69 25.84 10.17
CA ASN A 213 9.50 26.91 10.80
C ASN A 213 11.01 26.78 10.63
N THR A 214 11.44 25.77 9.89
CA THR A 214 12.80 25.75 9.35
C THR A 214 12.99 26.87 8.31
N ILE A 215 11.95 27.15 7.51
CA ILE A 215 12.01 28.08 6.37
C ILE A 215 11.36 29.42 6.66
N LEU A 216 10.17 29.35 7.24
CA LEU A 216 9.43 30.52 7.68
C LEU A 216 9.72 30.74 9.16
N LYS A 217 10.92 31.21 9.46
CA LYS A 217 11.38 31.25 10.85
C LYS A 217 10.52 32.18 11.70
N LYS A 218 10.13 33.30 11.12
CA LYS A 218 9.39 34.31 11.87
C LYS A 218 7.90 34.10 11.74
N TYR A 219 7.43 33.72 10.56
CA TYR A 219 6.01 33.53 10.32
C TYR A 219 5.47 32.32 11.10
N ASP A 220 5.91 31.12 10.71
CA ASP A 220 5.56 29.89 11.43
C ASP A 220 6.18 29.84 12.85
N GLY A 221 7.33 30.47 13.05
CA GLY A 221 7.82 30.72 14.38
C GLY A 221 6.72 31.17 15.32
N ARG A 222 6.05 32.27 14.99
CA ARG A 222 5.10 32.89 15.90
C ARG A 222 3.83 32.08 16.15
N PHE A 223 3.52 31.12 15.28
CA PHE A 223 2.47 30.13 15.57
C PHE A 223 2.92 29.22 16.72
N LYS A 224 4.18 28.80 16.65
CA LYS A 224 4.80 27.95 17.67
C LYS A 224 4.84 28.65 19.03
N ASP A 225 5.46 29.83 19.06
CA ASP A 225 5.61 30.61 20.30
C ASP A 225 4.26 30.93 20.94
N ILE A 226 3.25 31.21 20.12
CA ILE A 226 1.89 31.48 20.61
C ILE A 226 1.27 30.22 21.23
N PHE A 227 1.30 29.12 20.49
CA PHE A 227 0.88 27.83 21.05
C PHE A 227 1.61 27.49 22.35
N GLN A 228 2.91 27.72 22.39
CA GLN A 228 3.68 27.38 23.57
C GLN A 228 3.31 28.25 24.77
N GLU A 229 3.30 29.57 24.59
CA GLU A 229 2.91 30.51 25.66
C GLU A 229 1.52 30.16 26.19
N ILE A 230 0.58 29.86 25.29
CA ILE A 230 -0.80 29.61 25.70
C ILE A 230 -0.86 28.30 26.47
N TYR A 231 -0.18 27.29 25.98
CA TYR A 231 -0.17 25.99 26.63
C TYR A 231 0.47 26.07 28.03
N ASP A 232 1.70 26.55 28.09
CA ASP A 232 2.46 26.67 29.34
C ASP A 232 1.74 27.53 30.38
N LYS A 233 1.04 28.57 29.92
CA LYS A 233 0.30 29.47 30.83
C LYS A 233 -1.05 28.93 31.31
N GLN A 234 -1.77 28.14 30.52
CA GLN A 234 -3.15 27.79 30.90
C GLN A 234 -3.73 26.40 30.54
N TYR A 235 -2.98 25.53 29.87
CA TYR A 235 -3.49 24.20 29.52
C TYR A 235 -2.65 23.00 29.99
N LYS A 236 -1.40 23.20 30.36
CA LYS A 236 -0.53 22.06 30.69
C LYS A 236 -1.06 21.14 31.81
N SER A 237 -1.46 21.71 32.94
CA SER A 237 -1.97 20.92 34.08
C SER A 237 -3.11 19.97 33.71
N GLN A 238 -4.00 20.45 32.84
CA GLN A 238 -5.20 19.70 32.49
C GLN A 238 -4.84 18.60 31.49
N PHE A 239 -3.90 18.89 30.60
CA PHE A 239 -3.29 17.85 29.74
C PHE A 239 -2.56 16.73 30.53
N GLU A 240 -1.68 17.12 31.44
CA GLU A 240 -1.02 16.16 32.31
C GLU A 240 -2.08 15.29 32.98
N ALA A 241 -3.05 15.92 33.63
CA ALA A 241 -4.19 15.21 34.25
C ALA A 241 -4.95 14.18 33.37
N GLN A 242 -4.87 14.28 32.04
CA GLN A 242 -5.47 13.27 31.14
C GLN A 242 -4.43 12.33 30.52
N LYS A 243 -3.18 12.45 30.95
CA LYS A 243 -2.10 11.64 30.45
C LYS A 243 -2.04 11.86 28.94
N ILE A 244 -1.90 13.13 28.58
CA ILE A 244 -1.75 13.54 27.21
C ILE A 244 -0.87 14.78 27.25
N TRP A 245 -0.47 15.25 26.09
CA TRP A 245 0.48 16.34 25.95
C TRP A 245 0.22 17.09 24.63
N TYR A 246 0.76 18.31 24.56
CA TYR A 246 0.89 19.05 23.31
C TYR A 246 2.37 19.16 22.96
N GLU A 247 2.71 18.94 21.68
CA GLU A 247 4.07 19.13 21.17
C GLU A 247 4.03 19.68 19.74
N HIS A 248 4.93 20.62 19.42
CA HIS A 248 5.12 21.14 18.05
C HIS A 248 6.06 20.21 17.27
N ARG A 249 5.72 19.98 16.01
CA ARG A 249 6.55 19.19 15.12
C ARG A 249 6.80 19.97 13.85
N LEU A 250 7.87 19.61 13.16
CA LEU A 250 8.12 20.09 11.85
C LEU A 250 7.20 19.23 10.98
N ILE A 251 6.58 19.84 9.97
CA ILE A 251 5.64 19.10 9.14
C ILE A 251 6.35 17.89 8.53
N ASP A 252 7.59 18.08 8.11
CA ASP A 252 8.42 16.97 7.64
C ASP A 252 8.38 15.76 8.61
N ASP A 253 8.76 16.03 9.88
CA ASP A 253 8.66 15.04 10.96
C ASP A 253 7.23 14.56 11.15
N MET A 254 6.31 15.50 11.20
CA MET A 254 4.95 15.17 11.58
C MET A 254 4.29 14.21 10.59
N VAL A 255 4.61 14.30 9.29
CA VAL A 255 4.01 13.41 8.31
C VAL A 255 4.63 12.03 8.40
N ALA A 256 5.94 11.95 8.50
CA ALA A 256 6.62 10.66 8.65
C ALA A 256 6.11 9.84 9.85
N GLN A 257 5.98 10.48 11.02
CA GLN A 257 5.36 9.87 12.21
C GLN A 257 3.94 9.43 11.95
N ALA A 258 3.09 10.35 11.54
CA ALA A 258 1.68 10.05 11.37
C ALA A 258 1.41 8.87 10.41
N MET A 259 2.24 8.68 9.38
CA MET A 259 2.12 7.49 8.51
C MET A 259 2.66 6.18 9.15
N LYS A 260 3.57 6.29 10.14
CA LYS A 260 4.09 5.12 10.90
C LYS A 260 3.33 4.88 12.23
N SER A 261 2.17 5.54 12.41
CA SER A 261 1.44 5.58 13.69
C SER A 261 0.17 4.71 13.71
N GLU A 262 -0.45 4.66 14.89
CA GLU A 262 -1.75 4.02 15.10
C GLU A 262 -2.92 5.03 15.15
N GLY A 263 -2.61 6.32 15.19
CA GLY A 263 -3.63 7.34 15.26
C GLY A 263 -3.82 7.84 16.67
N GLY A 264 -5.04 8.23 17.00
CA GLY A 264 -5.36 8.76 18.33
C GLY A 264 -4.62 10.07 18.60
N PHE A 265 -4.79 11.06 17.71
CA PHE A 265 -4.29 12.43 17.98
C PHE A 265 -5.01 13.55 17.28
N ILE A 266 -4.79 14.74 17.84
CA ILE A 266 -5.23 15.96 17.24
C ILE A 266 -4.06 16.59 16.53
N TRP A 267 -4.31 16.99 15.29
CA TRP A 267 -3.33 17.63 14.43
C TRP A 267 -3.84 19.02 14.13
N ALA A 268 -3.07 20.02 14.53
CA ALA A 268 -3.26 21.39 14.05
C ALA A 268 -2.31 21.64 12.87
N CYS A 269 -2.80 21.39 11.65
CA CYS A 269 -2.06 21.69 10.41
C CYS A 269 -2.03 23.18 10.19
N LYS A 270 -0.86 23.74 9.90
CA LYS A 270 -0.78 25.15 9.50
C LYS A 270 -0.44 25.12 8.01
N ASN A 271 -1.39 24.59 7.25
CA ASN A 271 -1.27 24.47 5.83
C ASN A 271 -1.60 25.79 5.22
N TYR A 272 -1.35 25.86 3.92
CA TYR A 272 -1.88 26.91 3.04
C TYR A 272 -3.34 26.68 2.53
N ASP A 273 -3.68 25.42 2.21
CA ASP A 273 -5.00 25.02 1.70
C ASP A 273 -5.67 24.06 2.69
N GLY A 274 -6.81 24.46 3.25
CA GLY A 274 -7.56 23.60 4.19
C GLY A 274 -8.68 22.82 3.54
N ASP A 275 -8.80 22.93 2.23
CA ASP A 275 -9.97 22.41 1.56
C ASP A 275 -9.89 20.90 1.53
N VAL A 276 -10.97 20.24 1.95
CA VAL A 276 -11.06 18.76 1.93
C VAL A 276 -10.72 18.19 0.57
N GLN A 277 -11.20 18.88 -0.45
CA GLN A 277 -11.22 18.37 -1.80
C GLN A 277 -9.82 18.29 -2.38
N SER A 278 -8.85 18.99 -1.79
CA SER A 278 -7.45 18.94 -2.22
C SER A 278 -6.48 18.12 -1.31
N ASP A 279 -7.04 17.42 -0.32
CA ASP A 279 -6.28 16.51 0.55
C ASP A 279 -6.26 15.06 0.02
N SER A 280 -5.10 14.60 -0.40
CA SER A 280 -4.95 13.28 -1.00
C SER A 280 -5.42 12.13 -0.12
N VAL A 281 -5.12 12.21 1.17
CA VAL A 281 -5.52 11.19 2.13
C VAL A 281 -7.03 11.16 2.35
N ALA A 282 -7.65 12.32 2.55
CA ALA A 282 -9.12 12.37 2.72
C ALA A 282 -9.84 11.76 1.50
N GLN A 283 -9.43 12.23 0.33
CA GLN A 283 -9.90 11.72 -0.96
C GLN A 283 -9.56 10.24 -1.17
N GLY A 284 -8.43 9.81 -0.62
CA GLY A 284 -7.95 8.40 -0.70
C GLY A 284 -8.67 7.27 0.03
N TYR A 285 -9.21 7.53 1.23
CA TYR A 285 -10.13 6.61 1.89
C TYR A 285 -11.12 6.06 0.87
N GLY A 286 -11.64 6.93 -0.01
CA GLY A 286 -12.50 6.55 -1.12
C GLY A 286 -13.98 6.57 -0.78
N SER A 287 -14.35 7.32 0.25
CA SER A 287 -15.75 7.52 0.56
C SER A 287 -15.90 8.81 1.36
N LEU A 288 -16.20 9.89 0.66
CA LEU A 288 -16.28 11.17 1.34
C LEU A 288 -17.43 11.19 2.33
N GLY A 289 -18.41 10.32 2.13
CA GLY A 289 -19.50 10.14 3.04
C GLY A 289 -19.20 9.65 4.44
N MET A 290 -17.96 9.26 4.70
CA MET A 290 -17.54 8.92 6.04
C MET A 290 -16.69 10.03 6.66
N MET A 291 -16.80 11.26 6.15
CA MET A 291 -16.01 12.39 6.67
C MET A 291 -16.89 13.33 7.45
N THR A 292 -16.67 13.38 8.75
CA THR A 292 -17.37 14.31 9.64
C THR A 292 -16.59 15.60 9.76
N SER A 293 -17.24 16.67 10.19
CA SER A 293 -16.53 17.89 10.56
C SER A 293 -17.16 18.53 11.77
N VAL A 294 -16.44 19.43 12.38
CA VAL A 294 -16.89 20.08 13.59
C VAL A 294 -16.13 21.39 13.70
N LEU A 295 -16.82 22.42 14.19
CA LEU A 295 -16.29 23.76 14.28
C LEU A 295 -16.30 24.09 15.74
N VAL A 296 -15.12 24.22 16.31
CA VAL A 296 -14.96 24.44 17.73
C VAL A 296 -14.50 25.88 17.87
N CYS A 297 -15.02 26.56 18.88
CA CYS A 297 -14.72 27.96 19.14
C CYS A 297 -13.74 28.09 20.31
N PRO A 298 -13.08 29.24 20.43
CA PRO A 298 -12.04 29.38 21.44
C PRO A 298 -12.50 29.44 22.90
N ASP A 299 -13.81 29.45 23.17
CA ASP A 299 -14.30 29.42 24.56
C ASP A 299 -14.50 28.00 25.09
N GLY A 300 -14.66 27.02 24.19
CA GLY A 300 -14.86 25.61 24.54
C GLY A 300 -16.32 25.15 24.57
N LYS A 301 -17.25 26.12 24.49
CA LYS A 301 -18.68 25.86 24.67
C LYS A 301 -19.39 25.64 23.36
N THR A 302 -18.95 26.34 22.34
CA THR A 302 -19.73 26.55 21.13
C THR A 302 -19.25 25.65 20.01
N VAL A 303 -20.13 24.76 19.58
CA VAL A 303 -19.79 23.75 18.62
C VAL A 303 -20.80 23.74 17.47
N GLU A 304 -20.32 23.64 16.23
CA GLU A 304 -21.17 23.47 15.06
C GLU A 304 -20.68 22.27 14.32
N ALA A 305 -21.55 21.28 14.10
CA ALA A 305 -21.18 20.04 13.40
C ALA A 305 -21.82 19.92 12.04
N GLU A 306 -21.11 19.27 11.12
CA GLU A 306 -21.63 19.02 9.78
C GLU A 306 -20.76 18.05 9.02
N ALA A 307 -21.35 17.38 8.04
CA ALA A 307 -20.58 16.58 7.08
C ALA A 307 -19.60 17.44 6.31
N ALA A 308 -18.55 16.77 5.83
CA ALA A 308 -17.45 17.38 5.15
C ALA A 308 -17.60 17.28 3.64
N HIS A 309 -18.34 16.29 3.16
CA HIS A 309 -18.74 16.29 1.73
C HIS A 309 -19.75 17.40 1.36
N GLY A 310 -19.99 17.50 0.06
CA GLY A 310 -20.94 18.45 -0.52
C GLY A 310 -22.38 17.98 -0.48
N THR A 311 -23.20 18.49 -1.41
CA THR A 311 -24.61 18.13 -1.49
C THR A 311 -24.88 16.90 -2.40
N VAL A 312 -23.81 16.35 -2.97
CA VAL A 312 -23.85 15.13 -3.80
C VAL A 312 -24.75 15.34 -5.03
N THR A 313 -24.42 16.37 -5.79
CA THR A 313 -25.27 16.86 -6.88
C THR A 313 -25.46 15.76 -7.91
N ARG A 314 -24.40 14.97 -8.11
CA ARG A 314 -24.42 13.90 -9.11
C ARG A 314 -25.48 12.89 -8.76
N HIS A 315 -25.66 12.57 -7.48
CA HIS A 315 -26.70 11.62 -7.05
C HIS A 315 -28.04 12.32 -7.09
N TYR A 316 -28.09 13.54 -6.57
CA TYR A 316 -29.33 14.32 -6.58
C TYR A 316 -30.04 14.39 -7.94
N ARG A 317 -29.29 14.59 -9.02
CA ARG A 317 -29.87 14.65 -10.38
C ARG A 317 -30.53 13.32 -10.79
N MET A 318 -30.01 12.22 -10.27
CA MET A 318 -30.62 10.90 -10.49
C MET A 318 -31.92 10.73 -9.71
N TYR A 319 -31.95 11.24 -8.47
CA TYR A 319 -33.15 11.20 -7.63
C TYR A 319 -34.32 11.92 -8.28
N GLN A 320 -34.05 13.11 -8.78
CA GLN A 320 -35.04 13.96 -9.47
C GLN A 320 -35.71 13.27 -10.64
N LYS A 321 -34.89 12.53 -11.39
CA LYS A 321 -35.33 11.69 -12.50
C LYS A 321 -35.77 10.28 -12.05
N GLY A 322 -35.86 10.05 -10.74
CA GLY A 322 -36.43 8.84 -10.17
C GLY A 322 -35.65 7.56 -10.39
N GLN A 323 -34.31 7.64 -10.33
CA GLN A 323 -33.44 6.46 -10.49
C GLN A 323 -32.94 6.02 -9.12
N GLU A 324 -32.33 4.84 -9.08
CA GLU A 324 -31.72 4.33 -7.85
C GLU A 324 -30.63 5.27 -7.38
N THR A 325 -30.49 5.44 -6.07
CA THR A 325 -29.33 6.12 -5.50
C THR A 325 -28.77 5.33 -4.35
N SER A 326 -27.45 5.36 -4.22
CA SER A 326 -26.79 4.75 -3.09
C SER A 326 -25.92 5.84 -2.50
N THR A 327 -26.57 6.73 -1.75
CA THR A 327 -25.95 7.86 -1.08
C THR A 327 -25.68 7.57 0.42
N ASN A 328 -24.48 7.96 0.89
CA ASN A 328 -23.98 7.56 2.20
C ASN A 328 -24.38 8.59 3.23
N PRO A 329 -25.23 8.21 4.17
CA PRO A 329 -25.73 9.20 5.11
C PRO A 329 -24.87 9.42 6.35
N ILE A 330 -23.82 8.62 6.52
CA ILE A 330 -23.09 8.54 7.77
C ILE A 330 -22.62 9.92 8.23
N ALA A 331 -21.79 10.58 7.44
CA ALA A 331 -21.24 11.87 7.82
C ALA A 331 -22.31 12.83 8.35
N SER A 332 -23.44 12.91 7.64
CA SER A 332 -24.61 13.69 8.07
C SER A 332 -25.21 13.18 9.38
N ILE A 333 -25.34 11.85 9.52
CA ILE A 333 -25.79 11.25 10.80
C ILE A 333 -24.85 11.67 11.92
N PHE A 334 -23.55 11.66 11.66
CA PHE A 334 -22.58 11.97 12.71
C PHE A 334 -22.51 13.45 13.04
N ALA A 335 -23.01 14.30 12.15
CA ALA A 335 -23.24 15.70 12.45
C ALA A 335 -24.23 15.88 13.57
N TRP A 336 -25.36 15.17 13.46
CA TRP A 336 -26.37 15.16 14.53
C TRP A 336 -25.83 14.58 15.84
N THR A 337 -25.20 13.43 15.79
CA THR A 337 -24.71 12.78 17.01
C THR A 337 -23.62 13.60 17.72
N ARG A 338 -22.69 14.17 16.96
CA ARG A 338 -21.68 15.07 17.57
C ARG A 338 -22.31 16.31 18.18
N GLY A 339 -23.28 16.88 17.46
CA GLY A 339 -24.00 18.02 17.94
C GLY A 339 -24.69 17.69 19.24
N LEU A 340 -25.52 16.65 19.20
CA LEU A 340 -26.36 16.25 20.34
C LEU A 340 -25.53 15.87 21.53
N ALA A 341 -24.44 15.14 21.27
CA ALA A 341 -23.45 14.81 22.27
C ALA A 341 -22.92 16.03 23.00
N HIS A 342 -22.58 17.09 22.26
CA HIS A 342 -22.05 18.30 22.87
C HIS A 342 -23.10 19.02 23.72
N ARG A 343 -24.32 19.07 23.21
CA ARG A 343 -25.48 19.56 23.96
C ARG A 343 -25.50 18.88 25.33
N ALA A 344 -25.50 17.56 25.31
CA ALA A 344 -25.52 16.73 26.52
C ALA A 344 -24.37 17.06 27.46
N LYS A 345 -23.18 17.28 26.90
CA LYS A 345 -22.03 17.72 27.68
C LYS A 345 -22.35 19.00 28.45
N LEU A 346 -22.91 19.99 27.75
CA LEU A 346 -23.25 21.28 28.34
C LEU A 346 -24.38 21.18 29.37
N ASP A 347 -25.35 20.31 29.13
CA ASP A 347 -26.51 20.12 30.03
C ASP A 347 -26.33 19.07 31.12
N ASN A 348 -25.25 18.28 31.08
CA ASN A 348 -25.05 17.15 31.99
C ASN A 348 -26.24 16.18 31.87
N ASN A 349 -26.58 15.86 30.63
CA ASN A 349 -27.77 15.09 30.29
C ASN A 349 -27.31 13.73 29.80
N LYS A 350 -27.30 12.75 30.72
CA LYS A 350 -26.75 11.41 30.48
C LYS A 350 -27.58 10.57 29.49
N GLU A 351 -28.88 10.77 29.48
CA GLU A 351 -29.79 10.07 28.55
C GLU A 351 -29.52 10.48 27.09
N LEU A 352 -29.27 11.77 26.87
CA LEU A 352 -28.89 12.29 25.54
C LEU A 352 -27.51 11.78 25.14
N ALA A 353 -26.53 11.92 26.02
CA ALA A 353 -25.17 11.38 25.78
C ALA A 353 -25.19 9.90 25.38
N PHE A 354 -26.01 9.10 26.06
CA PHE A 354 -26.17 7.68 25.72
C PHE A 354 -26.74 7.47 24.33
N PHE A 355 -27.76 8.24 24.00
CA PHE A 355 -28.41 8.10 22.71
C PHE A 355 -27.45 8.42 21.59
N ALA A 356 -26.80 9.58 21.73
CA ALA A 356 -25.80 10.07 20.79
C ALA A 356 -24.78 9.00 20.51
N ASN A 357 -24.13 8.51 21.56
CA ASN A 357 -23.18 7.44 21.42
C ASN A 357 -23.83 6.22 20.77
N ALA A 358 -24.99 5.81 21.29
CA ALA A 358 -25.73 4.67 20.73
C ALA A 358 -25.85 4.79 19.22
N LEU A 359 -26.33 5.93 18.72
CA LEU A 359 -26.52 6.13 17.27
C LEU A 359 -25.23 5.99 16.45
N GLU A 360 -24.12 6.54 16.97
CA GLU A 360 -22.81 6.36 16.33
C GLU A 360 -22.44 4.86 16.29
N GLU A 361 -22.58 4.20 17.44
CA GLU A 361 -22.33 2.75 17.58
C GLU A 361 -23.08 1.92 16.53
N VAL A 362 -24.38 2.13 16.43
CA VAL A 362 -25.23 1.37 15.51
C VAL A 362 -24.82 1.52 14.04
N SER A 363 -24.46 2.76 13.67
CA SER A 363 -24.04 3.07 12.31
C SER A 363 -22.82 2.28 11.85
N ILE A 364 -21.81 2.20 12.70
CA ILE A 364 -20.64 1.38 12.43
C ILE A 364 -21.05 -0.10 12.41
N GLU A 365 -21.68 -0.56 13.50
CA GLU A 365 -22.22 -1.94 13.59
C GLU A 365 -22.97 -2.39 12.34
N THR A 366 -23.84 -1.52 11.81
CA THR A 366 -24.65 -1.84 10.64
C THR A 366 -23.74 -2.11 9.44
N ILE A 367 -22.77 -1.23 9.23
CA ILE A 367 -21.80 -1.42 8.16
C ILE A 367 -20.98 -2.69 8.39
N GLU A 368 -20.51 -2.91 9.63
CA GLU A 368 -19.63 -4.06 9.95
C GLU A 368 -20.31 -5.41 9.72
N ALA A 369 -21.61 -5.52 9.99
CA ALA A 369 -22.42 -6.70 9.59
C ALA A 369 -22.48 -6.94 8.06
N GLY A 370 -22.24 -5.88 7.28
CA GLY A 370 -22.17 -5.96 5.82
C GLY A 370 -23.43 -5.45 5.12
N PHE A 371 -24.09 -4.44 5.71
CA PHE A 371 -25.15 -3.64 5.10
C PHE A 371 -24.62 -2.24 4.91
N MET A 372 -24.47 -1.80 3.65
CA MET A 372 -23.85 -0.51 3.36
C MET A 372 -24.21 0.04 1.99
N THR A 373 -23.82 1.30 1.75
CA THR A 373 -24.03 1.96 0.46
C THR A 373 -22.84 1.70 -0.48
N LYS A 374 -23.10 1.90 -1.78
CA LYS A 374 -22.18 1.51 -2.89
C LYS A 374 -20.69 1.92 -2.75
N ASP A 375 -20.45 3.13 -2.24
CA ASP A 375 -19.11 3.68 -2.08
C ASP A 375 -18.29 2.84 -1.09
N LEU A 376 -18.94 2.33 -0.05
CA LEU A 376 -18.30 1.45 0.91
C LEU A 376 -18.06 0.03 0.39
N ALA A 377 -19.02 -0.52 -0.35
CA ALA A 377 -18.83 -1.83 -0.99
C ALA A 377 -17.69 -1.74 -2.00
N ALA A 378 -17.69 -0.67 -2.80
CA ALA A 378 -16.58 -0.35 -3.71
C ALA A 378 -15.20 -0.33 -3.02
N CYS A 379 -15.16 0.21 -1.80
CA CYS A 379 -13.95 0.18 -1.00
C CYS A 379 -13.56 -1.24 -0.69
N ILE A 380 -14.53 -2.11 -0.39
CA ILE A 380 -14.24 -3.52 -0.11
C ILE A 380 -13.77 -4.23 -1.39
N LYS A 381 -14.63 -4.31 -2.40
CA LYS A 381 -14.42 -5.20 -3.53
C LYS A 381 -13.62 -4.62 -4.71
N GLY A 382 -13.64 -3.30 -4.87
CA GLY A 382 -13.19 -2.64 -6.09
C GLY A 382 -14.38 -2.22 -6.95
N LEU A 383 -14.32 -1.02 -7.53
CA LEU A 383 -15.49 -0.54 -8.26
C LEU A 383 -15.94 -1.40 -9.45
N PRO A 384 -14.99 -1.85 -10.32
CA PRO A 384 -15.46 -2.71 -11.41
C PRO A 384 -16.10 -4.01 -10.95
N ASN A 385 -15.74 -4.48 -9.76
CA ASN A 385 -16.26 -5.75 -9.23
C ASN A 385 -17.60 -5.66 -8.47
N VAL A 386 -18.09 -4.46 -8.18
CA VAL A 386 -19.32 -4.30 -7.37
C VAL A 386 -20.59 -4.56 -8.19
N GLN A 387 -21.48 -5.36 -7.61
CA GLN A 387 -22.75 -5.69 -8.22
C GLN A 387 -23.87 -5.26 -7.27
N ARG A 388 -25.08 -5.17 -7.80
CA ARG A 388 -26.22 -4.58 -7.08
C ARG A 388 -26.51 -5.24 -5.74
N SER A 389 -26.32 -6.55 -5.62
CA SER A 389 -26.62 -7.23 -4.35
C SER A 389 -25.55 -7.09 -3.25
N ASP A 390 -24.47 -6.35 -3.52
CA ASP A 390 -23.48 -6.01 -2.49
C ASP A 390 -23.85 -4.77 -1.63
N TYR A 391 -24.84 -4.00 -2.07
CA TYR A 391 -25.16 -2.75 -1.37
C TYR A 391 -26.64 -2.52 -1.31
N LEU A 392 -27.01 -1.55 -0.50
CA LEU A 392 -28.38 -1.10 -0.36
C LEU A 392 -28.53 0.32 -0.94
N ASN A 393 -29.69 0.64 -1.50
CA ASN A 393 -29.94 2.03 -1.95
C ASN A 393 -30.07 2.94 -0.73
N THR A 394 -30.39 4.21 -0.95
CA THR A 394 -30.39 5.21 0.11
C THR A 394 -31.47 4.92 1.15
N PHE A 395 -32.65 4.49 0.72
CA PHE A 395 -33.72 4.16 1.67
C PHE A 395 -33.48 2.83 2.36
N GLU A 396 -33.15 1.79 1.60
CA GLU A 396 -32.82 0.49 2.18
C GLU A 396 -31.79 0.61 3.32
N PHE A 397 -30.76 1.44 3.15
CA PHE A 397 -29.75 1.63 4.20
C PHE A 397 -30.28 2.45 5.40
N MET A 398 -31.14 3.42 5.10
CA MET A 398 -31.79 4.23 6.16
C MET A 398 -32.84 3.43 6.92
N ASP A 399 -33.65 2.66 6.19
CA ASP A 399 -34.58 1.69 6.80
C ASP A 399 -33.79 0.73 7.75
N LYS A 400 -32.68 0.16 7.24
CA LYS A 400 -31.84 -0.77 8.04
C LYS A 400 -31.31 -0.14 9.33
N LEU A 401 -30.79 1.08 9.22
CA LEU A 401 -30.33 1.85 10.39
C LEU A 401 -31.44 2.15 11.39
N GLY A 402 -32.67 2.35 10.91
CA GLY A 402 -33.82 2.52 11.78
C GLY A 402 -34.13 1.27 12.58
N GLU A 403 -34.22 0.14 11.87
CA GLU A 403 -34.49 -1.19 12.45
C GLU A 403 -33.48 -1.49 13.55
N ASN A 404 -32.19 -1.40 13.19
CA ASN A 404 -31.07 -1.68 14.11
C ASN A 404 -31.03 -0.70 15.28
N LEU A 405 -31.44 0.56 15.05
CA LEU A 405 -31.52 1.54 16.13
C LEU A 405 -32.65 1.19 17.12
N LYS A 406 -33.78 0.69 16.60
CA LYS A 406 -34.91 0.24 17.43
C LYS A 406 -34.45 -0.81 18.39
N ILE A 407 -33.83 -1.84 17.85
CA ILE A 407 -33.32 -2.99 18.62
C ILE A 407 -32.32 -2.55 19.69
N LYS A 408 -31.27 -1.83 19.30
CA LYS A 408 -30.23 -1.30 20.22
C LYS A 408 -30.83 -0.64 21.45
N LEU A 409 -31.73 0.31 21.23
CA LEU A 409 -32.31 1.07 22.33
C LEU A 409 -33.38 0.30 23.11
N ALA A 410 -34.03 -0.67 22.47
CA ALA A 410 -35.07 -1.47 23.12
C ALA A 410 -34.42 -2.40 24.13
N GLN A 411 -33.43 -3.14 23.65
CA GLN A 411 -32.65 -4.00 24.51
C GLN A 411 -31.90 -3.13 25.58
N ALA A 412 -31.21 -2.07 25.16
CA ALA A 412 -30.44 -1.21 26.09
C ALA A 412 -31.27 -0.58 27.21
N LYS A 413 -32.58 -0.43 27.00
CA LYS A 413 -33.46 0.05 28.05
C LYS A 413 -33.53 -0.90 29.24
N LEU A 414 -33.51 -2.21 28.99
CA LEU A 414 -33.72 -3.22 30.03
C LEU A 414 -32.66 -3.25 31.17
N GLU A 415 -32.23 -2.10 31.68
CA GLU A 415 -31.06 -2.02 32.58
C GLU A 415 -30.81 -0.63 33.16
N LYS B 4 33.24 -5.05 -23.87
CA LYS B 4 32.74 -4.05 -22.86
C LYS B 4 32.22 -2.75 -23.53
N ILE B 5 31.17 -2.17 -22.96
CA ILE B 5 30.41 -1.08 -23.58
C ILE B 5 30.94 0.28 -23.10
N SER B 6 31.48 1.08 -24.00
CA SER B 6 31.90 2.42 -23.63
C SER B 6 30.68 3.35 -23.62
N GLY B 7 30.47 4.06 -22.50
CA GLY B 7 29.34 4.97 -22.38
C GLY B 7 29.64 6.39 -22.86
N GLY B 8 30.76 6.93 -22.39
CA GLY B 8 31.17 8.30 -22.67
C GLY B 8 31.30 9.05 -21.36
N SER B 9 31.09 10.36 -21.41
CA SER B 9 31.25 11.23 -20.22
C SER B 9 29.99 11.31 -19.32
N VAL B 10 30.18 10.95 -18.04
CA VAL B 10 29.22 11.14 -16.96
C VAL B 10 29.89 11.89 -15.81
N VAL B 11 29.07 12.64 -15.08
CA VAL B 11 29.48 13.45 -13.95
C VAL B 11 28.89 12.79 -12.72
N GLU B 12 29.69 12.64 -11.67
CA GLU B 12 29.31 11.89 -10.47
C GLU B 12 29.64 12.70 -9.23
N MET B 13 28.69 12.78 -8.29
CA MET B 13 28.96 13.40 -6.98
C MET B 13 28.77 12.43 -5.81
N GLN B 14 29.91 12.03 -5.24
CA GLN B 14 29.94 11.10 -4.13
C GLN B 14 29.26 11.74 -2.93
N GLY B 15 28.51 10.91 -2.21
CA GLY B 15 27.60 11.35 -1.17
C GLY B 15 28.14 11.12 0.21
N ASP B 16 27.21 10.82 1.12
CA ASP B 16 27.52 10.62 2.51
C ASP B 16 26.85 9.40 3.07
N GLU B 17 27.40 9.00 4.22
CA GLU B 17 26.89 7.99 5.13
C GLU B 17 26.46 6.71 4.44
N MET B 18 25.21 6.28 4.61
CA MET B 18 24.81 4.99 4.16
C MET B 18 24.71 4.97 2.67
N THR B 19 24.54 6.13 2.07
CA THR B 19 24.36 6.20 0.63
C THR B 19 25.71 6.14 -0.08
N ARG B 20 26.77 6.62 0.56
CA ARG B 20 28.15 6.46 0.05
C ARG B 20 28.46 4.98 -0.04
N ILE B 21 28.21 4.24 1.04
CA ILE B 21 28.46 2.80 1.04
C ILE B 21 27.67 2.12 -0.06
N ILE B 22 26.39 2.40 -0.12
CA ILE B 22 25.55 1.75 -1.12
C ILE B 22 25.96 2.14 -2.55
N TRP B 23 26.43 3.37 -2.74
CA TRP B 23 26.92 3.88 -4.02
C TRP B 23 28.01 2.99 -4.61
N GLU B 24 29.05 2.79 -3.79
CA GLU B 24 30.30 2.12 -4.21
C GLU B 24 30.02 0.66 -4.59
N LEU B 25 29.06 0.07 -3.89
CA LEU B 25 28.62 -1.29 -4.18
C LEU B 25 27.92 -1.38 -5.54
N ILE B 26 27.15 -0.36 -5.89
CA ILE B 26 26.46 -0.31 -7.18
C ILE B 26 27.47 -0.12 -8.30
N LYS B 27 28.36 0.85 -8.12
CA LYS B 27 29.51 1.04 -9.00
C LYS B 27 30.26 -0.29 -9.24
N GLU B 28 30.85 -0.86 -8.19
CA GLU B 28 31.51 -2.17 -8.26
C GLU B 28 30.70 -3.31 -8.91
N LYS B 29 29.54 -3.64 -8.35
CA LYS B 29 28.83 -4.88 -8.75
C LYS B 29 27.92 -4.71 -9.96
N LEU B 30 27.38 -3.50 -10.15
CA LEU B 30 26.39 -3.25 -11.20
C LEU B 30 26.88 -2.41 -12.40
N ILE B 31 27.74 -1.41 -12.18
CA ILE B 31 28.15 -0.52 -13.29
C ILE B 31 29.50 -0.90 -13.95
N PHE B 32 30.59 -0.84 -13.21
CA PHE B 32 31.96 -0.94 -13.78
C PHE B 32 32.36 -2.27 -14.45
N PRO B 33 31.79 -3.42 -14.01
CA PRO B 33 32.03 -4.68 -14.72
C PRO B 33 31.30 -4.84 -16.05
N TYR B 34 30.33 -3.97 -16.33
CA TYR B 34 29.58 -4.08 -17.58
C TYR B 34 29.86 -2.96 -18.56
N VAL B 35 30.48 -1.86 -18.10
CA VAL B 35 30.50 -0.56 -18.83
C VAL B 35 31.72 0.34 -18.50
N GLU B 36 32.44 0.77 -19.54
CA GLU B 36 33.56 1.72 -19.40
C GLU B 36 33.04 3.16 -19.54
N LEU B 37 33.51 4.04 -18.65
CA LEU B 37 33.04 5.42 -18.57
C LEU B 37 34.16 6.46 -18.35
N ASP B 38 33.82 7.71 -18.69
CA ASP B 38 34.69 8.84 -18.51
C ASP B 38 34.09 9.61 -17.35
N LEU B 39 34.30 9.06 -16.16
CA LEU B 39 33.72 9.62 -14.94
C LEU B 39 34.42 10.92 -14.57
N HIS B 40 33.63 12.01 -14.56
CA HIS B 40 34.10 13.26 -13.97
C HIS B 40 33.48 13.32 -12.59
N SER B 41 34.31 13.08 -11.58
CA SER B 41 33.84 12.83 -10.23
C SER B 41 34.17 13.98 -9.28
N TYR B 42 33.18 14.33 -8.47
CA TYR B 42 33.31 15.40 -7.49
C TYR B 42 32.89 14.77 -6.18
N ASP B 43 33.58 15.11 -5.09
CA ASP B 43 33.35 14.46 -3.80
C ASP B 43 32.40 15.35 -3.00
N LEU B 44 31.09 15.08 -3.12
CA LEU B 44 30.08 15.92 -2.45
C LEU B 44 29.75 15.42 -1.06
N GLY B 45 30.63 14.61 -0.49
CA GLY B 45 30.63 14.37 0.94
C GLY B 45 30.84 15.68 1.69
N ILE B 46 30.18 15.78 2.83
CA ILE B 46 30.16 17.00 3.65
C ILE B 46 31.58 17.51 3.89
N GLU B 47 32.42 16.62 4.43
CA GLU B 47 33.82 16.91 4.80
C GLU B 47 34.71 17.42 3.65
N ASN B 48 34.45 16.94 2.43
CA ASN B 48 35.07 17.54 1.24
C ASN B 48 34.57 18.95 0.98
N ARG B 49 33.25 19.19 1.13
CA ARG B 49 32.72 20.53 0.92
C ARG B 49 33.30 21.55 1.89
N ASP B 50 33.32 21.20 3.18
CA ASP B 50 33.83 22.11 4.19
C ASP B 50 35.30 22.49 3.95
N ALA B 51 36.09 21.51 3.50
CA ALA B 51 37.50 21.74 3.14
C ALA B 51 37.65 22.80 2.04
N THR B 52 36.72 22.80 1.07
CA THR B 52 36.76 23.73 -0.07
C THR B 52 35.96 25.04 0.09
N ASN B 53 35.29 25.23 1.24
CA ASN B 53 34.33 26.30 1.44
C ASN B 53 33.21 26.18 0.40
N ASP B 54 32.53 25.03 0.43
CA ASP B 54 31.41 24.65 -0.47
C ASP B 54 31.66 24.75 -2.00
N GLN B 55 32.84 25.22 -2.41
CA GLN B 55 33.15 25.53 -3.80
C GLN B 55 33.02 24.31 -4.72
N VAL B 56 33.42 23.13 -4.24
CA VAL B 56 33.29 21.87 -5.01
C VAL B 56 31.86 21.61 -5.55
N THR B 57 30.83 22.05 -4.82
CA THR B 57 29.45 21.85 -5.30
C THR B 57 29.23 22.64 -6.59
N LYS B 58 29.63 23.92 -6.57
CA LYS B 58 29.62 24.76 -7.77
C LYS B 58 30.29 24.03 -8.95
N ASP B 59 31.50 23.52 -8.74
CA ASP B 59 32.30 22.89 -9.82
C ASP B 59 31.55 21.69 -10.41
N ALA B 60 30.94 20.92 -9.52
CA ALA B 60 30.15 19.76 -9.89
C ALA B 60 29.02 20.18 -10.83
N ALA B 61 28.29 21.22 -10.40
CA ALA B 61 27.16 21.79 -11.15
C ALA B 61 27.57 22.33 -12.50
N GLU B 62 28.57 23.20 -12.51
CA GLU B 62 29.06 23.77 -13.77
C GLU B 62 29.52 22.66 -14.74
N ALA B 63 30.19 21.64 -14.21
CA ALA B 63 30.56 20.44 -14.99
C ALA B 63 29.37 19.70 -15.63
N ILE B 64 28.23 19.66 -14.94
CA ILE B 64 27.01 19.10 -15.53
C ILE B 64 26.62 19.86 -16.79
N LYS B 65 26.76 21.20 -16.78
CA LYS B 65 26.51 22.02 -17.99
C LYS B 65 27.21 21.46 -19.22
N LYS B 66 28.51 21.22 -19.11
CA LYS B 66 29.28 20.80 -20.26
C LYS B 66 28.84 19.45 -20.80
N HIS B 67 28.59 18.49 -19.90
CA HIS B 67 28.44 17.08 -20.28
C HIS B 67 27.00 16.61 -20.31
N ASN B 68 26.15 17.20 -19.47
CA ASN B 68 24.67 17.06 -19.50
C ASN B 68 24.08 15.90 -18.68
N VAL B 69 24.92 14.95 -18.29
CA VAL B 69 24.46 13.78 -17.56
C VAL B 69 25.13 13.81 -16.20
N GLY B 70 24.32 13.74 -15.15
CA GLY B 70 24.80 13.70 -13.78
C GLY B 70 24.13 12.58 -13.00
N VAL B 71 24.88 11.98 -12.06
CA VAL B 71 24.34 10.99 -11.12
C VAL B 71 24.81 11.31 -9.71
N LYS B 72 23.85 11.66 -8.84
CA LYS B 72 24.14 12.20 -7.50
C LYS B 72 23.77 11.22 -6.41
N CYS B 73 24.69 11.10 -5.48
CA CYS B 73 24.47 10.28 -4.32
C CYS B 73 23.92 11.24 -3.26
N ALA B 74 22.96 10.76 -2.48
CA ALA B 74 22.40 11.55 -1.38
C ALA B 74 23.48 12.22 -0.52
N THR B 75 23.22 13.42 -0.02
CA THR B 75 24.27 14.22 0.66
C THR B 75 23.78 14.83 1.95
N ILE B 76 24.66 15.02 2.93
CA ILE B 76 24.26 15.63 4.21
C ILE B 76 24.02 17.13 3.98
N THR B 77 22.80 17.59 4.28
CA THR B 77 22.46 19.02 4.29
C THR B 77 22.56 19.46 5.74
N PRO B 78 23.69 20.08 6.15
CA PRO B 78 23.94 20.53 7.53
C PRO B 78 22.80 21.14 8.36
N ASP B 79 22.99 21.07 9.67
CA ASP B 79 22.05 21.48 10.72
C ASP B 79 22.87 21.69 12.01
N GLU B 80 22.33 22.46 12.96
CA GLU B 80 23.10 22.94 14.11
C GLU B 80 23.84 21.81 14.84
N LYS B 81 23.28 20.59 14.87
CA LYS B 81 23.98 19.40 15.40
C LYS B 81 25.04 18.83 14.44
N ARG B 82 24.75 18.83 13.14
CA ARG B 82 25.74 18.42 12.13
C ARG B 82 26.93 19.39 12.09
N VAL B 83 26.70 20.64 12.44
CA VAL B 83 27.78 21.64 12.56
C VAL B 83 28.77 21.15 13.63
N GLU B 84 28.27 20.98 14.85
CA GLU B 84 29.11 20.59 15.98
C GLU B 84 29.60 19.12 15.85
N GLU B 85 28.94 18.31 15.02
CA GLU B 85 29.46 16.98 14.66
C GLU B 85 30.74 17.02 13.84
N PHE B 86 30.89 17.99 12.94
CA PHE B 86 32.06 18.10 12.07
C PHE B 86 32.88 19.37 12.28
N LYS B 87 32.52 20.21 13.26
CA LYS B 87 33.23 21.48 13.52
C LYS B 87 33.26 22.36 12.26
N LEU B 88 32.09 22.55 11.66
CA LEU B 88 32.00 23.17 10.34
C LEU B 88 32.33 24.66 10.38
N LYS B 89 33.03 25.10 9.34
CA LYS B 89 33.47 26.48 9.23
C LYS B 89 32.28 27.39 9.03
N GLN B 90 31.24 26.88 8.35
CA GLN B 90 29.91 27.51 8.29
C GLN B 90 28.83 26.45 7.98
N MET B 91 27.62 26.66 8.48
CA MET B 91 26.49 25.77 8.20
C MET B 91 26.10 25.85 6.72
N TRP B 92 26.74 25.04 5.90
CA TRP B 92 26.63 25.15 4.43
C TRP B 92 25.21 24.89 3.94
N LYS B 93 24.91 25.40 2.76
CA LYS B 93 23.60 25.21 2.19
C LYS B 93 23.47 23.85 1.51
N SER B 94 22.22 23.41 1.37
CA SER B 94 21.85 22.21 0.60
C SER B 94 22.53 22.14 -0.79
N PRO B 95 23.29 21.05 -1.06
CA PRO B 95 23.83 20.81 -2.41
C PRO B 95 22.80 20.79 -3.54
N ASN B 96 21.70 20.06 -3.36
CA ASN B 96 20.69 19.93 -4.42
C ASN B 96 20.17 21.29 -4.83
N GLY B 97 19.94 22.15 -3.84
CA GLY B 97 19.49 23.53 -4.08
C GLY B 97 20.45 24.34 -4.91
N THR B 98 21.69 24.46 -4.44
CA THR B 98 22.78 25.05 -5.22
C THR B 98 22.81 24.51 -6.64
N ILE B 99 22.63 23.20 -6.82
CA ILE B 99 22.67 22.58 -8.15
C ILE B 99 21.48 23.00 -9.01
N ARG B 100 20.27 23.08 -8.44
CA ARG B 100 19.09 23.58 -9.19
C ARG B 100 19.27 25.07 -9.50
N ASN B 101 19.52 25.86 -8.44
CA ASN B 101 19.86 27.28 -8.54
C ASN B 101 20.82 27.60 -9.71
N ILE B 102 21.81 26.75 -9.96
CA ILE B 102 22.83 26.95 -11.02
C ILE B 102 22.42 26.43 -12.42
N LEU B 103 21.62 25.37 -12.48
CA LEU B 103 21.17 24.76 -13.75
C LEU B 103 19.77 25.19 -14.18
N GLY B 104 19.12 26.03 -13.38
CA GLY B 104 17.67 26.20 -13.46
C GLY B 104 17.06 24.82 -13.32
N GLY B 105 16.08 24.50 -14.15
CA GLY B 105 15.56 23.13 -14.19
C GLY B 105 14.52 22.77 -13.14
N THR B 106 13.81 21.69 -13.43
CA THR B 106 12.69 21.22 -12.63
C THR B 106 12.86 19.75 -12.21
N VAL B 107 12.85 19.55 -10.88
CA VAL B 107 13.04 18.25 -10.22
C VAL B 107 11.72 17.50 -10.16
N PHE B 108 11.66 16.37 -10.85
CA PHE B 108 10.52 15.46 -10.77
C PHE B 108 10.76 14.38 -9.71
N ARG B 109 9.73 13.60 -9.40
CA ARG B 109 9.92 12.49 -8.50
C ARG B 109 8.98 11.36 -8.83
N GLU B 110 9.53 10.15 -8.96
CA GLU B 110 8.78 8.95 -9.33
C GLU B 110 8.94 7.93 -8.22
N ALA B 111 8.03 6.97 -8.09
CA ALA B 111 8.26 5.85 -7.18
C ALA B 111 8.27 4.57 -8.00
N ILE B 112 9.37 3.85 -7.94
CA ILE B 112 9.48 2.57 -8.61
C ILE B 112 8.45 1.60 -8.02
N ILE B 113 7.69 0.96 -8.90
CA ILE B 113 6.59 0.09 -8.46
C ILE B 113 6.80 -1.31 -8.96
N CYS B 114 6.38 -2.28 -8.13
CA CYS B 114 6.38 -3.69 -8.50
C CYS B 114 5.00 -4.29 -8.30
N LYS B 115 4.75 -5.37 -9.03
CA LYS B 115 3.44 -6.02 -9.02
C LYS B 115 3.12 -6.67 -7.65
N ASN B 116 4.14 -6.87 -6.81
CA ASN B 116 3.98 -7.55 -5.52
C ASN B 116 4.10 -6.62 -4.32
N ILE B 117 4.28 -5.32 -4.58
CA ILE B 117 4.37 -4.31 -3.53
C ILE B 117 3.11 -3.45 -3.53
N PRO B 118 2.26 -3.61 -2.49
CA PRO B 118 1.04 -2.82 -2.49
C PRO B 118 1.31 -1.34 -2.68
N ARG B 119 0.50 -0.68 -3.52
CA ARG B 119 0.48 0.79 -3.59
C ARG B 119 -0.65 1.28 -2.72
N LEU B 120 -0.52 2.52 -2.24
CA LEU B 120 -1.58 3.19 -1.49
C LEU B 120 -2.98 3.02 -2.08
N VAL B 121 -3.04 3.04 -3.41
CA VAL B 121 -4.25 2.75 -4.14
C VAL B 121 -3.97 1.60 -5.09
N SER B 122 -4.66 0.48 -4.88
CA SER B 122 -4.51 -0.72 -5.73
C SER B 122 -4.54 -0.39 -7.22
N GLY B 123 -5.56 0.39 -7.62
CA GLY B 123 -5.78 0.78 -9.01
C GLY B 123 -4.61 1.44 -9.75
N TRP B 124 -3.71 2.10 -8.99
CA TRP B 124 -2.51 2.73 -9.58
C TRP B 124 -1.53 1.72 -10.15
N VAL B 125 -1.73 1.35 -11.43
CA VAL B 125 -0.85 0.38 -12.12
C VAL B 125 0.08 1.01 -13.18
N LYS B 126 0.20 2.34 -13.16
CA LYS B 126 1.13 3.05 -14.06
C LYS B 126 1.85 4.15 -13.28
N PRO B 127 3.02 4.60 -13.77
CA PRO B 127 3.77 5.61 -13.02
C PRO B 127 3.02 6.95 -12.86
N ILE B 128 3.30 7.65 -11.78
CA ILE B 128 2.79 8.99 -11.52
C ILE B 128 3.98 9.84 -11.13
N ILE B 129 4.54 10.58 -12.10
CA ILE B 129 5.71 11.43 -11.87
C ILE B 129 5.27 12.87 -11.53
N ILE B 130 5.77 13.40 -10.44
CA ILE B 130 5.38 14.68 -9.90
C ILE B 130 6.57 15.59 -9.98
N GLY B 131 6.42 16.76 -10.57
CA GLY B 131 7.39 17.85 -10.44
C GLY B 131 6.80 19.01 -9.65
N HIS B 132 7.67 19.87 -9.17
CA HIS B 132 7.29 21.04 -8.40
C HIS B 132 8.11 22.21 -8.94
N HIS B 133 7.56 23.41 -8.88
CA HIS B 133 8.22 24.57 -9.47
C HIS B 133 9.37 25.00 -8.55
N ALA B 134 10.59 24.62 -8.88
CA ALA B 134 11.79 25.05 -8.14
C ALA B 134 11.72 24.83 -6.61
N TYR B 135 11.15 23.70 -6.20
CA TYR B 135 10.94 23.35 -4.79
C TYR B 135 9.75 24.06 -4.09
N GLY B 136 8.81 24.60 -4.86
CA GLY B 136 7.70 25.41 -4.30
C GLY B 136 8.09 26.77 -3.74
N ASP B 137 7.11 27.66 -3.59
CA ASP B 137 7.36 29.09 -3.25
C ASP B 137 7.62 29.44 -1.75
N GLN B 138 7.77 28.46 -0.88
CA GLN B 138 8.18 28.72 0.51
C GLN B 138 9.65 29.15 0.58
N TYR B 139 10.48 28.55 -0.27
CA TYR B 139 11.87 28.98 -0.45
C TYR B 139 12.03 30.34 -1.15
N ARG B 140 10.94 30.96 -1.62
CA ARG B 140 10.95 32.30 -2.23
C ARG B 140 10.18 33.31 -1.39
N ALA B 141 9.97 32.98 -0.12
CA ALA B 141 9.16 33.79 0.77
C ALA B 141 10.04 34.65 1.65
N THR B 142 9.51 35.81 2.03
CA THR B 142 10.20 36.78 2.86
C THR B 142 9.29 37.18 4.01
N ASP B 143 9.57 36.58 5.16
CA ASP B 143 8.66 36.62 6.30
C ASP B 143 9.16 37.62 7.32
N PHE B 144 8.25 38.19 8.11
CA PHE B 144 8.63 39.11 9.18
C PHE B 144 7.52 39.21 10.22
N VAL B 145 7.88 39.67 11.42
CA VAL B 145 6.91 39.79 12.51
C VAL B 145 6.29 41.18 12.41
N VAL B 146 4.98 41.27 12.69
CA VAL B 146 4.30 42.54 12.83
C VAL B 146 4.15 42.83 14.33
N PRO B 147 4.91 43.80 14.87
CA PRO B 147 4.83 44.11 16.31
C PRO B 147 3.52 44.70 16.82
N GLY B 148 2.68 45.24 15.94
CA GLY B 148 1.40 45.79 16.39
C GLY B 148 0.61 46.56 15.36
N PRO B 149 -0.46 47.25 15.80
CA PRO B 149 -1.35 48.03 14.93
C PRO B 149 -0.63 48.96 13.97
N GLY B 150 -1.03 48.87 12.71
CA GLY B 150 -0.33 49.46 11.58
C GLY B 150 -0.72 48.73 10.30
N LYS B 151 -0.22 49.22 9.17
CA LYS B 151 -0.62 48.69 7.87
C LYS B 151 0.49 47.85 7.29
N VAL B 152 0.11 46.75 6.65
CA VAL B 152 1.02 46.00 5.80
C VAL B 152 0.52 46.21 4.38
N GLU B 153 1.40 46.73 3.54
CA GLU B 153 1.13 47.09 2.15
C GLU B 153 2.17 46.42 1.29
N ILE B 154 1.77 45.77 0.21
CA ILE B 154 2.71 45.31 -0.81
C ILE B 154 2.69 46.25 -2.03
N THR B 155 3.88 46.73 -2.44
CA THR B 155 4.04 47.76 -3.46
C THR B 155 5.02 47.39 -4.57
N TYR B 156 4.80 47.95 -5.76
CA TYR B 156 5.64 47.71 -6.95
C TYR B 156 6.12 49.05 -7.51
N THR B 157 7.44 49.27 -7.52
CA THR B 157 8.09 50.50 -8.01
C THR B 157 8.74 50.21 -9.39
N PRO B 158 8.05 50.54 -10.51
CA PRO B 158 8.59 50.26 -11.84
C PRO B 158 9.99 50.80 -12.12
N SER B 159 10.83 49.90 -12.66
CA SER B 159 12.16 50.22 -13.15
C SER B 159 12.10 51.43 -14.05
N ASP B 160 11.20 51.37 -15.05
CA ASP B 160 10.85 52.55 -15.88
C ASP B 160 11.05 53.83 -15.10
N GLY B 161 10.30 53.95 -14.02
CA GLY B 161 10.11 55.19 -13.32
C GLY B 161 8.65 55.59 -13.32
N THR B 162 7.77 54.85 -14.01
CA THR B 162 6.33 55.17 -14.01
C THR B 162 5.74 54.93 -12.61
N GLN B 163 4.48 55.33 -12.42
CA GLN B 163 3.86 55.37 -11.09
C GLN B 163 3.93 54.02 -10.36
N LYS B 164 4.18 54.07 -9.06
CA LYS B 164 4.27 52.88 -8.24
C LYS B 164 2.85 52.44 -7.88
N VAL B 165 2.71 51.16 -7.57
CA VAL B 165 1.42 50.53 -7.25
C VAL B 165 1.54 49.95 -5.84
N THR B 166 0.41 49.84 -5.16
CA THR B 166 0.36 49.61 -3.72
C THR B 166 -0.96 48.89 -3.38
N TYR B 167 -0.88 47.61 -2.98
CA TYR B 167 -2.07 46.82 -2.63
C TYR B 167 -2.10 46.70 -1.13
N LEU B 168 -3.31 46.59 -0.57
CA LEU B 168 -3.48 46.42 0.88
C LEU B 168 -3.47 44.92 1.20
N VAL B 169 -2.43 44.49 1.94
CA VAL B 169 -2.32 43.09 2.44
C VAL B 169 -3.26 42.92 3.63
N HIS B 170 -3.12 43.80 4.63
CA HIS B 170 -4.05 43.87 5.76
C HIS B 170 -3.74 45.13 6.56
N ASN B 171 -4.76 45.71 7.16
CA ASN B 171 -4.60 46.79 8.13
C ASN B 171 -4.89 46.16 9.47
N PHE B 172 -3.84 46.02 10.29
CA PHE B 172 -3.96 45.49 11.64
C PHE B 172 -4.54 46.58 12.53
N GLU B 173 -5.80 46.45 12.91
CA GLU B 173 -6.48 47.50 13.69
C GLU B 173 -6.11 47.33 15.18
N GLU B 174 -6.44 46.15 15.71
CA GLU B 174 -6.11 45.74 17.09
C GLU B 174 -4.96 44.72 17.02
N GLY B 175 -3.88 44.94 17.80
CA GLY B 175 -2.74 44.00 17.90
C GLY B 175 -2.07 43.57 16.58
N GLY B 176 -0.91 42.93 16.67
CA GLY B 176 -0.16 42.51 15.49
C GLY B 176 -0.47 41.11 14.97
N GLY B 177 0.60 40.43 14.54
CA GLY B 177 0.51 39.16 13.83
C GLY B 177 1.79 38.84 13.06
N VAL B 178 1.65 38.36 11.81
CA VAL B 178 2.79 38.12 10.89
C VAL B 178 2.43 38.45 9.44
N ALA B 179 3.44 38.68 8.60
CA ALA B 179 3.25 38.88 7.15
C ALA B 179 4.42 38.36 6.32
N MET B 180 4.17 38.15 5.03
CA MET B 180 5.22 37.71 4.08
C MET B 180 4.81 37.88 2.63
N GLY B 181 5.80 38.06 1.74
CA GLY B 181 5.52 38.07 0.32
C GLY B 181 6.43 37.16 -0.45
N MET B 182 5.87 36.44 -1.43
CA MET B 182 6.62 35.50 -2.27
C MET B 182 6.54 35.98 -3.70
N TYR B 183 7.47 35.54 -4.55
CA TYR B 183 7.51 35.93 -5.96
C TYR B 183 7.71 34.74 -6.90
N ASN B 184 7.70 35.05 -8.19
CA ASN B 184 8.13 34.11 -9.23
C ASN B 184 8.37 34.91 -10.50
N GLN B 185 9.61 34.95 -11.01
CA GLN B 185 9.90 35.51 -12.32
C GLN B 185 9.27 34.65 -13.41
N ASP B 186 8.81 35.28 -14.50
CA ASP B 186 8.23 34.55 -15.65
C ASP B 186 9.17 33.51 -16.25
N LYS B 187 10.47 33.83 -16.24
CA LYS B 187 11.46 32.94 -16.81
C LYS B 187 11.48 31.62 -16.02
N SER B 188 11.35 31.72 -14.69
CA SER B 188 11.19 30.54 -13.83
C SER B 188 10.01 29.69 -14.29
N ILE B 189 8.90 30.34 -14.64
CA ILE B 189 7.65 29.65 -15.01
C ILE B 189 7.76 29.07 -16.39
N GLU B 190 8.45 29.77 -17.30
CA GLU B 190 8.59 29.30 -18.68
C GLU B 190 9.38 28.00 -18.63
N ASP B 191 10.54 28.08 -17.97
CA ASP B 191 11.37 26.91 -17.65
C ASP B 191 10.55 25.76 -17.06
N PHE B 192 9.80 26.05 -15.99
CA PHE B 192 8.98 25.04 -15.32
C PHE B 192 8.07 24.31 -16.32
N ALA B 193 7.35 25.08 -17.12
CA ALA B 193 6.51 24.55 -18.20
C ALA B 193 7.27 23.78 -19.28
N HIS B 194 8.34 24.38 -19.79
CA HIS B 194 9.20 23.73 -20.79
C HIS B 194 9.68 22.35 -20.29
N SER B 195 10.35 22.36 -19.13
CA SER B 195 10.78 21.15 -18.45
C SER B 195 9.67 20.08 -18.35
N SER B 196 8.44 20.51 -18.02
CA SER B 196 7.29 19.59 -17.87
C SER B 196 6.81 19.07 -19.22
N PHE B 197 6.90 19.90 -20.26
CA PHE B 197 6.54 19.42 -21.61
C PHE B 197 7.60 18.47 -22.15
N GLN B 198 8.89 18.74 -21.91
CA GLN B 198 9.98 17.82 -22.33
C GLN B 198 9.90 16.45 -21.58
N MET B 199 9.65 16.53 -20.26
CA MET B 199 9.55 15.34 -19.40
C MET B 199 8.41 14.41 -19.81
N ALA B 200 7.25 14.97 -20.14
CA ALA B 200 6.10 14.19 -20.62
C ALA B 200 6.33 13.58 -21.99
N LEU B 201 7.07 14.29 -22.84
CA LEU B 201 7.40 13.79 -24.17
C LEU B 201 8.34 12.58 -24.06
N SER B 202 9.41 12.70 -23.26
CA SER B 202 10.33 11.58 -23.12
C SER B 202 9.65 10.37 -22.47
N LYS B 203 8.98 10.55 -21.32
CA LYS B 203 8.37 9.38 -20.61
C LYS B 203 7.06 8.86 -21.27
N GLY B 204 6.55 9.56 -22.28
CA GLY B 204 5.42 9.05 -23.06
C GLY B 204 4.09 9.04 -22.33
N TRP B 205 3.93 9.96 -21.38
CA TRP B 205 2.67 10.11 -20.65
C TRP B 205 2.03 11.52 -20.76
N PRO B 206 0.68 11.60 -20.62
CA PRO B 206 -0.02 12.89 -20.59
C PRO B 206 0.40 13.78 -19.41
N LEU B 207 0.23 15.10 -19.58
CA LEU B 207 0.57 16.10 -18.56
C LEU B 207 -0.68 16.79 -18.00
N TYR B 208 -0.53 17.31 -16.80
CA TYR B 208 -1.61 17.95 -16.08
C TYR B 208 -0.91 18.95 -15.18
N LEU B 209 -1.40 20.19 -15.13
CA LEU B 209 -0.84 21.20 -14.22
C LEU B 209 -1.92 21.47 -13.21
N SER B 210 -1.51 21.65 -11.95
CA SER B 210 -2.46 21.88 -10.87
C SER B 210 -2.20 23.31 -10.41
N THR B 211 -3.27 24.04 -10.11
CA THR B 211 -3.16 25.37 -9.46
C THR B 211 -4.35 25.61 -8.57
N LYS B 212 -4.27 26.68 -7.80
CA LYS B 212 -5.42 27.18 -7.08
C LYS B 212 -5.98 28.49 -7.69
N ASN B 213 -6.10 28.51 -9.04
CA ASN B 213 -6.52 29.72 -9.79
C ASN B 213 -7.95 30.21 -9.52
N THR B 214 -8.75 29.44 -8.79
CA THR B 214 -10.02 29.94 -8.22
C THR B 214 -9.85 30.87 -7.01
N ILE B 215 -8.65 30.98 -6.42
CA ILE B 215 -8.43 31.94 -5.31
C ILE B 215 -7.29 32.91 -5.61
N LEU B 216 -6.24 32.40 -6.22
CA LEU B 216 -5.11 33.23 -6.61
C LEU B 216 -5.22 33.50 -8.10
N LYS B 217 -6.32 34.16 -8.48
CA LYS B 217 -6.72 34.30 -9.89
C LYS B 217 -5.63 34.86 -10.77
N LYS B 218 -4.89 35.81 -10.24
CA LYS B 218 -3.78 36.45 -10.93
C LYS B 218 -2.51 35.58 -10.86
N TYR B 219 -2.02 35.30 -9.66
CA TYR B 219 -0.73 34.57 -9.45
C TYR B 219 -0.70 33.22 -10.16
N ASP B 220 -1.62 32.35 -9.76
CA ASP B 220 -1.68 31.01 -10.30
C ASP B 220 -2.18 31.03 -11.74
N GLY B 221 -3.25 31.79 -11.97
CA GLY B 221 -3.73 32.07 -13.33
C GLY B 221 -2.58 32.35 -14.28
N ARG B 222 -1.58 33.11 -13.82
CA ARG B 222 -0.41 33.41 -14.64
C ARG B 222 0.35 32.17 -15.03
N PHE B 223 0.58 31.28 -14.06
CA PHE B 223 1.18 29.96 -14.34
C PHE B 223 0.41 29.25 -15.44
N LYS B 224 -0.89 29.11 -15.22
CA LYS B 224 -1.82 28.44 -16.15
C LYS B 224 -1.77 28.90 -17.63
N ASP B 225 -1.73 30.22 -17.84
CA ASP B 225 -1.66 30.81 -19.20
C ASP B 225 -0.34 30.41 -19.85
N ILE B 226 0.77 30.71 -19.14
CA ILE B 226 2.12 30.39 -19.67
C ILE B 226 2.18 28.91 -20.08
N PHE B 227 1.46 28.07 -19.36
CA PHE B 227 1.32 26.68 -19.76
C PHE B 227 0.50 26.47 -21.01
N GLN B 228 -0.66 27.13 -21.13
CA GLN B 228 -1.49 27.00 -22.34
C GLN B 228 -0.82 27.62 -23.55
N GLU B 229 -0.16 28.76 -23.33
CA GLU B 229 0.60 29.52 -24.35
C GLU B 229 1.70 28.69 -24.98
N ILE B 230 2.58 28.17 -24.13
CA ILE B 230 3.75 27.43 -24.59
C ILE B 230 3.31 26.11 -25.21
N TYR B 231 2.30 25.46 -24.63
CA TYR B 231 1.68 24.27 -25.22
C TYR B 231 1.20 24.50 -26.67
N ASP B 232 0.21 25.38 -26.85
CA ASP B 232 -0.39 25.63 -28.19
C ASP B 232 0.64 26.10 -29.22
N LYS B 233 1.51 27.01 -28.79
CA LYS B 233 2.73 27.41 -29.53
C LYS B 233 3.63 26.20 -29.97
N GLN B 234 4.38 25.60 -29.03
CA GLN B 234 5.59 24.80 -29.36
C GLN B 234 5.45 23.27 -29.28
N TYR B 235 4.55 22.76 -28.46
CA TYR B 235 4.53 21.32 -28.17
C TYR B 235 3.23 20.60 -28.54
N LYS B 236 2.18 21.34 -28.90
CA LYS B 236 0.80 20.81 -28.95
C LYS B 236 0.58 19.58 -29.85
N SER B 237 1.22 19.57 -31.03
CA SER B 237 1.03 18.52 -32.03
C SER B 237 2.01 17.35 -31.87
N GLN B 238 3.06 17.57 -31.06
CA GLN B 238 4.00 16.52 -30.69
C GLN B 238 3.30 15.51 -29.74
N PHE B 239 2.53 16.04 -28.79
CA PHE B 239 1.67 15.23 -27.93
C PHE B 239 0.66 14.44 -28.75
N GLU B 240 -0.11 15.12 -29.61
CA GLU B 240 -1.06 14.42 -30.48
C GLU B 240 -0.38 13.32 -31.34
N ALA B 241 0.91 13.51 -31.66
CA ALA B 241 1.73 12.50 -32.35
C ALA B 241 2.05 11.28 -31.47
N GLN B 242 2.40 11.53 -30.21
CA GLN B 242 2.60 10.47 -29.22
C GLN B 242 1.30 10.11 -28.47
N LYS B 243 0.13 10.32 -29.08
CA LYS B 243 -1.20 9.96 -28.51
C LYS B 243 -1.53 10.40 -27.05
N ILE B 244 -0.94 11.51 -26.60
CA ILE B 244 -1.15 12.03 -25.25
C ILE B 244 -1.62 13.49 -25.33
N TRP B 245 -1.78 14.18 -24.18
CA TRP B 245 -2.48 15.48 -24.12
C TRP B 245 -2.03 16.30 -22.90
N TYR B 246 -2.14 17.64 -22.97
CA TYR B 246 -1.97 18.53 -21.79
C TYR B 246 -3.27 19.24 -21.36
N GLU B 247 -3.52 19.32 -20.05
CA GLU B 247 -4.67 20.06 -19.53
C GLU B 247 -4.38 20.66 -18.17
N HIS B 248 -5.09 21.74 -17.83
CA HIS B 248 -5.05 22.37 -16.50
C HIS B 248 -6.13 21.70 -15.69
N ARG B 249 -5.86 21.59 -14.39
CA ARG B 249 -6.81 21.07 -13.43
C ARG B 249 -6.67 21.95 -12.22
N LEU B 250 -7.83 22.35 -11.70
CA LEU B 250 -7.90 22.94 -10.39
C LEU B 250 -7.34 21.87 -9.49
N ILE B 251 -6.63 22.32 -8.47
CA ILE B 251 -6.02 21.40 -7.56
C ILE B 251 -7.11 20.49 -6.91
N ASP B 252 -8.23 21.05 -6.47
CA ASP B 252 -9.32 20.22 -5.92
C ASP B 252 -9.71 19.09 -6.86
N ASP B 253 -9.78 19.41 -8.16
CA ASP B 253 -10.11 18.43 -9.19
C ASP B 253 -9.00 17.43 -9.44
N MET B 254 -7.75 17.88 -9.44
CA MET B 254 -6.59 17.03 -9.76
C MET B 254 -6.41 15.88 -8.76
N VAL B 255 -6.39 16.24 -7.49
CA VAL B 255 -6.23 15.31 -6.38
C VAL B 255 -7.29 14.23 -6.41
N ALA B 256 -8.55 14.63 -6.56
CA ALA B 256 -9.64 13.67 -6.55
C ALA B 256 -9.71 12.82 -7.80
N GLN B 257 -9.07 13.27 -8.86
CA GLN B 257 -9.06 12.52 -10.12
C GLN B 257 -7.98 11.50 -10.06
N ALA B 258 -6.79 11.94 -9.66
CA ALA B 258 -5.62 11.08 -9.40
C ALA B 258 -5.97 9.88 -8.53
N MET B 259 -6.51 10.13 -7.34
CA MET B 259 -6.76 9.05 -6.39
C MET B 259 -7.83 7.99 -6.81
N LYS B 260 -8.52 8.21 -7.93
CA LYS B 260 -9.50 7.27 -8.48
C LYS B 260 -9.06 6.84 -9.90
N SER B 261 -7.81 7.13 -10.26
CA SER B 261 -7.25 6.79 -11.57
C SER B 261 -6.35 5.54 -11.55
N GLU B 262 -5.83 5.19 -12.73
CA GLU B 262 -4.87 4.09 -12.85
C GLU B 262 -3.45 4.57 -12.91
N GLY B 263 -3.19 5.81 -12.51
CA GLY B 263 -1.87 6.41 -12.70
C GLY B 263 -1.61 6.63 -14.17
N GLY B 264 -0.36 6.94 -14.50
CA GLY B 264 0.13 7.05 -15.88
C GLY B 264 0.10 8.46 -16.43
N PHE B 265 0.58 9.42 -15.65
CA PHE B 265 0.61 10.83 -16.05
C PHE B 265 1.71 11.63 -15.33
N ILE B 266 2.14 12.71 -15.97
CA ILE B 266 3.07 13.65 -15.34
C ILE B 266 2.21 14.73 -14.70
N TRP B 267 2.71 15.28 -13.60
CA TRP B 267 1.95 16.22 -12.80
C TRP B 267 2.87 17.36 -12.43
N ALA B 268 2.52 18.55 -12.87
CA ALA B 268 3.25 19.73 -12.49
C ALA B 268 2.49 20.34 -11.32
N CYS B 269 3.02 20.24 -10.10
CA CYS B 269 2.32 20.74 -8.90
C CYS B 269 2.83 22.14 -8.62
N LYS B 270 1.93 23.13 -8.64
CA LYS B 270 2.32 24.50 -8.30
C LYS B 270 1.94 24.58 -6.84
N ASN B 271 2.93 24.72 -5.99
CA ASN B 271 2.83 24.35 -4.58
C ASN B 271 3.75 25.28 -3.81
N TYR B 272 3.62 25.27 -2.50
CA TYR B 272 4.50 26.02 -1.64
C TYR B 272 5.66 25.14 -1.15
N ASP B 273 5.38 23.86 -0.92
CA ASP B 273 6.31 22.92 -0.32
C ASP B 273 6.48 21.71 -1.23
N GLY B 274 7.56 21.68 -1.99
CA GLY B 274 7.87 20.53 -2.85
C GLY B 274 8.98 19.67 -2.27
N ASP B 275 8.80 19.28 -1.01
CA ASP B 275 9.71 18.46 -0.26
C ASP B 275 9.02 17.11 -0.10
N VAL B 276 9.73 16.03 -0.44
CA VAL B 276 9.22 14.65 -0.25
C VAL B 276 8.79 14.39 1.18
N GLN B 277 9.58 14.93 2.09
CA GLN B 277 9.46 14.70 3.53
C GLN B 277 8.05 14.94 4.02
N SER B 278 7.45 16.00 3.47
CA SER B 278 6.09 16.48 3.82
C SER B 278 4.97 15.98 2.91
N ASP B 279 5.26 15.06 2.01
CA ASP B 279 4.26 14.54 1.11
C ASP B 279 3.68 13.26 1.71
N SER B 280 2.38 13.28 2.02
CA SER B 280 1.71 12.12 2.60
C SER B 280 1.80 10.89 1.73
N VAL B 281 1.59 11.07 0.43
CA VAL B 281 1.45 9.95 -0.46
C VAL B 281 2.82 9.28 -0.70
N ALA B 282 3.88 10.07 -0.63
CA ALA B 282 5.24 9.59 -0.83
C ALA B 282 5.74 8.83 0.39
N GLN B 283 5.34 9.27 1.58
CA GLN B 283 5.66 8.62 2.85
C GLN B 283 4.68 7.52 3.22
N GLY B 284 3.70 7.25 2.37
CA GLY B 284 2.75 6.17 2.62
C GLY B 284 3.10 4.93 1.85
N TYR B 285 3.97 5.05 0.85
CA TYR B 285 4.24 3.92 -0.01
C TYR B 285 4.82 2.85 0.89
N GLY B 286 5.72 3.27 1.78
CA GLY B 286 6.39 2.40 2.74
C GLY B 286 7.89 2.45 2.53
N SER B 287 8.32 2.20 1.30
CA SER B 287 9.75 2.33 1.04
C SER B 287 10.10 3.64 0.34
N LEU B 288 10.57 4.62 1.10
CA LEU B 288 11.26 5.77 0.52
C LEU B 288 12.46 5.35 -0.31
N GLY B 289 13.00 4.15 -0.02
CA GLY B 289 13.99 3.49 -0.87
C GLY B 289 13.61 3.20 -2.32
N MET B 290 12.33 3.36 -2.64
CA MET B 290 11.82 3.17 -3.98
C MET B 290 11.52 4.49 -4.72
N MET B 291 11.89 5.62 -4.13
CA MET B 291 11.53 6.93 -4.66
C MET B 291 12.70 7.55 -5.41
N THR B 292 12.62 7.55 -6.74
CA THR B 292 13.61 8.22 -7.62
C THR B 292 13.27 9.69 -7.84
N SER B 293 14.26 10.48 -8.24
CA SER B 293 14.07 11.90 -8.51
C SER B 293 15.04 12.29 -9.61
N VAL B 294 14.56 13.06 -10.58
CA VAL B 294 15.32 13.37 -11.79
C VAL B 294 15.14 14.85 -12.11
N LEU B 295 16.24 15.60 -12.14
CA LEU B 295 16.22 16.99 -12.53
C LEU B 295 16.25 17.10 -14.06
N VAL B 296 15.31 17.87 -14.63
CA VAL B 296 15.27 18.15 -16.08
C VAL B 296 15.36 19.63 -16.30
N CYS B 297 16.06 20.01 -17.38
CA CYS B 297 16.19 21.40 -17.76
C CYS B 297 15.22 21.75 -18.88
N PRO B 298 14.93 23.06 -19.06
CA PRO B 298 14.08 23.53 -20.16
C PRO B 298 14.55 23.11 -21.55
N ASP B 299 15.82 23.42 -21.84
CA ASP B 299 16.52 23.02 -23.09
C ASP B 299 16.45 21.53 -23.55
N GLY B 300 16.08 20.59 -22.68
CA GLY B 300 15.90 19.18 -23.07
C GLY B 300 17.17 18.37 -23.00
N LYS B 301 18.32 19.05 -23.06
CA LYS B 301 19.62 18.43 -23.22
C LYS B 301 20.15 17.85 -21.89
N THR B 302 19.69 18.35 -20.75
CA THR B 302 20.39 18.16 -19.48
C THR B 302 19.51 17.44 -18.47
N VAL B 303 20.05 16.37 -17.89
CA VAL B 303 19.33 15.53 -16.93
C VAL B 303 20.29 15.07 -15.85
N GLU B 304 19.92 15.28 -14.59
CA GLU B 304 20.68 14.80 -13.44
C GLU B 304 19.74 14.00 -12.53
N ALA B 305 20.10 12.73 -12.30
CA ALA B 305 19.27 11.80 -11.53
C ALA B 305 19.84 11.59 -10.13
N GLU B 306 18.94 11.29 -9.20
CA GLU B 306 19.34 10.94 -7.85
C GLU B 306 18.24 10.17 -7.09
N ALA B 307 18.43 10.00 -5.78
CA ALA B 307 17.43 9.39 -4.96
C ALA B 307 16.79 10.46 -4.14
N ALA B 308 15.46 10.37 -4.06
CA ALA B 308 14.66 11.28 -3.25
C ALA B 308 14.83 11.06 -1.75
N HIS B 309 15.24 9.84 -1.35
CA HIS B 309 15.57 9.57 0.04
C HIS B 309 16.89 10.24 0.42
N GLY B 310 17.16 10.26 1.72
CA GLY B 310 18.35 10.89 2.29
C GLY B 310 19.50 9.90 2.42
N THR B 311 20.46 10.20 3.30
CA THR B 311 21.65 9.36 3.52
C THR B 311 21.47 8.13 4.39
N VAL B 312 20.26 7.82 4.88
CA VAL B 312 19.95 6.67 5.76
C VAL B 312 20.90 6.52 6.96
N THR B 313 21.10 7.63 7.65
CA THR B 313 21.89 7.71 8.86
C THR B 313 21.64 6.57 9.88
N ARG B 314 20.39 6.29 10.22
CA ARG B 314 20.12 5.26 11.24
C ARG B 314 20.74 3.92 10.80
N HIS B 315 20.67 3.64 9.49
CA HIS B 315 21.36 2.48 8.88
C HIS B 315 22.90 2.61 8.86
N TYR B 316 23.42 3.81 8.65
CA TYR B 316 24.86 4.07 8.64
C TYR B 316 25.50 3.75 9.99
N ARG B 317 24.82 4.10 11.07
CA ARG B 317 25.31 3.87 12.43
C ARG B 317 25.36 2.37 12.73
N MET B 318 24.39 1.64 12.15
CA MET B 318 24.39 0.18 12.19
C MET B 318 25.49 -0.44 11.32
N TYR B 319 25.82 0.22 10.22
CA TYR B 319 26.96 -0.18 9.39
C TYR B 319 28.28 -0.07 10.19
N GLN B 320 28.48 1.10 10.84
CA GLN B 320 29.69 1.45 11.60
C GLN B 320 29.97 0.50 12.73
N LYS B 321 28.94 -0.12 13.28
CA LYS B 321 29.11 -1.03 14.40
C LYS B 321 29.14 -2.51 14.01
N GLY B 322 29.18 -2.81 12.71
CA GLY B 322 29.18 -4.19 12.26
C GLY B 322 27.83 -4.88 12.34
N GLN B 323 26.76 -4.12 12.56
CA GLN B 323 25.41 -4.68 12.72
C GLN B 323 24.73 -4.79 11.37
N GLU B 324 24.05 -5.90 11.14
CA GLU B 324 23.35 -6.17 9.87
C GLU B 324 22.40 -5.02 9.52
N THR B 325 22.51 -4.52 8.27
CA THR B 325 21.63 -3.48 7.73
C THR B 325 20.86 -4.00 6.51
N SER B 326 19.71 -3.36 6.20
CA SER B 326 18.90 -3.75 5.02
C SER B 326 18.41 -2.53 4.31
N THR B 327 19.34 -1.92 3.58
CA THR B 327 19.15 -0.63 2.99
C THR B 327 18.81 -0.88 1.53
N ASN B 328 17.66 -0.36 1.13
CA ASN B 328 17.09 -0.53 -0.20
C ASN B 328 17.82 0.39 -1.17
N PRO B 329 18.56 -0.17 -2.15
CA PRO B 329 19.35 0.64 -3.05
C PRO B 329 18.67 1.01 -4.37
N ILE B 330 17.40 0.66 -4.57
CA ILE B 330 16.76 0.81 -5.88
C ILE B 330 16.85 2.26 -6.37
N ALA B 331 16.39 3.20 -5.56
CA ALA B 331 16.46 4.61 -5.96
C ALA B 331 17.86 4.96 -6.45
N SER B 332 18.86 4.54 -5.70
CA SER B 332 20.25 4.77 -6.07
C SER B 332 20.61 4.03 -7.36
N ILE B 333 20.12 2.81 -7.58
CA ILE B 333 20.39 2.08 -8.84
C ILE B 333 19.82 2.89 -10.00
N PHE B 334 18.59 3.34 -9.78
CA PHE B 334 17.82 4.11 -10.74
C PHE B 334 18.38 5.50 -11.02
N ALA B 335 19.09 6.09 -10.06
CA ALA B 335 19.88 7.27 -10.37
C ALA B 335 20.80 6.95 -11.54
N TRP B 336 21.47 5.81 -11.48
CA TRP B 336 22.41 5.44 -12.52
C TRP B 336 21.77 5.08 -13.87
N THR B 337 20.67 4.33 -13.84
CA THR B 337 20.01 3.91 -15.08
C THR B 337 19.35 5.09 -15.81
N ARG B 338 18.79 6.01 -15.04
CA ARG B 338 18.27 7.24 -15.60
C ARG B 338 19.41 8.03 -16.25
N GLY B 339 20.55 8.12 -15.55
CA GLY B 339 21.69 8.88 -16.04
C GLY B 339 22.27 8.28 -17.31
N LEU B 340 22.23 6.97 -17.41
CA LEU B 340 22.85 6.28 -18.52
C LEU B 340 21.90 6.18 -19.67
N ALA B 341 20.63 5.92 -19.41
CA ALA B 341 19.65 5.85 -20.49
C ALA B 341 19.59 7.21 -21.26
N HIS B 342 19.74 8.32 -20.52
CA HIS B 342 19.85 9.67 -21.08
C HIS B 342 21.12 9.87 -21.91
N ARG B 343 22.28 9.60 -21.30
CA ARG B 343 23.58 9.55 -21.99
C ARG B 343 23.52 8.70 -23.26
N ALA B 344 22.78 7.59 -23.21
CA ALA B 344 22.57 6.75 -24.39
C ALA B 344 21.78 7.46 -25.49
N LYS B 345 20.79 8.28 -25.14
CA LYS B 345 20.06 9.08 -26.15
C LYS B 345 20.88 10.23 -26.72
N LEU B 346 21.65 10.92 -25.87
CA LEU B 346 22.62 11.90 -26.34
C LEU B 346 23.65 11.28 -27.27
N ASP B 347 24.35 10.26 -26.81
CA ASP B 347 25.32 9.58 -27.65
C ASP B 347 24.69 8.71 -28.76
N ASN B 348 23.36 8.52 -28.68
CA ASN B 348 22.62 7.56 -29.50
C ASN B 348 23.23 6.17 -29.36
N ASN B 349 23.75 5.89 -28.16
CA ASN B 349 24.54 4.71 -27.89
C ASN B 349 23.54 3.63 -27.54
N LYS B 350 23.14 2.86 -28.55
CA LYS B 350 22.18 1.74 -28.36
C LYS B 350 22.62 0.65 -27.37
N GLU B 351 23.93 0.45 -27.25
CA GLU B 351 24.49 -0.61 -26.40
C GLU B 351 24.28 -0.21 -24.95
N LEU B 352 24.49 1.08 -24.66
CA LEU B 352 24.29 1.61 -23.32
C LEU B 352 22.82 1.67 -22.95
N ALA B 353 21.97 2.11 -23.88
CA ALA B 353 20.50 2.11 -23.71
C ALA B 353 19.96 0.79 -23.19
N PHE B 354 20.41 -0.30 -23.82
CA PHE B 354 19.95 -1.62 -23.44
C PHE B 354 20.38 -1.98 -21.99
N PHE B 355 21.62 -1.62 -21.64
CA PHE B 355 22.13 -1.78 -20.27
C PHE B 355 21.28 -1.01 -19.24
N ALA B 356 20.90 0.21 -19.56
CA ALA B 356 20.07 0.99 -18.65
C ALA B 356 18.70 0.33 -18.47
N ASN B 357 18.02 -0.05 -19.56
CA ASN B 357 16.76 -0.79 -19.42
C ASN B 357 16.93 -2.20 -18.80
N ALA B 358 18.06 -2.86 -19.07
CA ALA B 358 18.29 -4.17 -18.49
C ALA B 358 18.30 -4.13 -16.96
N LEU B 359 18.99 -3.14 -16.39
CA LEU B 359 19.20 -3.10 -14.94
C LEU B 359 17.94 -2.75 -14.13
N GLU B 360 16.99 -2.09 -14.77
CA GLU B 360 15.72 -1.75 -14.12
C GLU B 360 14.85 -3.01 -14.09
N GLU B 361 14.68 -3.63 -15.26
CA GLU B 361 13.94 -4.89 -15.37
C GLU B 361 14.44 -5.95 -14.37
N VAL B 362 15.75 -5.97 -14.12
CA VAL B 362 16.39 -6.89 -13.17
C VAL B 362 16.02 -6.53 -11.73
N SER B 363 16.33 -5.29 -11.39
CA SER B 363 15.89 -4.67 -10.14
C SER B 363 14.42 -4.99 -9.83
N ILE B 364 13.53 -4.79 -10.82
CA ILE B 364 12.11 -5.11 -10.66
C ILE B 364 11.86 -6.62 -10.46
N GLU B 365 12.33 -7.42 -11.42
CA GLU B 365 12.11 -8.88 -11.43
C GLU B 365 12.55 -9.60 -10.17
N THR B 366 13.71 -9.19 -9.66
CA THR B 366 14.23 -9.61 -8.37
C THR B 366 13.18 -9.47 -7.29
N ILE B 367 12.58 -8.30 -7.19
CA ILE B 367 11.60 -8.00 -6.14
C ILE B 367 10.26 -8.69 -6.46
N GLU B 368 9.89 -8.77 -7.72
CA GLU B 368 8.64 -9.45 -8.07
C GLU B 368 8.78 -10.94 -7.79
N ALA B 369 9.96 -11.49 -8.03
CA ALA B 369 10.30 -12.87 -7.67
C ALA B 369 10.19 -13.13 -6.18
N GLY B 370 10.48 -12.11 -5.39
CA GLY B 370 10.27 -12.17 -3.94
C GLY B 370 11.51 -12.06 -3.10
N PHE B 371 12.57 -11.49 -3.68
CA PHE B 371 13.82 -11.22 -3.01
C PHE B 371 13.93 -9.72 -2.85
N MET B 372 13.95 -9.22 -1.61
CA MET B 372 13.93 -7.76 -1.34
C MET B 372 14.51 -7.43 0.03
N THR B 373 14.57 -6.14 0.36
CA THR B 373 15.04 -5.67 1.67
C THR B 373 13.89 -5.50 2.68
N LYS B 374 14.23 -5.10 3.90
CA LYS B 374 13.32 -5.22 5.01
C LYS B 374 12.13 -4.28 4.89
N ASP B 375 12.41 -3.04 4.47
CA ASP B 375 11.35 -2.07 4.14
C ASP B 375 10.33 -2.69 3.19
N LEU B 376 10.79 -3.23 2.07
CA LEU B 376 9.88 -3.80 1.10
C LEU B 376 9.07 -4.98 1.63
N ALA B 377 9.71 -5.82 2.43
CA ALA B 377 9.01 -6.90 3.12
C ALA B 377 7.95 -6.42 4.05
N ALA B 378 8.21 -5.31 4.72
CA ALA B 378 7.26 -4.74 5.64
C ALA B 378 5.99 -4.27 4.94
N CYS B 379 6.15 -3.59 3.79
CA CYS B 379 5.02 -3.23 2.94
C CYS B 379 4.11 -4.40 2.58
N ILE B 380 4.65 -5.57 2.29
CA ILE B 380 3.83 -6.75 1.97
C ILE B 380 3.18 -7.36 3.19
N LYS B 381 3.91 -7.54 4.28
CA LYS B 381 3.38 -8.26 5.48
C LYS B 381 2.89 -7.37 6.62
N GLY B 382 3.72 -6.39 6.98
CA GLY B 382 3.54 -5.56 8.17
C GLY B 382 4.79 -5.75 9.02
N LEU B 383 5.41 -4.64 9.43
CA LEU B 383 6.68 -4.71 10.18
C LEU B 383 6.64 -5.70 11.35
N PRO B 384 5.51 -5.78 12.07
CA PRO B 384 5.40 -6.80 13.12
C PRO B 384 5.53 -8.25 12.67
N ASN B 385 5.07 -8.57 11.47
CA ASN B 385 5.05 -9.94 10.96
C ASN B 385 6.31 -10.34 10.20
N VAL B 386 7.35 -9.51 10.26
CA VAL B 386 8.44 -9.68 9.34
C VAL B 386 9.56 -10.48 10.03
N GLN B 387 9.78 -11.69 9.55
CA GLN B 387 10.91 -12.52 9.94
C GLN B 387 12.11 -12.25 9.06
N ARG B 388 13.28 -12.51 9.62
CA ARG B 388 14.53 -12.43 8.89
C ARG B 388 14.48 -13.19 7.56
N SER B 389 13.86 -14.37 7.55
CA SER B 389 13.71 -15.17 6.34
C SER B 389 12.83 -14.52 5.29
N ASP B 390 12.11 -13.47 5.64
CA ASP B 390 11.33 -12.74 4.65
C ASP B 390 12.14 -11.85 3.68
N TYR B 391 13.40 -11.52 4.00
CA TYR B 391 14.14 -10.47 3.26
C TYR B 391 15.66 -10.65 3.25
N LEU B 392 16.34 -9.99 2.32
CA LEU B 392 17.79 -10.02 2.22
C LEU B 392 18.40 -8.80 2.90
N ASN B 393 19.63 -8.90 3.38
CA ASN B 393 20.34 -7.73 3.92
C ASN B 393 20.99 -6.97 2.79
N THR B 394 21.48 -5.77 3.10
CA THR B 394 22.13 -4.87 2.13
C THR B 394 23.05 -5.60 1.11
N PHE B 395 23.85 -6.56 1.61
CA PHE B 395 24.80 -7.24 0.75
C PHE B 395 24.21 -8.39 -0.07
N GLU B 396 23.27 -9.10 0.56
CA GLU B 396 22.71 -10.28 -0.09
C GLU B 396 21.90 -9.85 -1.29
N PHE B 397 21.11 -8.79 -1.10
CA PHE B 397 20.32 -8.17 -2.17
C PHE B 397 21.16 -7.69 -3.36
N MET B 398 22.35 -7.16 -3.08
CA MET B 398 23.23 -6.74 -4.16
C MET B 398 23.73 -7.91 -4.97
N ASP B 399 24.23 -8.91 -4.25
CA ASP B 399 24.79 -10.08 -4.91
C ASP B 399 23.71 -10.76 -5.77
N LYS B 400 22.45 -10.65 -5.35
CA LYS B 400 21.33 -11.29 -6.05
C LYS B 400 20.98 -10.53 -7.32
N LEU B 401 21.07 -9.20 -7.26
CA LEU B 401 20.96 -8.37 -8.44
C LEU B 401 22.13 -8.62 -9.37
N GLY B 402 23.34 -8.54 -8.80
CA GLY B 402 24.57 -8.78 -9.56
C GLY B 402 24.45 -10.07 -10.33
N GLU B 403 24.07 -11.14 -9.61
CA GLU B 403 23.74 -12.46 -10.19
C GLU B 403 22.70 -12.37 -11.32
N ASN B 404 21.53 -11.78 -11.03
CA ASN B 404 20.45 -11.58 -12.04
C ASN B 404 20.87 -10.68 -13.24
N LEU B 405 21.72 -9.67 -12.98
CA LEU B 405 22.26 -8.82 -14.05
C LEU B 405 23.10 -9.64 -15.02
N LYS B 406 24.11 -10.33 -14.51
CA LYS B 406 24.92 -11.28 -15.29
C LYS B 406 24.06 -12.18 -16.20
N ILE B 407 23.05 -12.84 -15.63
CA ILE B 407 22.20 -13.81 -16.38
C ILE B 407 21.36 -13.13 -17.48
N LYS B 408 20.80 -11.96 -17.16
CA LYS B 408 20.05 -11.16 -18.13
C LYS B 408 20.92 -10.69 -19.30
N LEU B 409 22.12 -10.21 -18.99
CA LEU B 409 23.06 -9.74 -20.01
C LEU B 409 23.45 -10.89 -20.96
N ALA B 410 23.71 -12.06 -20.38
CA ALA B 410 24.10 -13.25 -21.13
C ALA B 410 23.06 -13.62 -22.18
N GLN B 411 21.82 -13.77 -21.74
CA GLN B 411 20.73 -14.19 -22.62
C GLN B 411 20.48 -13.20 -23.77
N ALA B 412 20.84 -11.92 -23.57
CA ALA B 412 20.79 -10.93 -24.65
C ALA B 412 21.76 -11.28 -25.81
N LYS B 413 23.06 -11.38 -25.52
CA LYS B 413 24.07 -11.86 -26.50
C LYS B 413 23.53 -12.95 -27.47
N LEU B 414 22.79 -13.92 -26.91
CA LEU B 414 22.25 -15.06 -27.64
C LEU B 414 20.96 -14.72 -28.39
N LYS C 4 26.61 -31.60 -19.68
CA LYS C 4 26.80 -30.42 -18.75
C LYS C 4 25.54 -29.54 -18.68
N ILE C 5 25.07 -29.25 -17.45
CA ILE C 5 23.95 -28.34 -17.16
C ILE C 5 24.02 -28.00 -15.66
N SER C 6 23.75 -26.75 -15.27
CA SER C 6 23.73 -26.37 -13.84
C SER C 6 22.31 -26.12 -13.32
N GLY C 7 22.17 -26.25 -11.99
CA GLY C 7 20.94 -25.95 -11.25
C GLY C 7 21.35 -25.21 -9.99
N GLY C 8 20.45 -25.12 -9.02
CA GLY C 8 20.58 -24.10 -7.98
C GLY C 8 21.06 -24.60 -6.65
N SER C 9 20.88 -23.75 -5.63
CA SER C 9 20.98 -24.15 -4.22
C SER C 9 19.66 -24.84 -3.80
N VAL C 10 19.58 -26.16 -4.03
CA VAL C 10 18.41 -27.01 -3.71
C VAL C 10 18.53 -27.51 -2.28
N VAL C 11 17.42 -27.83 -1.64
CA VAL C 11 17.46 -28.52 -0.34
C VAL C 11 17.04 -29.96 -0.59
N GLU C 12 17.97 -30.92 -0.42
CA GLU C 12 17.67 -32.37 -0.59
C GLU C 12 17.40 -33.02 0.75
N MET C 13 16.66 -34.13 0.68
CA MET C 13 15.91 -34.61 1.81
C MET C 13 15.76 -36.14 1.75
N GLN C 14 16.85 -36.80 2.21
CA GLN C 14 16.98 -38.25 2.15
C GLN C 14 16.13 -38.96 3.23
N GLY C 15 15.44 -40.02 2.84
CA GLY C 15 14.38 -40.57 3.68
C GLY C 15 14.72 -41.89 4.33
N ASP C 16 13.89 -42.91 4.07
CA ASP C 16 13.93 -44.18 4.77
C ASP C 16 13.62 -45.34 3.84
N GLU C 17 14.00 -46.53 4.30
CA GLU C 17 13.57 -47.81 3.76
C GLU C 17 13.66 -47.82 2.24
N MET C 18 12.64 -48.30 1.55
CA MET C 18 12.78 -48.52 0.10
C MET C 18 12.75 -47.21 -0.71
N THR C 19 12.16 -46.16 -0.15
CA THR C 19 12.20 -44.89 -0.82
C THR C 19 13.61 -44.31 -0.81
N ARG C 20 14.36 -44.56 0.27
CA ARG C 20 15.74 -44.10 0.34
C ARG C 20 16.60 -44.88 -0.67
N ILE C 21 16.37 -46.18 -0.82
CA ILE C 21 17.16 -46.94 -1.80
C ILE C 21 16.84 -46.33 -3.16
N ILE C 22 15.55 -46.26 -3.47
CA ILE C 22 15.04 -45.63 -4.71
C ILE C 22 15.59 -44.22 -4.93
N TRP C 23 15.46 -43.39 -3.91
CA TRP C 23 16.04 -42.04 -3.87
C TRP C 23 17.41 -41.91 -4.54
N GLU C 24 18.30 -42.81 -4.13
CA GLU C 24 19.71 -42.74 -4.49
C GLU C 24 19.98 -43.26 -5.89
N LEU C 25 19.06 -44.02 -6.47
CA LEU C 25 19.25 -44.57 -7.83
C LEU C 25 19.00 -43.54 -8.90
N ILE C 26 17.89 -42.79 -8.73
CA ILE C 26 17.53 -41.69 -9.66
C ILE C 26 18.66 -40.69 -9.59
N LYS C 27 18.96 -40.32 -8.35
CA LYS C 27 20.07 -39.45 -8.01
C LYS C 27 21.42 -39.91 -8.57
N GLU C 28 21.50 -41.14 -9.07
CA GLU C 28 22.69 -41.67 -9.71
C GLU C 28 22.46 -41.78 -11.19
N LYS C 29 21.51 -42.61 -11.62
CA LYS C 29 21.42 -42.93 -13.06
C LYS C 29 20.81 -41.82 -13.92
N LEU C 30 19.98 -40.95 -13.31
CA LEU C 30 19.14 -40.02 -14.07
C LEU C 30 19.41 -38.50 -13.85
N ILE C 31 19.84 -38.11 -12.65
CA ILE C 31 20.13 -36.71 -12.31
C ILE C 31 21.58 -36.31 -12.64
N PHE C 32 22.53 -36.82 -11.85
CA PHE C 32 23.93 -36.32 -11.86
C PHE C 32 24.75 -36.47 -13.16
N PRO C 33 24.43 -37.50 -13.97
CA PRO C 33 25.08 -37.68 -15.28
C PRO C 33 24.88 -36.55 -16.28
N TYR C 34 23.69 -35.96 -16.30
CA TYR C 34 23.37 -34.90 -17.22
C TYR C 34 23.24 -33.52 -16.52
N VAL C 35 23.15 -33.53 -15.19
CA VAL C 35 22.85 -32.31 -14.43
C VAL C 35 23.77 -32.11 -13.22
N GLU C 36 24.55 -31.03 -13.28
CA GLU C 36 25.47 -30.62 -12.21
C GLU C 36 24.69 -29.76 -11.18
N LEU C 37 24.59 -30.23 -9.93
CA LEU C 37 23.87 -29.49 -8.88
C LEU C 37 24.70 -29.32 -7.62
N ASP C 38 24.35 -28.30 -6.84
CA ASP C 38 24.95 -28.09 -5.51
C ASP C 38 23.85 -27.96 -4.46
N LEU C 39 23.79 -28.98 -3.60
CA LEU C 39 22.67 -29.23 -2.71
C LEU C 39 22.87 -28.60 -1.34
N HIS C 40 21.91 -28.85 -0.45
CA HIS C 40 22.01 -28.48 0.97
C HIS C 40 21.31 -29.62 1.71
N SER C 41 22.00 -30.77 1.79
CA SER C 41 21.37 -32.05 2.20
C SER C 41 21.21 -32.23 3.70
N TYR C 42 19.99 -32.56 4.10
CA TYR C 42 19.66 -32.90 5.48
C TYR C 42 19.16 -34.34 5.49
N ASP C 43 19.36 -34.99 6.63
CA ASP C 43 18.97 -36.38 6.81
C ASP C 43 17.60 -36.34 7.44
N LEU C 44 16.62 -36.89 6.75
CA LEU C 44 15.31 -37.09 7.35
C LEU C 44 15.11 -38.56 7.68
N GLY C 45 16.20 -39.33 7.58
CA GLY C 45 16.22 -40.70 8.08
C GLY C 45 15.88 -40.74 9.55
N ILE C 46 14.90 -41.59 9.89
CA ILE C 46 14.48 -41.84 11.29
C ILE C 46 15.66 -41.87 12.26
N GLU C 47 16.72 -42.59 11.88
CA GLU C 47 17.91 -42.87 12.71
C GLU C 47 18.38 -41.65 13.49
N ASN C 48 18.60 -40.60 12.72
CA ASN C 48 19.23 -39.38 13.20
C ASN C 48 18.30 -38.48 14.00
N ARG C 49 17.00 -38.54 13.72
CA ARG C 49 16.06 -37.63 14.35
C ARG C 49 15.85 -37.99 15.84
N ASP C 50 16.01 -39.28 16.19
CA ASP C 50 15.83 -39.74 17.58
C ASP C 50 16.98 -39.34 18.52
N ALA C 51 18.20 -39.32 17.98
CA ALA C 51 19.36 -38.77 18.69
C ALA C 51 19.23 -37.24 18.86
N THR C 52 18.89 -36.54 17.76
CA THR C 52 18.63 -35.07 17.79
C THR C 52 17.34 -34.65 18.53
N ASN C 53 16.55 -35.64 18.99
CA ASN C 53 15.28 -35.41 19.67
C ASN C 53 14.37 -34.56 18.77
N ASP C 54 14.18 -35.06 17.53
CA ASP C 54 13.38 -34.43 16.43
C ASP C 54 13.78 -32.99 16.04
N GLN C 55 15.03 -32.59 16.32
CA GLN C 55 15.47 -31.19 16.08
C GLN C 55 15.99 -30.96 14.65
N VAL C 56 16.50 -32.01 13.98
CA VAL C 56 16.87 -31.90 12.54
C VAL C 56 15.67 -31.62 11.68
N THR C 57 14.51 -32.08 12.12
CA THR C 57 13.25 -31.87 11.42
C THR C 57 12.88 -30.37 11.35
N LYS C 58 13.14 -29.64 12.43
CA LYS C 58 12.93 -28.17 12.48
C LYS C 58 14.01 -27.41 11.69
N ASP C 59 15.27 -27.82 11.89
CA ASP C 59 16.43 -27.27 11.18
C ASP C 59 16.30 -27.45 9.65
N ALA C 60 15.86 -28.63 9.23
CA ALA C 60 15.55 -28.92 7.84
C ALA C 60 14.58 -27.90 7.25
N ALA C 61 13.45 -27.72 7.94
CA ALA C 61 12.35 -26.86 7.47
C ALA C 61 12.82 -25.43 7.26
N GLU C 62 13.58 -24.90 8.23
CA GLU C 62 14.05 -23.50 8.18
C GLU C 62 15.01 -23.19 7.03
N ALA C 63 15.67 -24.20 6.50
CA ALA C 63 16.49 -24.07 5.28
C ALA C 63 15.63 -24.04 4.03
N ILE C 64 14.38 -24.50 4.13
CA ILE C 64 13.42 -24.40 3.03
C ILE C 64 12.98 -22.94 2.92
N LYS C 65 12.68 -22.33 4.07
CA LYS C 65 12.39 -20.87 4.15
C LYS C 65 13.50 -20.10 3.45
N LYS C 66 14.75 -20.38 3.85
CA LYS C 66 15.95 -19.62 3.46
C LYS C 66 16.62 -20.02 2.12
N HIS C 67 16.06 -20.99 1.39
CA HIS C 67 16.54 -21.32 0.03
C HIS C 67 15.44 -21.56 -1.01
N ASN C 68 14.22 -21.78 -0.54
CA ASN C 68 13.01 -21.71 -1.35
C ASN C 68 12.76 -22.96 -2.27
N VAL C 69 13.46 -24.06 -2.00
CA VAL C 69 13.19 -25.35 -2.70
C VAL C 69 13.41 -26.48 -1.71
N GLY C 70 12.69 -27.59 -1.93
CA GLY C 70 12.95 -28.84 -1.22
C GLY C 70 12.50 -30.01 -2.06
N VAL C 71 13.42 -30.82 -2.55
CA VAL C 71 13.04 -32.16 -3.03
C VAL C 71 13.07 -33.05 -1.81
N LYS C 72 12.28 -34.14 -1.79
CA LYS C 72 12.13 -34.96 -0.59
C LYS C 72 11.66 -36.39 -0.86
N CYS C 73 12.29 -37.32 -0.14
CA CYS C 73 11.97 -38.75 -0.17
C CYS C 73 11.12 -39.07 1.04
N ALA C 74 10.23 -40.02 0.89
CA ALA C 74 9.31 -40.33 1.97
C ALA C 74 9.99 -40.89 3.23
N THR C 75 9.58 -40.36 4.38
CA THR C 75 10.24 -40.55 5.66
C THR C 75 9.43 -41.55 6.46
N ILE C 76 9.72 -41.77 7.74
CA ILE C 76 8.93 -42.66 8.62
C ILE C 76 8.28 -41.85 9.74
N THR C 77 6.98 -42.07 9.97
CA THR C 77 6.29 -41.50 11.14
C THR C 77 6.26 -42.57 12.24
N PRO C 78 6.90 -42.26 13.40
CA PRO C 78 6.82 -43.00 14.66
C PRO C 78 5.46 -43.56 15.03
N ASP C 79 5.50 -44.61 15.83
CA ASP C 79 4.35 -45.43 16.13
C ASP C 79 4.75 -46.44 17.21
N GLU C 80 3.87 -46.70 18.19
CA GLU C 80 4.20 -47.55 19.37
C GLU C 80 4.85 -48.92 19.05
N LYS C 81 4.63 -49.45 17.84
CA LYS C 81 5.42 -50.57 17.31
C LYS C 81 6.83 -50.13 16.83
N ARG C 82 6.92 -49.00 16.11
CA ARG C 82 8.22 -48.41 15.73
C ARG C 82 9.00 -47.79 16.91
N VAL C 83 8.32 -47.56 18.05
CA VAL C 83 8.96 -47.12 19.31
C VAL C 83 9.96 -48.20 19.76
N GLU C 84 9.43 -49.39 19.99
CA GLU C 84 10.22 -50.54 20.42
C GLU C 84 11.17 -51.08 19.31
N GLU C 85 10.88 -50.80 18.03
CA GLU C 85 11.75 -51.25 16.92
C GLU C 85 13.10 -50.56 16.91
N PHE C 86 13.10 -49.26 17.11
CA PHE C 86 14.32 -48.43 17.08
C PHE C 86 14.66 -47.82 18.44
N LYS C 87 13.97 -48.25 19.50
CA LYS C 87 14.25 -47.84 20.88
C LYS C 87 14.44 -46.33 21.03
N LEU C 88 13.34 -45.58 20.97
CA LEU C 88 13.39 -44.11 20.84
C LEU C 88 12.91 -43.37 22.10
N LYS C 89 13.57 -42.24 22.42
CA LYS C 89 13.24 -41.36 23.56
C LYS C 89 11.75 -41.19 23.79
N GLN C 90 11.03 -40.89 22.71
CA GLN C 90 9.58 -40.87 22.71
C GLN C 90 9.06 -41.01 21.26
N MET C 91 7.74 -40.89 21.08
CA MET C 91 7.12 -41.00 19.76
C MET C 91 7.09 -39.63 19.11
N TRP C 92 7.91 -39.43 18.07
CA TRP C 92 8.12 -38.09 17.49
C TRP C 92 7.14 -37.80 16.34
N LYS C 93 7.13 -36.57 15.84
CA LYS C 93 6.11 -36.13 14.89
C LYS C 93 6.51 -36.31 13.43
N SER C 94 5.47 -36.37 12.60
CA SER C 94 5.59 -36.52 11.15
C SER C 94 6.35 -35.35 10.54
N PRO C 95 7.57 -35.59 10.00
CA PRO C 95 8.29 -34.49 9.35
C PRO C 95 7.46 -33.72 8.34
N ASN C 96 6.58 -34.42 7.61
CA ASN C 96 5.64 -33.73 6.74
C ASN C 96 4.73 -32.76 7.50
N GLY C 97 4.25 -33.21 8.67
CA GLY C 97 3.51 -32.35 9.62
C GLY C 97 4.26 -31.13 10.10
N THR C 98 5.43 -31.33 10.71
CA THR C 98 6.25 -30.20 11.21
C THR C 98 6.73 -29.25 10.10
N ILE C 99 7.25 -29.79 8.99
CA ILE C 99 7.64 -28.95 7.83
C ILE C 99 6.46 -28.10 7.33
N ARG C 100 5.26 -28.65 7.46
CA ARG C 100 4.01 -27.95 7.20
C ARG C 100 3.74 -26.81 8.21
N ASN C 101 3.53 -27.16 9.49
CA ASN C 101 3.09 -26.23 10.56
C ASN C 101 3.92 -24.94 10.71
N ILE C 102 5.24 -25.11 10.74
CA ILE C 102 6.18 -23.99 10.92
C ILE C 102 6.36 -23.17 9.62
N LEU C 103 6.38 -23.86 8.48
CA LEU C 103 6.71 -23.27 7.18
C LEU C 103 5.50 -22.58 6.58
N GLY C 104 4.34 -23.25 6.60
CA GLY C 104 3.11 -22.70 6.00
C GLY C 104 3.05 -22.98 4.50
N GLY C 105 1.85 -23.24 3.97
CA GLY C 105 1.71 -23.85 2.65
C GLY C 105 0.70 -24.98 2.60
N THR C 106 0.54 -25.55 1.42
CA THR C 106 -0.65 -26.31 1.07
C THR C 106 -0.25 -27.42 0.10
N VAL C 107 -0.70 -28.65 0.36
CA VAL C 107 -0.15 -29.80 -0.33
C VAL C 107 -1.06 -30.30 -1.44
N PHE C 108 -0.47 -30.41 -2.63
CA PHE C 108 -1.16 -30.71 -3.87
C PHE C 108 -0.71 -32.01 -4.53
N ARG C 109 -1.64 -32.96 -4.72
CA ARG C 109 -1.32 -34.28 -5.33
C ARG C 109 -1.90 -34.45 -6.72
N GLU C 110 -1.35 -35.43 -7.45
CA GLU C 110 -1.65 -35.63 -8.87
C GLU C 110 -1.13 -36.94 -9.45
N ALA C 111 -2.01 -37.88 -9.76
CA ALA C 111 -1.63 -39.10 -10.49
C ALA C 111 -0.94 -38.81 -11.84
N ILE C 112 0.21 -39.42 -12.08
CA ILE C 112 0.85 -39.37 -13.39
C ILE C 112 0.08 -40.34 -14.27
N ILE C 113 -0.33 -39.84 -15.44
CA ILE C 113 -1.26 -40.54 -16.32
C ILE C 113 -0.45 -41.15 -17.45
N CYS C 114 -0.85 -42.32 -17.90
CA CYS C 114 -0.17 -42.98 -19.00
C CYS C 114 -1.23 -43.61 -19.86
N LYS C 115 -1.08 -43.45 -21.16
CA LYS C 115 -2.02 -43.95 -22.16
C LYS C 115 -2.43 -45.43 -21.98
N ASN C 116 -1.50 -46.31 -21.62
CA ASN C 116 -1.82 -47.75 -21.47
C ASN C 116 -2.23 -48.22 -20.05
N ILE C 117 -2.31 -47.30 -19.09
CA ILE C 117 -2.75 -47.56 -17.70
C ILE C 117 -4.25 -47.24 -17.45
N PRO C 118 -5.14 -48.26 -17.41
CA PRO C 118 -6.58 -48.05 -17.24
C PRO C 118 -6.96 -47.06 -16.16
N ARG C 119 -7.91 -46.20 -16.50
CA ARG C 119 -8.30 -45.09 -15.63
C ARG C 119 -9.72 -45.35 -15.13
N LEU C 120 -10.01 -44.92 -13.90
CA LEU C 120 -11.35 -45.03 -13.30
C LEU C 120 -12.39 -44.36 -14.17
N VAL C 121 -12.20 -43.06 -14.39
CA VAL C 121 -13.05 -42.29 -15.24
C VAL C 121 -12.37 -42.36 -16.60
N SER C 122 -12.95 -43.15 -17.48
CA SER C 122 -12.45 -43.28 -18.84
C SER C 122 -12.42 -41.93 -19.57
N GLY C 123 -13.19 -40.95 -19.10
CA GLY C 123 -13.17 -39.58 -19.63
C GLY C 123 -11.97 -38.72 -19.25
N TRP C 124 -11.39 -38.93 -18.05
CA TRP C 124 -10.30 -38.06 -17.56
C TRP C 124 -9.05 -38.15 -18.45
N VAL C 125 -8.79 -37.05 -19.17
CA VAL C 125 -7.66 -36.92 -20.11
C VAL C 125 -6.67 -35.80 -19.69
N LYS C 126 -7.01 -35.03 -18.66
CA LYS C 126 -6.27 -33.80 -18.30
C LYS C 126 -6.03 -33.71 -16.80
N PRO C 127 -4.93 -33.03 -16.38
CA PRO C 127 -4.54 -32.93 -14.98
C PRO C 127 -5.70 -32.70 -14.03
N ILE C 128 -5.87 -33.57 -13.03
CA ILE C 128 -6.73 -33.27 -11.89
C ILE C 128 -5.79 -33.16 -10.74
N ILE C 129 -5.81 -32.01 -10.07
CA ILE C 129 -4.81 -31.67 -9.07
C ILE C 129 -5.48 -31.19 -7.79
N ILE C 130 -5.54 -32.06 -6.78
CA ILE C 130 -6.30 -31.82 -5.54
C ILE C 130 -5.35 -31.33 -4.48
N GLY C 131 -5.75 -30.26 -3.80
CA GLY C 131 -5.03 -29.77 -2.64
C GLY C 131 -5.89 -29.95 -1.41
N HIS C 132 -5.33 -29.76 -0.21
CA HIS C 132 -6.08 -29.87 1.04
C HIS C 132 -5.68 -28.81 2.04
N HIS C 133 -6.60 -28.43 2.91
CA HIS C 133 -6.34 -27.36 3.86
C HIS C 133 -5.52 -27.92 4.96
N ALA C 134 -4.23 -27.62 4.90
CA ALA C 134 -3.24 -27.98 5.92
C ALA C 134 -3.36 -29.46 6.31
N TYR C 135 -3.03 -30.32 5.34
CA TYR C 135 -3.09 -31.77 5.48
C TYR C 135 -4.44 -32.26 6.09
N GLY C 136 -5.57 -31.68 5.67
CA GLY C 136 -6.88 -32.02 6.25
C GLY C 136 -7.17 -31.38 7.61
N ASP C 137 -8.40 -31.53 8.08
CA ASP C 137 -8.89 -30.87 9.32
C ASP C 137 -8.80 -31.73 10.57
N GLN C 138 -8.86 -33.04 10.40
CA GLN C 138 -8.82 -34.02 11.50
C GLN C 138 -7.63 -33.85 12.46
N TYR C 139 -6.56 -33.20 12.01
CA TYR C 139 -5.37 -33.00 12.86
C TYR C 139 -5.55 -31.91 13.91
N ARG C 140 -6.53 -31.03 13.73
CA ARG C 140 -6.80 -29.96 14.70
C ARG C 140 -7.74 -30.43 15.81
N ALA C 141 -8.31 -31.62 15.64
CA ALA C 141 -9.19 -32.22 16.64
C ALA C 141 -8.42 -32.79 17.85
N THR C 142 -9.17 -32.99 18.93
CA THR C 142 -8.66 -33.51 20.21
C THR C 142 -9.80 -34.28 20.95
N ASP C 143 -9.85 -35.59 20.72
CA ASP C 143 -11.05 -36.40 21.01
C ASP C 143 -11.06 -37.06 22.39
N PHE C 144 -12.14 -36.82 23.16
CA PHE C 144 -12.27 -37.39 24.52
C PHE C 144 -13.61 -38.13 24.76
N VAL C 145 -13.59 -39.12 25.67
CA VAL C 145 -14.74 -40.05 25.90
C VAL C 145 -15.73 -39.53 26.97
N VAL C 146 -16.99 -39.99 26.89
CA VAL C 146 -18.07 -39.55 27.81
C VAL C 146 -18.48 -40.70 28.73
N PRO C 147 -18.53 -40.46 30.08
CA PRO C 147 -19.04 -41.43 31.06
C PRO C 147 -20.57 -41.44 31.30
N GLY C 148 -21.15 -40.27 31.58
CA GLY C 148 -22.58 -40.15 31.92
C GLY C 148 -23.26 -38.89 31.39
N PRO C 149 -24.14 -38.25 32.21
CA PRO C 149 -24.72 -36.95 31.85
C PRO C 149 -23.74 -35.78 31.84
N GLY C 150 -24.21 -34.61 31.43
CA GLY C 150 -23.36 -33.43 31.29
C GLY C 150 -24.07 -32.15 30.94
N LYS C 151 -23.29 -31.09 30.69
CA LYS C 151 -23.80 -29.82 30.14
C LYS C 151 -22.72 -29.22 29.18
N VAL C 152 -22.16 -30.08 28.33
CA VAL C 152 -20.96 -29.76 27.53
C VAL C 152 -21.15 -28.53 26.61
N GLU C 153 -20.09 -27.73 26.47
CA GLU C 153 -20.15 -26.45 25.76
C GLU C 153 -18.89 -26.19 24.94
N ILE C 154 -18.93 -25.08 24.20
CA ILE C 154 -17.75 -24.43 23.63
C ILE C 154 -17.86 -22.94 23.94
N THR C 155 -16.78 -22.34 24.46
CA THR C 155 -16.79 -20.92 24.85
C THR C 155 -15.64 -20.19 24.17
N TYR C 156 -15.96 -19.27 23.26
CA TYR C 156 -14.99 -18.31 22.75
C TYR C 156 -14.80 -17.25 23.83
N THR C 157 -13.81 -17.48 24.70
CA THR C 157 -13.30 -16.41 25.57
C THR C 157 -12.56 -15.43 24.63
N PRO C 158 -12.65 -14.11 24.89
CA PRO C 158 -12.18 -13.05 23.99
C PRO C 158 -10.70 -12.64 24.19
N SER C 159 -10.34 -11.40 23.84
CA SER C 159 -9.09 -10.76 24.31
C SER C 159 -9.31 -10.06 25.67
N ASP C 160 -9.83 -10.82 26.64
CA ASP C 160 -10.33 -10.30 27.93
C ASP C 160 -11.44 -9.23 27.83
N GLY C 161 -12.05 -9.05 26.65
CA GLY C 161 -13.06 -8.03 26.44
C GLY C 161 -14.45 -8.50 26.81
N THR C 162 -15.13 -9.11 25.84
CA THR C 162 -16.57 -9.43 25.95
C THR C 162 -16.79 -10.90 26.40
N GLN C 163 -17.26 -11.09 27.65
CA GLN C 163 -17.57 -12.42 28.22
C GLN C 163 -19.10 -12.67 28.26
N LYS C 164 -19.53 -13.80 28.85
CA LYS C 164 -20.91 -14.29 28.79
C LYS C 164 -21.30 -14.68 27.34
N VAL C 165 -20.52 -15.62 26.77
CA VAL C 165 -20.69 -16.14 25.39
C VAL C 165 -20.51 -17.68 25.35
N THR C 166 -21.57 -18.41 25.72
CA THR C 166 -21.61 -19.91 25.70
C THR C 166 -22.29 -20.39 24.42
N TYR C 167 -21.59 -21.19 23.62
CA TYR C 167 -22.19 -21.84 22.45
C TYR C 167 -22.59 -23.27 22.81
N LEU C 168 -23.90 -23.51 22.73
CA LEU C 168 -24.50 -24.72 23.29
C LEU C 168 -24.28 -25.92 22.36
N VAL C 169 -24.03 -27.09 22.94
CA VAL C 169 -23.80 -28.32 22.17
C VAL C 169 -24.12 -29.58 23.00
N HIS C 170 -24.94 -30.47 22.42
CA HIS C 170 -25.80 -31.42 23.18
C HIS C 170 -25.14 -32.42 24.13
N ASN C 171 -25.58 -32.38 25.39
CA ASN C 171 -25.37 -33.45 26.38
C ASN C 171 -26.50 -34.46 26.23
N PHE C 172 -26.31 -35.68 26.75
CA PHE C 172 -27.38 -36.72 26.78
C PHE C 172 -27.76 -37.16 28.21
N GLU C 173 -29.07 -37.23 28.45
CA GLU C 173 -29.65 -37.50 29.78
C GLU C 173 -29.07 -38.73 30.46
N GLU C 174 -28.67 -39.73 29.68
CA GLU C 174 -28.17 -41.01 30.21
C GLU C 174 -26.65 -41.17 30.01
N GLY C 175 -26.23 -41.40 28.75
CA GLY C 175 -24.80 -41.58 28.42
C GLY C 175 -24.40 -40.80 27.18
N VAL C 178 -18.51 -38.69 24.02
CA VAL C 178 -17.52 -38.75 22.96
C VAL C 178 -17.68 -37.49 22.09
N ALA C 179 -16.76 -36.53 22.26
CA ALA C 179 -16.82 -35.21 21.58
C ALA C 179 -15.47 -34.82 20.95
N MET C 180 -15.50 -33.79 20.10
CA MET C 180 -14.31 -33.27 19.38
C MET C 180 -14.25 -31.75 19.47
N GLY C 181 -13.35 -31.13 18.69
CA GLY C 181 -13.35 -29.68 18.54
C GLY C 181 -12.35 -29.23 17.50
N MET C 182 -12.82 -29.06 16.26
CA MET C 182 -12.02 -28.45 15.17
C MET C 182 -11.81 -26.95 15.40
N TYR C 183 -10.74 -26.44 14.82
CA TYR C 183 -10.50 -25.01 14.78
C TYR C 183 -9.63 -24.71 13.57
N ASN C 184 -9.72 -23.49 13.05
CA ASN C 184 -8.85 -23.04 11.95
C ASN C 184 -8.52 -21.55 12.07
N GLN C 185 -7.33 -21.17 11.61
CA GLN C 185 -6.80 -19.80 11.74
C GLN C 185 -7.12 -19.01 10.49
N ASP C 186 -7.44 -17.72 10.64
CA ASP C 186 -7.83 -16.88 9.50
C ASP C 186 -6.63 -16.68 8.56
N LYS C 187 -5.44 -16.48 9.14
CA LYS C 187 -4.17 -16.49 8.41
C LYS C 187 -4.06 -17.73 7.52
N SER C 188 -4.21 -18.90 8.15
CA SER C 188 -4.14 -20.20 7.44
C SER C 188 -5.07 -20.29 6.23
N ILE C 189 -6.27 -19.72 6.37
CA ILE C 189 -7.25 -19.72 5.29
C ILE C 189 -6.78 -18.82 4.14
N GLU C 190 -6.20 -17.65 4.46
CA GLU C 190 -5.64 -16.76 3.43
C GLU C 190 -4.48 -17.47 2.72
N ASP C 191 -3.50 -17.88 3.53
CA ASP C 191 -2.40 -18.74 3.09
C ASP C 191 -2.86 -19.77 2.08
N PHE C 192 -3.92 -20.48 2.44
CA PHE C 192 -4.44 -21.57 1.63
C PHE C 192 -4.87 -21.07 0.26
N ALA C 193 -5.75 -20.09 0.26
CA ALA C 193 -6.19 -19.39 -0.94
C ALA C 193 -5.09 -18.95 -1.93
N HIS C 194 -4.26 -17.98 -1.55
CA HIS C 194 -3.15 -17.51 -2.43
C HIS C 194 -2.44 -18.69 -3.12
N SER C 195 -2.09 -19.68 -2.32
CA SER C 195 -1.29 -20.82 -2.80
C SER C 195 -2.03 -21.59 -3.90
N SER C 196 -3.32 -21.78 -3.67
CA SER C 196 -4.18 -22.42 -4.64
C SER C 196 -4.27 -21.60 -5.94
N PHE C 197 -4.40 -20.28 -5.77
CA PHE C 197 -4.46 -19.35 -6.91
C PHE C 197 -3.19 -19.29 -7.72
N GLN C 198 -2.08 -19.05 -7.01
CA GLN C 198 -0.75 -19.09 -7.63
C GLN C 198 -0.57 -20.41 -8.36
N MET C 199 -1.03 -21.51 -7.76
CA MET C 199 -0.90 -22.81 -8.41
C MET C 199 -1.65 -22.87 -9.74
N ALA C 200 -2.93 -22.44 -9.72
CA ALA C 200 -3.78 -22.44 -10.94
C ALA C 200 -3.15 -21.67 -12.10
N LEU C 201 -2.62 -20.48 -11.79
CA LEU C 201 -1.83 -19.66 -12.72
C LEU C 201 -0.46 -20.25 -13.12
N SER C 202 0.10 -21.11 -12.27
CA SER C 202 1.35 -21.85 -12.56
C SER C 202 1.15 -22.97 -13.56
N LYS C 203 0.13 -23.79 -13.30
CA LYS C 203 -0.24 -24.91 -14.17
C LYS C 203 -1.13 -24.41 -15.35
N GLY C 204 -1.86 -23.33 -15.13
CA GLY C 204 -2.73 -22.79 -16.16
C GLY C 204 -4.01 -23.56 -16.31
N TRP C 205 -4.55 -24.06 -15.18
CA TRP C 205 -5.89 -24.66 -15.15
C TRP C 205 -6.76 -23.94 -14.14
N PRO C 206 -8.10 -23.91 -14.38
CA PRO C 206 -9.02 -23.21 -13.46
C PRO C 206 -9.07 -23.84 -12.07
N LEU C 207 -9.40 -23.02 -11.07
CA LEU C 207 -9.46 -23.45 -9.68
C LEU C 207 -10.94 -23.58 -9.26
N TYR C 208 -11.26 -24.62 -8.49
CA TYR C 208 -12.49 -24.69 -7.71
C TYR C 208 -12.18 -24.94 -6.22
N LEU C 209 -13.10 -24.56 -5.33
CA LEU C 209 -13.04 -24.86 -3.89
C LEU C 209 -14.34 -25.55 -3.47
N SER C 210 -14.23 -26.82 -3.00
CA SER C 210 -15.36 -27.57 -2.47
C SER C 210 -15.54 -27.36 -0.98
N THR C 211 -16.79 -27.45 -0.53
CA THR C 211 -17.16 -27.15 0.85
C THR C 211 -18.59 -27.59 1.15
N LYS C 212 -18.88 -27.76 2.44
CA LYS C 212 -20.24 -28.03 2.94
C LYS C 212 -20.83 -26.84 3.73
N ASN C 213 -20.92 -25.69 3.05
CA ASN C 213 -21.40 -24.43 3.65
C ASN C 213 -22.90 -24.44 3.94
N THR C 214 -23.60 -25.38 3.31
CA THR C 214 -24.99 -25.63 3.64
C THR C 214 -25.05 -26.06 5.11
N ILE C 215 -24.34 -27.14 5.45
CA ILE C 215 -24.46 -27.76 6.77
C ILE C 215 -23.46 -27.19 7.80
N LEU C 216 -22.28 -26.77 7.34
CA LEU C 216 -21.32 -26.09 8.23
C LEU C 216 -21.84 -24.72 8.67
N LYS C 217 -22.55 -24.05 7.75
CA LYS C 217 -23.03 -22.68 7.94
C LYS C 217 -21.80 -21.76 7.98
N LYS C 218 -21.58 -21.07 9.11
CA LYS C 218 -20.42 -20.17 9.28
C LYS C 218 -19.05 -20.76 8.86
N TYR C 219 -18.69 -21.93 9.41
CA TYR C 219 -17.32 -22.50 9.33
C TYR C 219 -16.80 -22.58 7.89
N ASP C 220 -17.41 -23.45 7.10
CA ASP C 220 -17.14 -23.55 5.67
C ASP C 220 -17.40 -22.24 4.91
N GLY C 221 -18.50 -21.55 5.25
CA GLY C 221 -18.91 -20.31 4.58
C GLY C 221 -17.80 -19.27 4.57
N ARG C 222 -17.19 -19.09 5.74
CA ARG C 222 -15.93 -18.35 5.84
C ARG C 222 -14.95 -18.66 4.71
N PHE C 223 -14.50 -19.92 4.60
CA PHE C 223 -13.58 -20.33 3.49
C PHE C 223 -14.04 -19.79 2.13
N LYS C 224 -15.29 -20.08 1.75
CA LYS C 224 -15.87 -19.61 0.46
C LYS C 224 -15.63 -18.12 0.22
N ASP C 225 -15.91 -17.34 1.26
CA ASP C 225 -15.85 -15.88 1.21
C ASP C 225 -14.41 -15.36 1.18
N ILE C 226 -13.52 -15.97 1.95
CA ILE C 226 -12.11 -15.53 2.03
C ILE C 226 -11.45 -15.72 0.67
N PHE C 227 -11.74 -16.86 0.03
CA PHE C 227 -11.34 -17.14 -1.37
C PHE C 227 -11.87 -16.08 -2.34
N GLN C 228 -13.19 -15.80 -2.33
CA GLN C 228 -13.80 -14.83 -3.27
C GLN C 228 -13.11 -13.45 -3.19
N GLU C 229 -13.02 -12.88 -1.99
CA GLU C 229 -12.38 -11.56 -1.78
C GLU C 229 -11.04 -11.47 -2.50
N ILE C 230 -10.18 -12.45 -2.19
CA ILE C 230 -8.77 -12.44 -2.58
C ILE C 230 -8.67 -12.57 -4.10
N TYR C 231 -9.47 -13.46 -4.67
CA TYR C 231 -9.56 -13.64 -6.12
C TYR C 231 -9.92 -12.34 -6.88
N ASP C 232 -11.02 -11.72 -6.48
CA ASP C 232 -11.49 -10.45 -7.04
C ASP C 232 -10.47 -9.32 -6.91
N LYS C 233 -9.93 -9.18 -5.71
CA LYS C 233 -9.03 -8.08 -5.36
C LYS C 233 -7.59 -8.22 -5.92
N GLN C 234 -7.10 -9.44 -6.15
CA GLN C 234 -5.69 -9.63 -6.58
C GLN C 234 -5.44 -10.58 -7.78
N TYR C 235 -6.27 -11.61 -7.97
CA TYR C 235 -5.96 -12.63 -8.99
C TYR C 235 -6.83 -12.61 -10.24
N LYS C 236 -7.96 -11.88 -10.20
CA LYS C 236 -9.01 -11.94 -11.24
C LYS C 236 -8.55 -11.63 -12.67
N SER C 237 -7.92 -10.47 -12.88
CA SER C 237 -7.35 -10.13 -14.20
C SER C 237 -6.50 -11.27 -14.78
N GLN C 238 -5.48 -11.63 -14.00
CA GLN C 238 -4.44 -12.60 -14.42
C GLN C 238 -5.01 -13.97 -14.81
N PHE C 239 -6.05 -14.42 -14.09
CA PHE C 239 -6.80 -15.61 -14.51
C PHE C 239 -7.34 -15.47 -15.91
N GLU C 240 -7.99 -14.32 -16.17
CA GLU C 240 -8.74 -14.10 -17.41
C GLU C 240 -7.85 -14.02 -18.62
N ALA C 241 -6.74 -13.28 -18.50
CA ALA C 241 -5.75 -13.17 -19.59
C ALA C 241 -5.14 -14.52 -20.02
N GLN C 242 -5.26 -15.53 -19.15
CA GLN C 242 -4.81 -16.90 -19.39
C GLN C 242 -5.96 -17.89 -19.75
N LYS C 243 -7.15 -17.35 -20.11
CA LYS C 243 -8.35 -18.13 -20.50
C LYS C 243 -8.97 -19.03 -19.40
N ILE C 244 -8.52 -18.89 -18.15
CA ILE C 244 -9.01 -19.69 -17.01
C ILE C 244 -9.76 -18.81 -15.99
N TRP C 245 -10.21 -19.40 -14.86
CA TRP C 245 -11.18 -18.75 -13.95
C TRP C 245 -11.19 -19.31 -12.51
N TYR C 246 -12.10 -18.87 -11.66
CA TYR C 246 -12.32 -19.48 -10.33
C TYR C 246 -13.77 -19.38 -9.88
N GLU C 247 -14.46 -20.52 -9.80
CA GLU C 247 -15.77 -20.58 -9.12
C GLU C 247 -15.69 -21.52 -7.91
N HIS C 248 -16.43 -21.18 -6.86
CA HIS C 248 -16.67 -22.06 -5.71
C HIS C 248 -17.77 -23.05 -6.06
N ARG C 249 -17.67 -24.26 -5.53
CA ARG C 249 -18.72 -25.26 -5.64
C ARG C 249 -18.98 -25.83 -4.27
N LEU C 250 -20.15 -26.45 -4.15
CA LEU C 250 -20.48 -27.31 -3.02
C LEU C 250 -19.99 -28.69 -3.39
N ILE C 251 -19.52 -29.43 -2.40
CA ILE C 251 -18.91 -30.75 -2.60
C ILE C 251 -19.78 -31.75 -3.38
N ASP C 252 -21.06 -31.79 -3.02
CA ASP C 252 -22.09 -32.52 -3.78
C ASP C 252 -22.05 -32.17 -5.27
N ASP C 253 -21.99 -30.87 -5.57
CA ASP C 253 -21.86 -30.40 -6.94
C ASP C 253 -20.50 -30.76 -7.53
N MET C 254 -19.43 -30.30 -6.89
CA MET C 254 -18.04 -30.59 -7.29
C MET C 254 -17.79 -32.06 -7.65
N VAL C 255 -18.25 -32.97 -6.78
CA VAL C 255 -17.98 -34.38 -6.97
C VAL C 255 -18.69 -34.92 -8.19
N ALA C 256 -19.99 -34.67 -8.27
CA ALA C 256 -20.78 -35.01 -9.47
C ALA C 256 -20.26 -34.36 -10.75
N GLN C 257 -19.75 -33.13 -10.63
CA GLN C 257 -19.24 -32.39 -11.76
C GLN C 257 -17.94 -33.00 -12.23
N ALA C 258 -17.03 -33.23 -11.26
CA ALA C 258 -15.72 -33.82 -11.53
C ALA C 258 -15.78 -35.22 -12.17
N MET C 259 -16.66 -36.09 -11.66
CA MET C 259 -16.69 -37.47 -12.14
C MET C 259 -17.13 -37.64 -13.61
N LYS C 260 -18.03 -36.77 -14.06
CA LYS C 260 -18.45 -36.75 -15.47
C LYS C 260 -17.64 -35.74 -16.34
N SER C 261 -16.63 -35.09 -15.76
CA SER C 261 -15.74 -34.13 -16.47
C SER C 261 -14.65 -34.81 -17.32
N GLU C 262 -13.88 -33.98 -18.02
CA GLU C 262 -12.80 -34.39 -18.93
C GLU C 262 -11.41 -34.31 -18.25
N GLY C 263 -11.38 -33.92 -16.97
CA GLY C 263 -10.14 -33.58 -16.29
C GLY C 263 -9.81 -32.15 -16.59
N GLY C 264 -8.67 -31.67 -16.12
CA GLY C 264 -8.10 -30.36 -16.47
C GLY C 264 -8.42 -29.21 -15.52
N PHE C 265 -8.12 -29.39 -14.23
CA PHE C 265 -8.41 -28.34 -13.24
C PHE C 265 -7.71 -28.56 -11.91
N ILE C 266 -7.91 -27.61 -11.01
CA ILE C 266 -7.38 -27.69 -9.65
C ILE C 266 -8.54 -27.63 -8.68
N TRP C 267 -8.44 -28.42 -7.62
CA TRP C 267 -9.53 -28.59 -6.66
C TRP C 267 -8.89 -28.29 -5.33
N ALA C 268 -9.60 -27.57 -4.47
CA ALA C 268 -9.21 -27.43 -3.08
C ALA C 268 -10.24 -28.10 -2.16
N CYS C 269 -10.11 -29.42 -1.95
CA CYS C 269 -11.02 -30.15 -1.05
C CYS C 269 -10.82 -29.55 0.34
N LYS C 270 -11.90 -29.14 0.99
CA LYS C 270 -11.86 -28.73 2.39
C LYS C 270 -12.37 -29.96 3.16
N ASN C 271 -11.68 -31.07 2.94
CA ASN C 271 -12.01 -32.33 3.57
C ASN C 271 -11.50 -32.30 5.01
N TYR C 272 -11.92 -33.29 5.77
CA TYR C 272 -11.36 -33.58 7.10
C TYR C 272 -10.17 -34.54 6.99
N ASP C 273 -10.02 -35.19 5.84
CA ASP C 273 -8.97 -36.16 5.64
C ASP C 273 -8.27 -36.01 4.27
N GLY C 274 -7.15 -35.32 4.28
CA GLY C 274 -6.30 -35.20 3.11
C GLY C 274 -5.19 -36.23 3.02
N ASP C 275 -5.21 -37.28 3.87
CA ASP C 275 -4.35 -38.47 3.67
C ASP C 275 -4.75 -39.21 2.39
N VAL C 276 -3.85 -39.26 1.42
CA VAL C 276 -4.00 -40.07 0.19
C VAL C 276 -4.52 -41.49 0.43
N GLN C 277 -4.10 -42.04 1.55
CA GLN C 277 -4.42 -43.40 1.93
C GLN C 277 -5.92 -43.66 1.83
N SER C 278 -6.70 -42.77 2.45
CA SER C 278 -8.15 -42.91 2.61
C SER C 278 -9.01 -42.30 1.49
N ASP C 279 -8.40 -41.82 0.42
CA ASP C 279 -9.13 -41.37 -0.74
C ASP C 279 -9.39 -42.56 -1.68
N SER C 280 -10.65 -42.99 -1.77
CA SER C 280 -11.07 -44.08 -2.67
C SER C 280 -10.59 -43.99 -4.10
N VAL C 281 -10.40 -42.76 -4.60
CA VAL C 281 -10.07 -42.53 -6.00
C VAL C 281 -8.58 -42.67 -6.20
N ALA C 282 -7.80 -42.04 -5.32
CA ALA C 282 -6.35 -42.24 -5.23
C ALA C 282 -5.93 -43.73 -5.23
N GLN C 283 -6.75 -44.57 -4.59
CA GLN C 283 -6.48 -46.01 -4.52
C GLN C 283 -6.93 -46.81 -5.76
N GLY C 284 -7.92 -46.30 -6.48
CA GLY C 284 -8.49 -47.00 -7.63
C GLY C 284 -7.65 -46.96 -8.90
N TYR C 285 -6.89 -45.89 -9.11
CA TYR C 285 -6.12 -45.68 -10.37
C TYR C 285 -5.07 -46.77 -10.52
N GLY C 286 -4.34 -47.00 -9.44
CA GLY C 286 -3.52 -48.20 -9.37
C GLY C 286 -2.52 -47.90 -8.33
N SER C 287 -1.27 -47.83 -8.75
CA SER C 287 -0.18 -47.70 -7.81
C SER C 287 -0.16 -46.30 -7.26
N LEU C 288 -0.21 -46.22 -5.93
CA LEU C 288 0.15 -45.04 -5.16
C LEU C 288 1.61 -44.61 -5.50
N GLY C 289 2.38 -45.53 -6.07
CA GLY C 289 3.62 -45.21 -6.74
C GLY C 289 3.56 -44.35 -7.97
N MET C 290 2.35 -43.95 -8.42
CA MET C 290 2.18 -42.93 -9.47
C MET C 290 1.64 -41.59 -8.96
N MET C 291 1.45 -41.46 -7.66
CA MET C 291 0.84 -40.29 -7.10
C MET C 291 1.95 -39.35 -6.62
N THR C 292 2.12 -38.23 -7.32
CA THR C 292 3.10 -37.21 -6.96
C THR C 292 2.50 -36.13 -6.09
N SER C 293 3.37 -35.37 -5.44
CA SER C 293 2.94 -34.35 -4.52
C SER C 293 3.91 -33.16 -4.57
N VAL C 294 3.34 -31.97 -4.45
CA VAL C 294 4.13 -30.74 -4.36
C VAL C 294 3.50 -29.75 -3.38
N LEU C 295 4.15 -29.55 -2.23
CA LEU C 295 3.74 -28.50 -1.31
C LEU C 295 4.07 -27.15 -1.93
N VAL C 296 3.11 -26.21 -1.89
CA VAL C 296 3.28 -24.82 -2.36
C VAL C 296 2.95 -23.83 -1.24
N CYS C 297 3.28 -22.55 -1.47
CA CYS C 297 3.21 -21.51 -0.43
C CYS C 297 2.35 -20.27 -0.81
N PRO C 298 1.96 -19.46 0.19
CA PRO C 298 1.28 -18.21 -0.11
C PRO C 298 2.09 -17.26 -1.02
N ASP C 299 3.41 -17.19 -0.78
CA ASP C 299 4.28 -16.22 -1.46
C ASP C 299 4.53 -16.44 -2.97
N GLY C 300 4.21 -17.65 -3.46
CA GLY C 300 4.54 -18.05 -4.83
C GLY C 300 6.00 -18.45 -5.02
N LYS C 301 6.72 -18.61 -3.90
CA LYS C 301 8.20 -18.65 -3.86
C LYS C 301 8.73 -20.05 -3.55
N THR C 302 8.44 -20.54 -2.35
CA THR C 302 9.04 -21.79 -1.82
C THR C 302 8.21 -23.07 -2.16
N VAL C 303 8.91 -24.14 -2.57
CA VAL C 303 8.24 -25.38 -3.01
C VAL C 303 8.97 -26.56 -2.42
N GLU C 304 8.30 -27.38 -1.61
CA GLU C 304 8.78 -28.76 -1.27
C GLU C 304 8.06 -29.76 -2.17
N ALA C 305 8.77 -30.48 -3.02
CA ALA C 305 8.19 -31.60 -3.79
C ALA C 305 8.39 -32.93 -3.08
N GLU C 306 7.64 -33.94 -3.55
CA GLU C 306 7.57 -35.22 -2.83
C GLU C 306 6.82 -36.35 -3.55
N ALA C 307 6.93 -37.54 -2.97
CA ALA C 307 6.07 -38.65 -3.31
C ALA C 307 4.91 -38.68 -2.32
N ALA C 308 3.71 -38.95 -2.85
CA ALA C 308 2.51 -39.10 -2.04
C ALA C 308 2.56 -40.38 -1.16
N HIS C 309 3.17 -41.44 -1.69
CA HIS C 309 3.35 -42.72 -0.98
C HIS C 309 4.31 -42.67 0.21
N GLY C 310 4.32 -43.77 0.94
CA GLY C 310 5.25 -43.97 2.05
C GLY C 310 6.58 -44.59 1.69
N THR C 311 7.21 -45.12 2.72
CA THR C 311 8.55 -45.74 2.61
C THR C 311 8.60 -47.09 1.94
N VAL C 312 7.45 -47.74 1.77
CA VAL C 312 7.33 -49.03 1.07
C VAL C 312 7.98 -50.14 1.91
N THR C 313 7.66 -50.15 3.21
CA THR C 313 8.21 -51.06 4.19
C THR C 313 8.38 -52.46 3.64
N ARG C 314 7.26 -53.09 3.31
CA ARG C 314 7.32 -54.50 2.89
C ARG C 314 8.33 -54.72 1.75
N HIS C 315 8.48 -53.75 0.84
CA HIS C 315 9.47 -53.87 -0.25
C HIS C 315 10.90 -53.83 0.25
N TYR C 316 11.15 -53.00 1.26
CA TYR C 316 12.47 -52.82 1.88
C TYR C 316 12.92 -54.10 2.61
N ARG C 317 11.97 -54.76 3.28
CA ARG C 317 12.18 -56.05 3.97
C ARG C 317 12.73 -57.11 3.02
N MET C 318 12.17 -57.14 1.82
CA MET C 318 12.72 -57.97 0.74
C MET C 318 14.10 -57.47 0.26
N TYR C 319 14.30 -56.16 0.11
CA TYR C 319 15.62 -55.62 -0.28
C TYR C 319 16.73 -55.95 0.77
N GLN C 320 16.33 -55.97 2.05
CA GLN C 320 17.20 -56.29 3.18
C GLN C 320 17.73 -57.74 3.17
N LYS C 321 16.93 -58.64 2.62
CA LYS C 321 17.19 -60.06 2.61
C LYS C 321 17.72 -60.55 1.25
N GLY C 322 18.07 -59.62 0.35
CA GLY C 322 18.62 -59.97 -0.96
C GLY C 322 17.61 -60.48 -1.99
N GLN C 323 16.32 -60.39 -1.60
CA GLN C 323 15.20 -60.78 -2.46
C GLN C 323 14.85 -59.64 -3.42
N GLU C 324 14.41 -59.95 -4.63
CA GLU C 324 14.16 -58.92 -5.65
C GLU C 324 12.88 -58.11 -5.37
N THR C 325 12.91 -56.85 -5.80
CA THR C 325 11.83 -55.94 -5.53
C THR C 325 11.43 -55.35 -6.85
N SER C 326 10.14 -55.00 -6.99
CA SER C 326 9.73 -54.12 -8.10
C SER C 326 9.05 -52.85 -7.60
N THR C 327 9.87 -51.87 -7.24
CA THR C 327 9.40 -50.66 -6.58
C THR C 327 9.35 -49.52 -7.60
N ASN C 328 8.15 -48.97 -7.81
CA ASN C 328 7.89 -47.92 -8.78
C ASN C 328 8.53 -46.60 -8.32
N PRO C 329 9.53 -46.11 -9.07
CA PRO C 329 10.25 -44.89 -8.71
C PRO C 329 9.55 -43.55 -9.02
N ILE C 330 8.55 -43.56 -9.91
CA ILE C 330 8.04 -42.37 -10.63
C ILE C 330 7.63 -41.20 -9.74
N ALA C 331 6.87 -41.47 -8.69
CA ALA C 331 6.47 -40.41 -7.75
C ALA C 331 7.66 -39.68 -7.16
N SER C 332 8.68 -40.43 -6.77
CA SER C 332 9.91 -39.90 -6.22
C SER C 332 10.78 -39.23 -7.32
N ILE C 333 10.70 -39.71 -8.56
CA ILE C 333 11.35 -39.04 -9.72
C ILE C 333 10.75 -37.65 -9.93
N PHE C 334 9.43 -37.62 -10.03
CA PHE C 334 8.72 -36.40 -10.28
C PHE C 334 8.90 -35.37 -9.16
N ALA C 335 9.23 -35.84 -7.97
CA ALA C 335 9.63 -34.93 -6.90
C ALA C 335 10.91 -34.20 -7.32
N TRP C 336 11.86 -34.93 -7.92
CA TRP C 336 13.04 -34.29 -8.53
C TRP C 336 12.69 -33.39 -9.73
N THR C 337 11.86 -33.86 -10.67
CA THR C 337 11.61 -33.08 -11.86
C THR C 337 10.91 -31.72 -11.53
N ARG C 338 9.94 -31.76 -10.62
CA ARG C 338 9.23 -30.53 -10.21
C ARG C 338 10.19 -29.59 -9.44
N GLY C 339 10.81 -30.06 -8.37
CA GLY C 339 11.83 -29.28 -7.65
C GLY C 339 12.80 -28.54 -8.60
N LEU C 340 13.21 -29.26 -9.65
CA LEU C 340 14.05 -28.73 -10.73
C LEU C 340 13.35 -27.65 -11.55
N ALA C 341 12.22 -28.01 -12.19
CA ALA C 341 11.49 -27.10 -13.08
C ALA C 341 11.12 -25.77 -12.40
N HIS C 342 11.03 -25.81 -11.07
CA HIS C 342 10.88 -24.60 -10.28
C HIS C 342 12.11 -23.72 -10.37
N ARG C 343 13.28 -24.26 -10.01
CA ARG C 343 14.54 -23.47 -10.10
C ARG C 343 14.79 -22.98 -11.52
N ALA C 344 14.56 -23.85 -12.51
CA ALA C 344 14.46 -23.49 -13.94
C ALA C 344 13.59 -22.22 -14.25
N LYS C 345 12.33 -22.28 -13.86
CA LYS C 345 11.42 -21.17 -14.11
C LYS C 345 11.97 -19.91 -13.45
N LEU C 346 12.57 -20.02 -12.26
CA LEU C 346 13.03 -18.84 -11.49
C LEU C 346 14.23 -18.12 -12.08
N ASP C 347 15.27 -18.89 -12.37
CA ASP C 347 16.54 -18.34 -12.83
C ASP C 347 16.65 -18.40 -14.36
N ASN C 348 15.53 -18.74 -15.01
CA ASN C 348 15.38 -18.74 -16.48
C ASN C 348 16.38 -19.69 -17.18
N ASN C 349 16.53 -20.92 -16.64
CA ASN C 349 17.38 -21.93 -17.27
C ASN C 349 16.65 -22.58 -18.44
N LYS C 350 16.92 -22.12 -19.66
CA LYS C 350 16.39 -22.77 -20.88
C LYS C 350 16.58 -24.30 -20.87
N GLU C 351 17.82 -24.78 -20.79
CA GLU C 351 18.11 -26.22 -20.95
C GLU C 351 17.70 -27.09 -19.76
N LEU C 352 17.73 -26.53 -18.54
CA LEU C 352 17.33 -27.28 -17.33
C LEU C 352 15.85 -27.69 -17.41
N ALA C 353 14.99 -26.74 -17.74
CA ALA C 353 13.58 -27.01 -17.98
C ALA C 353 13.32 -27.92 -19.18
N PHE C 354 14.17 -27.85 -20.21
CA PHE C 354 14.08 -28.79 -21.32
C PHE C 354 14.40 -30.20 -20.85
N PHE C 355 15.35 -30.31 -19.90
CA PHE C 355 15.70 -31.59 -19.28
C PHE C 355 14.66 -32.12 -18.30
N ALA C 356 14.20 -31.25 -17.39
CA ALA C 356 13.24 -31.63 -16.33
C ALA C 356 11.85 -31.91 -16.88
N ASN C 357 11.59 -31.62 -18.15
CA ASN C 357 10.44 -32.21 -18.84
C ASN C 357 10.83 -33.41 -19.71
N ALA C 358 11.96 -33.33 -20.40
CA ALA C 358 12.48 -34.52 -21.11
C ALA C 358 12.51 -35.77 -20.24
N LEU C 359 12.85 -35.59 -18.96
CA LEU C 359 12.89 -36.69 -17.98
C LEU C 359 11.49 -37.19 -17.68
N GLU C 360 10.58 -36.27 -17.41
CA GLU C 360 9.15 -36.58 -17.29
C GLU C 360 8.64 -37.28 -18.55
N GLU C 361 9.01 -36.75 -19.71
CA GLU C 361 8.51 -37.25 -21.00
C GLU C 361 8.96 -38.70 -21.20
N VAL C 362 10.26 -38.93 -21.09
CA VAL C 362 10.79 -40.28 -21.23
C VAL C 362 10.31 -41.29 -20.17
N SER C 363 9.94 -40.82 -18.97
CA SER C 363 9.37 -41.73 -17.95
C SER C 363 8.05 -42.34 -18.45
N ILE C 364 7.10 -41.45 -18.80
CA ILE C 364 5.80 -41.82 -19.43
C ILE C 364 6.02 -42.62 -20.72
N GLU C 365 6.94 -42.12 -21.55
CA GLU C 365 7.26 -42.71 -22.86
C GLU C 365 7.55 -44.20 -22.74
N THR C 366 8.41 -44.57 -21.78
CA THR C 366 8.84 -45.96 -21.64
C THR C 366 7.74 -46.82 -21.04
N ILE C 367 6.96 -46.27 -20.10
CA ILE C 367 5.87 -47.07 -19.52
C ILE C 367 4.89 -47.36 -20.65
N GLU C 368 4.59 -46.34 -21.46
CA GLU C 368 3.75 -46.53 -22.65
C GLU C 368 4.25 -47.65 -23.55
N ALA C 369 5.52 -47.60 -23.92
CA ALA C 369 6.10 -48.66 -24.75
C ALA C 369 6.05 -50.07 -24.11
N GLY C 370 5.80 -50.14 -22.79
CA GLY C 370 5.51 -51.40 -22.07
C GLY C 370 6.63 -51.89 -21.17
N PHE C 371 7.30 -50.95 -20.51
CA PHE C 371 8.44 -51.21 -19.67
C PHE C 371 8.13 -50.60 -18.32
N MET C 372 7.68 -51.43 -17.39
CA MET C 372 7.20 -50.97 -16.09
C MET C 372 7.46 -51.99 -14.99
N THR C 373 7.23 -51.53 -13.76
CA THR C 373 7.31 -52.36 -12.58
C THR C 373 5.99 -53.09 -12.36
N LYS C 374 5.98 -54.06 -11.45
CA LYS C 374 4.90 -55.05 -11.30
C LYS C 374 3.54 -54.42 -11.04
N ASP C 375 3.51 -53.38 -10.20
CA ASP C 375 2.29 -52.66 -9.85
C ASP C 375 1.50 -52.16 -11.08
N LEU C 376 2.22 -51.52 -12.00
CA LEU C 376 1.65 -51.04 -13.23
C LEU C 376 1.48 -52.13 -14.24
N ALA C 377 2.27 -53.18 -14.16
CA ALA C 377 1.99 -54.38 -14.93
C ALA C 377 0.65 -54.92 -14.49
N ALA C 378 0.35 -54.86 -13.19
CA ALA C 378 -0.85 -55.51 -12.63
C ALA C 378 -2.13 -54.82 -13.08
N CYS C 379 -2.15 -53.50 -12.90
CA CYS C 379 -3.17 -52.63 -13.46
C CYS C 379 -3.63 -53.00 -14.87
N ILE C 380 -2.70 -53.37 -15.74
CA ILE C 380 -3.03 -53.75 -17.14
C ILE C 380 -3.75 -55.10 -17.26
N LYS C 381 -3.53 -56.02 -16.32
CA LYS C 381 -4.16 -57.36 -16.39
C LYS C 381 -4.65 -57.96 -15.06
N GLY C 382 -4.70 -57.16 -14.00
CA GLY C 382 -5.09 -57.66 -12.68
C GLY C 382 -4.00 -58.48 -12.03
N LEU C 383 -3.87 -58.34 -10.71
CA LEU C 383 -2.91 -59.11 -9.91
C LEU C 383 -2.94 -60.65 -10.16
N PRO C 384 -4.15 -61.25 -10.36
CA PRO C 384 -4.27 -62.64 -10.80
C PRO C 384 -3.40 -63.10 -12.00
N ASN C 385 -3.31 -62.28 -13.05
CA ASN C 385 -2.74 -62.70 -14.36
C ASN C 385 -1.27 -62.33 -14.61
N VAL C 386 -0.58 -61.81 -13.60
CA VAL C 386 0.75 -61.24 -13.80
C VAL C 386 1.80 -62.35 -13.83
N GLN C 387 2.73 -62.22 -14.76
CA GLN C 387 3.85 -63.14 -14.93
C GLN C 387 5.15 -62.35 -14.95
N ARG C 388 6.29 -63.04 -15.00
CA ARG C 388 7.56 -62.36 -14.75
C ARG C 388 8.13 -61.60 -15.94
N SER C 389 7.89 -62.11 -17.16
CA SER C 389 8.29 -61.41 -18.39
C SER C 389 7.44 -60.13 -18.65
N ASP C 390 6.32 -60.02 -17.94
CA ASP C 390 5.44 -58.87 -18.00
C ASP C 390 6.01 -57.59 -17.40
N TYR C 391 6.94 -57.71 -16.45
CA TYR C 391 7.47 -56.52 -15.75
C TYR C 391 9.00 -56.48 -15.57
N LEU C 392 9.48 -55.43 -14.89
CA LEU C 392 10.90 -55.23 -14.63
C LEU C 392 11.12 -55.02 -13.13
N ASN C 393 12.25 -55.49 -12.61
CA ASN C 393 12.58 -55.28 -11.19
C ASN C 393 13.09 -53.84 -10.99
N THR C 394 13.20 -53.41 -9.73
CA THR C 394 13.63 -52.05 -9.43
C THR C 394 14.82 -51.59 -10.27
N PHE C 395 15.88 -52.38 -10.29
CA PHE C 395 17.09 -52.02 -11.03
C PHE C 395 16.80 -52.03 -12.55
N GLU C 396 16.42 -53.21 -13.07
CA GLU C 396 16.02 -53.36 -14.49
C GLU C 396 15.29 -52.14 -15.02
N PHE C 397 14.42 -51.57 -14.17
CA PHE C 397 13.64 -50.37 -14.52
C PHE C 397 14.44 -49.08 -14.63
N MET C 398 15.21 -48.75 -13.59
CA MET C 398 16.08 -47.58 -13.63
C MET C 398 17.05 -47.59 -14.82
N ASP C 399 17.62 -48.75 -15.14
CA ASP C 399 18.44 -48.91 -16.35
C ASP C 399 17.68 -48.59 -17.63
N LYS C 400 16.38 -48.89 -17.66
CA LYS C 400 15.55 -48.60 -18.84
C LYS C 400 15.22 -47.10 -18.98
N LEU C 401 14.97 -46.42 -17.86
CA LEU C 401 14.81 -44.96 -17.87
C LEU C 401 16.09 -44.26 -18.30
N GLY C 402 17.23 -44.66 -17.73
CA GLY C 402 18.54 -44.10 -18.05
C GLY C 402 18.96 -44.34 -19.50
N GLU C 403 18.73 -45.56 -20.00
CA GLU C 403 18.92 -45.88 -21.44
C GLU C 403 18.16 -44.86 -22.28
N ASN C 404 16.82 -44.88 -22.16
CA ASN C 404 15.97 -44.01 -22.97
C ASN C 404 16.15 -42.54 -22.67
N LEU C 405 16.63 -42.19 -21.47
CA LEU C 405 16.94 -40.78 -21.14
C LEU C 405 18.06 -40.25 -22.05
N LYS C 406 19.18 -40.96 -22.10
CA LYS C 406 20.26 -40.59 -23.00
C LYS C 406 19.79 -40.58 -24.46
N ILE C 407 19.06 -41.61 -24.89
CA ILE C 407 18.63 -41.73 -26.30
C ILE C 407 17.88 -40.47 -26.73
N LYS C 408 17.11 -39.92 -25.80
CA LYS C 408 16.37 -38.68 -26.03
C LYS C 408 17.29 -37.45 -26.18
N LEU C 409 18.31 -37.33 -25.31
CA LEU C 409 19.16 -36.11 -25.31
C LEU C 409 20.18 -36.10 -26.44
N ALA C 410 20.39 -37.29 -27.02
CA ALA C 410 21.14 -37.47 -28.26
C ALA C 410 20.35 -36.88 -29.42
N GLN C 411 19.11 -37.34 -29.57
CA GLN C 411 18.16 -36.80 -30.55
C GLN C 411 17.85 -35.32 -30.32
N ALA C 412 17.68 -34.93 -29.06
CA ALA C 412 17.11 -33.62 -28.69
C ALA C 412 18.09 -32.45 -28.68
N LYS C 413 19.39 -32.73 -28.61
CA LYS C 413 20.38 -31.76 -29.08
C LYS C 413 20.28 -31.69 -30.61
N LEU C 414 20.64 -32.80 -31.25
CA LEU C 414 20.89 -32.90 -32.70
C LEU C 414 19.59 -32.78 -33.50
C1 LJY D . -8.08 6.76 10.44
C2 LJY D . -8.28 8.04 8.32
C3 LJY D . -8.17 8.02 6.93
C4 LJY D . -8.20 9.19 6.18
C5 LJY D . -8.32 10.41 6.81
C6 LJY D . -8.43 10.46 8.21
CL LJY D . -0.98 11.67 7.59
C15 LJY D . -2.47 12.54 7.15
C14 LJY D . -2.43 13.55 6.19
C13 LJY D . -3.59 14.24 5.83
C16 LJY D . -3.69 12.21 7.77
C10 LJY D . -4.84 12.91 7.41
C11 LJY D . -4.80 13.92 6.44
N2 LJY D . -5.92 14.58 6.11
C12 LJY D . -7.12 14.30 6.69
O2 LJY D . -8.11 14.94 6.34
C9 LJY D . -6.05 12.62 8.02
C8 LJY D . -7.22 13.31 7.67
C7 LJY D . -8.58 13.00 8.29
N1 LJY D . -8.57 11.70 8.95
C17 LJY D . -8.41 9.29 8.95
O1 LJY D . -8.25 6.85 9.02
C18 LJY D . -8.06 6.92 6.29
N3 LJY D . -7.97 5.93 5.69
PA NAP E . -19.68 16.39 -3.32
O1A NAP E . -18.76 15.99 -2.18
O2A NAP E . -21.11 16.69 -3.02
O5B NAP E . -19.69 15.25 -4.44
C5B NAP E . -18.50 14.77 -5.03
C4B NAP E . -18.59 13.27 -5.26
O4B NAP E . -18.10 12.53 -4.14
C3B NAP E . -19.99 12.73 -5.53
O3B NAP E . -20.36 12.92 -6.90
C2B NAP E . -19.83 11.30 -5.10
O2B NAP E . -19.09 10.57 -6.07
C1B NAP E . -18.92 11.39 -3.89
N9A NAP E . -19.68 11.60 -2.64
C8A NAP E . -19.65 12.71 -1.89
N7A NAP E . -20.45 12.58 -0.81
C5A NAP E . -20.99 11.37 -0.86
C6A NAP E . -21.92 10.62 -0.01
N6A NAP E . -22.41 11.19 1.11
N1A NAP E . -22.25 9.37 -0.41
C2A NAP E . -21.75 8.82 -1.54
N3A NAP E . -20.90 9.47 -2.35
C4A NAP E . -20.49 10.72 -2.07
O3 NAP E . -18.94 17.63 -4.02
PN NAP E . -19.38 18.33 -5.40
O1N NAP E . -18.13 18.99 -5.91
O2N NAP E . -20.20 17.41 -6.29
O5D NAP E . -20.31 19.49 -4.80
C5D NAP E . -21.73 19.45 -4.86
C4D NAP E . -22.27 20.73 -4.23
O4D NAP E . -22.02 20.73 -2.81
C3D NAP E . -21.63 22.01 -4.78
O3D NAP E . -22.65 23.00 -4.98
C2D NAP E . -20.64 22.42 -3.71
O2D NAP E . -20.39 23.83 -3.69
C1D NAP E . -21.30 21.90 -2.44
N1N NAP E . -20.39 21.62 -1.29
C2N NAP E . -20.87 21.96 -0.07
C3N NAP E . -20.16 21.78 1.12
C7N NAP E . -20.81 22.18 2.42
O7N NAP E . -22.02 22.04 2.56
N7N NAP E . -20.10 22.68 3.42
C4N NAP E . -18.77 21.18 1.08
C5N NAP E . -18.35 20.85 -0.30
C6N NAP E . -19.16 21.09 -1.40
P2B NAP E . -19.80 9.57 -7.10
O1X NAP E . -20.35 8.49 -6.20
O2X NAP E . -20.89 10.39 -7.74
O3X NAP E . -18.67 9.24 -8.05
C1 BME F . -0.69 17.82 6.23
C2 BME F . -0.13 18.71 5.12
O1 BME F . -1.98 17.33 5.86
S2 BME F . 0.58 20.27 5.74
C1 LJY G . 2.16 4.35 -8.55
C2 LJY G . 2.84 5.68 -6.55
C3 LJY G . 2.81 5.72 -5.17
C4 LJY G . 3.43 6.74 -4.46
C5 LJY G . 4.11 7.73 -5.13
C6 LJY G . 4.17 7.71 -6.54
CL LJY G . -1.90 11.60 -5.62
C15 LJY G . -0.18 11.93 -5.27
C14 LJY G . 0.20 12.92 -4.37
C13 LJY G . 1.56 13.14 -4.11
C16 LJY G . 0.77 11.16 -5.92
C10 LJY G . 2.12 11.38 -5.65
C11 LJY G . 2.52 12.36 -4.75
N2 LJY G . 3.82 12.53 -4.53
C12 LJY G . 4.77 11.78 -5.15
O2 LJY G . 5.96 12.02 -4.88
C9 LJY G . 3.06 10.60 -6.28
C8 LJY G . 4.43 10.79 -6.05
C7 LJY G . 5.52 9.91 -6.72
N1 LJY G . 4.87 8.74 -7.30
C17 LJY G . 3.53 6.69 -7.24
O1 LJY G . 2.19 4.63 -7.14
C18 LJY G . 2.21 4.80 -4.55
N3 LJY G . 1.65 3.98 -3.99
PA NAP H . 16.62 9.46 5.34
O1A NAP H . 16.20 9.56 3.91
O2A NAP H . 18.05 9.14 5.66
O5B NAP H . 15.64 8.32 5.88
C5B NAP H . 15.26 8.17 7.24
C4B NAP H . 14.53 6.85 7.39
O4B NAP H . 13.85 6.45 6.21
C3B NAP H . 15.51 5.75 7.69
O3B NAP H . 15.81 5.74 9.08
C2B NAP H . 14.78 4.54 7.16
O2B NAP H . 13.80 4.13 8.11
C1B NAP H . 14.05 5.06 5.94
N9A NAP H . 14.82 4.92 4.68
C8A NAP H . 15.32 5.92 3.91
N7A NAP H . 15.97 5.42 2.83
C5A NAP H . 15.90 4.09 2.91
C6A NAP H . 16.39 2.96 2.10
N6A NAP H . 17.09 3.19 0.98
N1A NAP H . 16.10 1.71 2.51
C2A NAP H . 15.40 1.48 3.65
N3A NAP H . 14.95 2.47 4.43
C4A NAP H . 15.14 3.77 4.12
O3 NAP H . 16.24 10.75 6.19
PN NAP H . 17.06 11.17 7.49
O1N NAP H . 16.50 12.48 8.02
O2N NAP H . 17.18 10.02 8.44
O5D NAP H . 18.53 11.47 6.94
C5D NAP H . 18.67 12.43 5.93
C4D NAP H . 20.03 13.08 5.98
O4D NAP H . 20.43 13.27 4.63
C3D NAP H . 19.97 14.47 6.59
O3D NAP H . 21.24 14.83 7.15
C2D NAP H . 19.60 15.35 5.41
O2D NAP H . 20.32 16.59 5.50
C1D NAP H . 20.02 14.56 4.18
N1N NAP H . 19.02 14.40 3.06
C2N NAP H . 19.52 14.41 1.81
C3N NAP H . 18.73 14.25 0.67
C7N NAP H . 19.41 14.30 -0.69
O7N NAP H . 20.37 15.05 -0.86
N7N NAP H . 18.99 13.51 -1.68
C4N NAP H . 17.23 14.06 0.80
C5N NAP H . 16.81 14.06 2.20
C6N NAP H . 17.70 14.21 3.27
P2B NAP H . 14.09 3.06 9.27
O1X NAP H . 15.19 3.69 10.08
O2X NAP H . 14.48 1.81 8.51
O3X NAP H . 12.78 2.98 10.00
C1 LJY I . -6.66 -38.83 -14.40
C2 LJY I . -6.75 -39.91 -12.16
C3 LJY I . -7.35 -40.96 -11.48
C4 LJY I . -7.42 -40.97 -10.09
C5 LJY I . -6.87 -39.92 -9.37
C6 LJY I . -6.26 -38.86 -10.04
CL LJY I . -13.25 -37.01 -8.64
C15 LJY I . -11.84 -37.16 -7.57
C14 LJY I . -11.96 -37.19 -6.18
C13 LJY I . -10.81 -37.31 -5.39
C16 LJY I . -10.60 -37.24 -8.17
C10 LJY I . -9.46 -37.36 -7.40
C11 LJY I . -9.56 -37.39 -6.00
N2 LJY I . -8.42 -37.50 -5.27
C12 LJY I . -7.20 -37.58 -5.88
O2 LJY I . -6.18 -37.70 -5.16
C9 LJY I . -8.23 -37.43 -8.03
C8 LJY I . -7.07 -37.55 -7.27
C7 LJY I . -5.68 -37.64 -7.88
N1 LJY I . -5.69 -37.73 -9.33
C17 LJY I . -6.20 -38.85 -11.44
O1 LJY I . -6.73 -39.98 -13.53
C18 LJY I . -7.86 -41.94 -12.12
N3 LJY I . -8.31 -42.82 -12.69
PA NAP J . 3.53 -47.39 1.46
O1A NAP J . 2.38 -46.43 1.58
O2A NAP J . 4.84 -46.91 0.90
O5B NAP J . 3.05 -48.62 0.58
C5B NAP J . 1.97 -49.44 1.00
C4B NAP J . 1.70 -50.36 -0.16
O4B NAP J . 1.48 -49.59 -1.34
C3B NAP J . 2.88 -51.28 -0.43
O3B NAP J . 2.73 -52.51 0.29
C2B NAP J . 2.88 -51.40 -1.94
O2B NAP J . 2.08 -52.50 -2.36
C1B NAP J . 2.24 -50.11 -2.44
N9A NAP J . 3.27 -49.14 -2.91
C8A NAP J . 3.60 -47.95 -2.35
N7A NAP J . 4.58 -47.32 -3.05
C5A NAP J . 4.89 -48.14 -4.08
C6A NAP J . 5.84 -48.09 -5.20
N6A NAP J . 6.65 -47.02 -5.30
N1A NAP J . 5.87 -49.14 -6.05
C2A NAP J . 5.05 -50.21 -5.92
N3A NAP J . 4.15 -50.30 -4.91
C4A NAP J . 4.03 -49.32 -3.98
O3 NAP J . 3.79 -48.20 2.83
PN NAP J . 3.10 -47.81 4.22
O1N NAP J . 1.96 -46.83 4.04
O2N NAP J . 2.84 -49.09 4.96
O5D NAP J . 4.33 -46.99 4.86
C5D NAP J . 4.72 -47.24 6.19
C4D NAP J . 5.48 -46.03 6.73
O4D NAP J . 5.62 -45.05 5.69
C3D NAP J . 4.76 -45.39 7.92
O3D NAP J . 5.51 -45.53 9.14
C2D NAP J . 4.57 -43.95 7.50
O2D NAP J . 5.01 -43.05 8.51
C1D NAP J . 5.41 -43.76 6.24
N1N NAP J . 4.79 -42.79 5.30
C2N NAP J . 5.46 -41.65 5.06
C3N NAP J . 5.00 -40.66 4.20
C7N NAP J . 5.88 -39.45 4.02
O7N NAP J . 6.37 -38.91 5.01
N7N NAP J . 6.14 -39.00 2.80
C4N NAP J . 3.68 -40.82 3.48
C5N NAP J . 3.03 -42.10 3.81
C6N NAP J . 3.59 -43.02 4.71
P2B NAP J . 2.67 -53.98 -2.56
O1X NAP J . 3.37 -53.96 -3.90
O2X NAP J . 1.44 -54.85 -2.52
O3X NAP J . 3.56 -54.14 -1.36
#